data_2MT3
#
_entry.id   2MT3
#
_entity_poly.entity_id   1
_entity_poly.type   'polypeptide(L)'
_entity_poly.pdbx_seq_one_letter_code
;EASSTAIRALVKKLIAAENPAKPLSDSKLTSLLSEQGIMVARRTVAKYRESLSIPPSNQRKQLVANSSSVDKLAAALEHH
HHHH
;
_entity_poly.pdbx_strand_id   A
#
# COMPACT_ATOMS: atom_id res chain seq x y z
N GLU A 1 5.07 -6.40 25.59
CA GLU A 1 6.15 -6.06 24.65
C GLU A 1 6.09 -6.97 23.42
N ALA A 2 5.54 -8.16 23.61
CA ALA A 2 5.41 -9.12 22.51
C ALA A 2 4.27 -8.75 21.57
N SER A 3 3.52 -7.71 21.94
CA SER A 3 2.40 -7.25 21.13
C SER A 3 2.88 -6.53 19.89
N SER A 4 4.13 -6.04 19.94
CA SER A 4 4.70 -5.33 18.80
C SER A 4 4.70 -6.20 17.55
N THR A 5 4.83 -7.51 17.74
CA THR A 5 4.83 -8.45 16.63
C THR A 5 3.42 -8.80 16.19
N ALA A 6 2.47 -8.65 17.11
CA ALA A 6 1.07 -8.95 16.83
C ALA A 6 0.49 -7.95 15.84
N ILE A 7 1.04 -6.74 15.84
CA ILE A 7 0.57 -5.69 14.95
C ILE A 7 1.11 -5.87 13.54
N ARG A 8 2.21 -6.62 13.43
CA ARG A 8 2.84 -6.87 12.14
C ARG A 8 1.83 -7.43 11.15
N ALA A 9 0.82 -8.12 11.66
CA ALA A 9 -0.22 -8.71 10.83
C ALA A 9 -1.39 -7.74 10.65
N LEU A 10 -1.54 -6.83 11.60
CA LEU A 10 -2.62 -5.85 11.54
C LEU A 10 -2.55 -5.03 10.25
N VAL A 11 -1.36 -4.52 9.96
CA VAL A 11 -1.15 -3.72 8.75
C VAL A 11 -1.46 -4.53 7.50
N LYS A 12 -1.48 -5.85 7.64
CA LYS A 12 -1.75 -6.74 6.51
C LYS A 12 -3.26 -6.83 6.25
N LYS A 13 -4.05 -6.66 7.31
CA LYS A 13 -5.50 -6.71 7.19
C LYS A 13 -6.02 -5.53 6.37
N LEU A 14 -5.35 -4.40 6.48
CA LEU A 14 -5.75 -3.20 5.75
C LEU A 14 -5.73 -3.45 4.24
N ILE A 15 -5.01 -4.48 3.83
CA ILE A 15 -4.91 -4.83 2.42
C ILE A 15 -5.44 -6.23 2.16
N ALA A 16 -5.67 -6.98 3.23
CA ALA A 16 -6.17 -8.34 3.13
C ALA A 16 -7.68 -8.35 2.90
N ALA A 17 -8.35 -7.30 3.36
CA ALA A 17 -9.80 -7.19 3.21
C ALA A 17 -10.16 -6.06 2.24
N GLU A 18 -9.38 -5.94 1.17
CA GLU A 18 -9.62 -4.91 0.16
C GLU A 18 -9.19 -5.39 -1.22
N ASN A 19 -9.28 -4.49 -2.20
CA ASN A 19 -8.91 -4.83 -3.57
C ASN A 19 -7.66 -4.05 -4.00
N PRO A 20 -6.51 -4.47 -3.48
CA PRO A 20 -5.22 -3.83 -3.80
C PRO A 20 -4.78 -4.10 -5.24
N ALA A 21 -5.58 -4.86 -5.96
CA ALA A 21 -5.28 -5.19 -7.35
C ALA A 21 -4.89 -3.94 -8.13
N LYS A 22 -5.85 -3.05 -8.33
CA LYS A 22 -5.61 -1.81 -9.06
C LYS A 22 -4.92 -0.77 -8.17
N PRO A 23 -5.61 -0.38 -7.09
CA PRO A 23 -5.09 0.61 -6.14
C PRO A 23 -3.93 0.06 -5.31
N LEU A 24 -3.35 0.92 -4.48
CA LEU A 24 -2.23 0.52 -3.63
C LEU A 24 -1.81 1.66 -2.71
N SER A 25 -2.77 2.51 -2.36
CA SER A 25 -2.49 3.65 -1.49
C SER A 25 -3.39 3.61 -0.25
N ASP A 26 -3.06 4.44 0.73
CA ASP A 26 -3.83 4.49 1.97
C ASP A 26 -5.23 5.06 1.70
N SER A 27 -5.87 5.56 2.76
CA SER A 27 -7.20 6.13 2.64
C SER A 27 -8.24 5.02 2.51
N LYS A 28 -8.17 4.27 1.43
CA LYS A 28 -9.11 3.17 1.19
C LYS A 28 -9.21 2.27 2.41
N LEU A 29 -8.08 1.73 2.85
CA LEU A 29 -8.05 0.85 4.00
C LEU A 29 -8.67 1.53 5.22
N THR A 30 -8.50 2.84 5.32
CA THR A 30 -9.04 3.61 6.43
C THR A 30 -10.53 3.86 6.24
N SER A 31 -11.00 3.71 5.00
CA SER A 31 -12.41 3.93 4.69
C SER A 31 -13.30 2.91 5.42
N LEU A 32 -12.99 1.64 5.22
CA LEU A 32 -13.75 0.56 5.86
C LEU A 32 -13.80 0.75 7.37
N LEU A 33 -12.76 1.37 7.92
CA LEU A 33 -12.68 1.61 9.35
C LEU A 33 -13.44 2.88 9.73
N SER A 34 -13.39 3.88 8.86
CA SER A 34 -14.07 5.15 9.11
C SER A 34 -15.58 5.00 8.93
N GLU A 35 -15.99 3.86 8.35
CA GLU A 35 -17.40 3.60 8.13
C GLU A 35 -18.18 3.68 9.43
N GLN A 36 -17.52 3.35 10.54
CA GLN A 36 -18.15 3.38 11.85
C GLN A 36 -17.70 4.60 12.64
N GLY A 37 -16.49 5.07 12.34
CA GLY A 37 -15.96 6.23 13.04
C GLY A 37 -14.48 6.08 13.37
N ILE A 38 -13.94 4.90 13.11
CA ILE A 38 -12.53 4.64 13.38
C ILE A 38 -11.63 5.50 12.50
N MET A 39 -10.42 5.76 12.98
CA MET A 39 -9.47 6.57 12.26
C MET A 39 -8.06 6.42 12.82
N VAL A 40 -7.44 5.27 12.57
CA VAL A 40 -6.10 4.98 13.06
C VAL A 40 -5.17 4.57 11.93
N ALA A 41 -5.69 3.73 11.03
CA ALA A 41 -4.91 3.25 9.89
C ALA A 41 -4.24 4.42 9.17
N ARG A 42 -4.85 5.59 9.24
CA ARG A 42 -4.31 6.78 8.59
C ARG A 42 -2.83 6.98 8.96
N ARG A 43 -2.58 7.25 10.23
CA ARG A 43 -1.22 7.45 10.70
C ARG A 43 -0.56 6.12 11.06
N THR A 44 -1.35 5.18 11.53
CA THR A 44 -0.85 3.86 11.90
C THR A 44 -0.17 3.18 10.72
N VAL A 45 -0.94 2.93 9.67
CA VAL A 45 -0.40 2.28 8.47
C VAL A 45 0.88 2.96 8.00
N ALA A 46 0.87 4.29 7.99
CA ALA A 46 2.03 5.06 7.57
C ALA A 46 3.20 4.87 8.52
N LYS A 47 2.90 4.82 9.81
CA LYS A 47 3.93 4.64 10.83
C LYS A 47 4.62 3.29 10.66
N TYR A 48 3.84 2.25 10.42
CA TYR A 48 4.38 0.90 10.24
C TYR A 48 4.98 0.74 8.84
N ARG A 49 4.47 1.52 7.88
CA ARG A 49 4.95 1.46 6.52
C ARG A 49 6.47 1.61 6.47
N GLU A 50 6.98 2.65 7.13
CA GLU A 50 8.41 2.90 7.16
C GLU A 50 9.15 1.76 7.86
N SER A 51 8.43 1.03 8.71
CA SER A 51 9.03 -0.08 9.44
C SER A 51 9.13 -1.32 8.56
N LEU A 52 7.99 -1.76 8.02
CA LEU A 52 7.96 -2.93 7.16
C LEU A 52 8.88 -2.76 5.96
N SER A 53 8.75 -1.63 5.27
CA SER A 53 9.57 -1.34 4.10
C SER A 53 9.55 -2.50 3.12
N ILE A 54 8.48 -2.59 2.33
CA ILE A 54 8.33 -3.65 1.36
C ILE A 54 9.37 -3.52 0.24
N PRO A 55 9.85 -4.68 -0.25
CA PRO A 55 10.85 -4.72 -1.32
C PRO A 55 10.29 -4.25 -2.66
N PRO A 56 11.19 -4.01 -3.63
CA PRO A 56 10.80 -3.57 -4.97
C PRO A 56 10.09 -4.66 -5.77
N SER A 57 9.56 -4.29 -6.92
CA SER A 57 8.84 -5.23 -7.77
C SER A 57 7.59 -5.76 -7.08
N ASN A 58 7.19 -5.08 -6.00
CA ASN A 58 6.00 -5.48 -5.25
C ASN A 58 4.99 -4.34 -5.18
N GLN A 59 5.04 -3.46 -6.17
CA GLN A 59 4.12 -2.32 -6.23
C GLN A 59 2.79 -2.73 -6.87
N ARG A 60 2.82 -3.82 -7.62
CA ARG A 60 1.61 -4.31 -8.29
C ARG A 60 1.05 -3.24 -9.23
N LYS A 61 1.92 -2.66 -10.04
CA LYS A 61 1.50 -1.63 -10.98
C LYS A 61 2.43 -1.61 -12.21
N GLN A 62 2.05 -2.34 -13.25
CA GLN A 62 2.84 -2.40 -14.46
C GLN A 62 3.14 -1.00 -14.99
N LEU A 63 2.13 -0.36 -15.57
CA LEU A 63 2.28 0.99 -16.11
C LEU A 63 0.94 1.69 -16.21
N VAL A 64 0.16 1.63 -15.13
CA VAL A 64 -1.15 2.27 -15.11
C VAL A 64 -1.42 2.92 -13.75
N ALA A 65 -2.09 4.06 -13.76
CA ALA A 65 -2.41 4.77 -12.53
C ALA A 65 -3.39 5.92 -12.81
N ASN A 66 -4.66 5.70 -12.51
CA ASN A 66 -5.69 6.71 -12.72
C ASN A 66 -6.15 7.30 -11.39
N SER A 67 -6.41 6.43 -10.42
CA SER A 67 -6.86 6.87 -9.10
C SER A 67 -5.83 7.79 -8.46
N SER A 68 -4.59 7.70 -8.92
CA SER A 68 -3.51 8.53 -8.39
C SER A 68 -3.49 9.89 -9.05
N SER A 69 -4.17 10.01 -10.20
CA SER A 69 -4.23 11.26 -10.94
C SER A 69 -5.53 12.00 -10.64
N VAL A 70 -6.57 11.25 -10.30
CA VAL A 70 -7.86 11.84 -9.98
C VAL A 70 -7.75 12.84 -8.85
N ASP A 71 -6.71 12.69 -8.03
CA ASP A 71 -6.49 13.59 -6.90
C ASP A 71 -7.74 13.68 -6.03
N LYS A 72 -8.17 12.55 -5.50
CA LYS A 72 -9.36 12.50 -4.65
C LYS A 72 -9.10 13.21 -3.33
N LEU A 73 -9.59 14.45 -3.23
CA LEU A 73 -9.42 15.23 -2.01
C LEU A 73 -10.77 15.67 -1.44
N ALA A 74 -11.82 14.95 -1.81
CA ALA A 74 -13.16 15.26 -1.34
C ALA A 74 -13.30 14.95 0.15
N ALA A 75 -12.44 14.08 0.65
CA ALA A 75 -12.47 13.70 2.06
C ALA A 75 -12.20 14.90 2.96
N ALA A 76 -11.13 15.64 2.65
CA ALA A 76 -10.77 16.83 3.43
C ALA A 76 -11.88 17.86 3.40
N LEU A 77 -12.61 17.92 2.30
CA LEU A 77 -13.71 18.87 2.14
C LEU A 77 -14.76 18.67 3.23
N GLU A 78 -14.85 17.45 3.75
CA GLU A 78 -15.81 17.13 4.80
C GLU A 78 -15.14 17.09 6.16
N HIS A 79 -14.02 17.80 6.28
CA HIS A 79 -13.27 17.84 7.54
C HIS A 79 -13.78 18.97 8.43
N HIS A 80 -14.39 18.60 9.55
CA HIS A 80 -14.92 19.58 10.49
C HIS A 80 -15.37 18.91 11.79
N HIS A 81 -14.60 17.90 12.21
CA HIS A 81 -14.91 17.17 13.44
C HIS A 81 -14.91 18.11 14.64
N HIS A 82 -15.49 17.65 15.74
CA HIS A 82 -15.56 18.45 16.96
C HIS A 82 -15.98 17.59 18.15
N HIS A 83 -15.13 17.53 19.17
CA HIS A 83 -15.43 16.75 20.36
C HIS A 83 -16.22 17.57 21.37
N HIS A 84 -17.05 16.91 22.16
CA HIS A 84 -17.86 17.57 23.17
C HIS A 84 -18.75 18.64 22.54
N GLU A 1 5.74 -4.92 24.76
CA GLU A 1 6.94 -5.51 24.16
C GLU A 1 6.57 -6.57 23.12
N ALA A 2 5.87 -7.60 23.56
CA ALA A 2 5.45 -8.67 22.67
C ALA A 2 4.26 -8.25 21.82
N SER A 3 3.74 -7.06 22.09
CA SER A 3 2.60 -6.53 21.35
C SER A 3 3.03 -5.92 20.02
N SER A 4 4.31 -5.55 19.95
CA SER A 4 4.86 -4.96 18.73
C SER A 4 4.68 -5.89 17.54
N THR A 5 4.80 -7.18 17.79
CA THR A 5 4.65 -8.18 16.74
C THR A 5 3.18 -8.44 16.42
N ALA A 6 2.33 -8.24 17.42
CA ALA A 6 0.89 -8.44 17.25
C ALA A 6 0.34 -7.54 16.15
N ILE A 7 0.94 -6.37 15.99
CA ILE A 7 0.50 -5.40 14.99
C ILE A 7 1.03 -5.78 13.61
N ARG A 8 2.04 -6.65 13.59
CA ARG A 8 2.64 -7.10 12.34
C ARG A 8 1.59 -7.69 11.41
N ALA A 9 0.51 -8.19 12.00
CA ALA A 9 -0.58 -8.79 11.22
C ALA A 9 -1.66 -7.76 10.91
N LEU A 10 -1.76 -6.74 11.75
CA LEU A 10 -2.75 -5.68 11.57
C LEU A 10 -2.65 -5.07 10.18
N VAL A 11 -1.44 -4.67 9.80
CA VAL A 11 -1.21 -4.08 8.48
C VAL A 11 -1.67 -5.01 7.36
N LYS A 12 -1.76 -6.30 7.68
CA LYS A 12 -2.18 -7.29 6.70
C LYS A 12 -3.69 -7.32 6.57
N LYS A 13 -4.38 -6.96 7.65
CA LYS A 13 -5.84 -6.94 7.66
C LYS A 13 -6.37 -5.94 6.64
N LEU A 14 -5.63 -4.85 6.44
CA LEU A 14 -6.03 -3.81 5.50
C LEU A 14 -5.77 -4.27 4.06
N ILE A 15 -4.50 -4.53 3.75
CA ILE A 15 -4.12 -4.97 2.42
C ILE A 15 -4.81 -6.29 2.05
N ALA A 16 -5.28 -6.99 3.07
CA ALA A 16 -5.96 -8.26 2.86
C ALA A 16 -7.07 -8.13 1.82
N ALA A 17 -7.66 -6.95 1.74
CA ALA A 17 -8.73 -6.68 0.79
C ALA A 17 -8.74 -5.22 0.36
N GLU A 18 -7.69 -4.81 -0.35
CA GLU A 18 -7.58 -3.43 -0.82
C GLU A 18 -6.98 -3.39 -2.22
N ASN A 19 -7.38 -2.38 -2.99
CA ASN A 19 -6.88 -2.21 -4.36
C ASN A 19 -6.13 -0.90 -4.50
N PRO A 20 -4.97 -0.80 -3.84
CA PRO A 20 -4.14 0.41 -3.87
C PRO A 20 -3.47 0.60 -5.23
N ALA A 21 -3.73 -0.32 -6.15
CA ALA A 21 -3.15 -0.26 -7.49
C ALA A 21 -3.36 1.12 -8.11
N LYS A 22 -4.62 1.45 -8.41
CA LYS A 22 -4.96 2.73 -9.00
C LYS A 22 -4.93 3.84 -7.95
N PRO A 23 -5.79 3.72 -6.93
CA PRO A 23 -5.87 4.69 -5.84
C PRO A 23 -4.64 4.68 -4.94
N LEU A 24 -4.61 5.57 -3.96
CA LEU A 24 -3.49 5.64 -3.02
C LEU A 24 -3.78 4.84 -1.76
N SER A 25 -2.96 3.83 -1.52
CA SER A 25 -3.12 2.97 -0.35
C SER A 25 -3.21 3.81 0.92
N ASP A 26 -3.61 3.17 2.01
CA ASP A 26 -3.73 3.85 3.30
C ASP A 26 -4.83 4.91 3.24
N SER A 27 -5.65 4.85 2.19
CA SER A 27 -6.74 5.81 2.02
C SER A 27 -8.09 5.09 1.95
N LYS A 28 -8.07 3.85 1.47
CA LYS A 28 -9.28 3.06 1.35
C LYS A 28 -9.54 2.26 2.61
N LEU A 29 -8.52 1.53 3.06
CA LEU A 29 -8.64 0.72 4.27
C LEU A 29 -9.16 1.55 5.44
N THR A 30 -8.66 2.78 5.56
CA THR A 30 -9.08 3.68 6.63
C THR A 30 -10.55 4.08 6.47
N SER A 31 -11.02 4.07 5.23
CA SER A 31 -12.41 4.43 4.95
C SER A 31 -13.37 3.45 5.59
N LEU A 32 -13.19 2.16 5.29
CA LEU A 32 -14.04 1.11 5.85
C LEU A 32 -14.05 1.17 7.37
N LEU A 33 -12.93 1.60 7.95
CA LEU A 33 -12.80 1.70 9.40
C LEU A 33 -13.49 2.97 9.92
N SER A 34 -13.32 4.07 9.20
CA SER A 34 -13.92 5.34 9.58
C SER A 34 -15.42 5.33 9.34
N GLU A 35 -15.89 4.33 8.60
CA GLU A 35 -17.31 4.20 8.30
C GLU A 35 -18.14 4.15 9.58
N GLN A 36 -17.50 3.74 10.67
CA GLN A 36 -18.18 3.63 11.95
C GLN A 36 -17.65 4.67 12.93
N GLY A 37 -16.34 4.92 12.86
CA GLY A 37 -15.72 5.88 13.76
C GLY A 37 -14.24 5.63 13.95
N ILE A 38 -13.81 4.41 13.64
CA ILE A 38 -12.41 4.04 13.79
C ILE A 38 -11.50 5.00 13.04
N MET A 39 -10.29 5.18 13.53
CA MET A 39 -9.32 6.07 12.89
C MET A 39 -7.92 5.83 13.44
N VAL A 40 -7.30 4.73 13.02
CA VAL A 40 -5.95 4.39 13.46
C VAL A 40 -5.04 4.11 12.28
N ALA A 41 -5.55 3.37 11.30
CA ALA A 41 -4.78 3.03 10.11
C ALA A 41 -4.13 4.27 9.50
N ARG A 42 -4.76 5.43 9.71
CA ARG A 42 -4.25 6.69 9.19
C ARG A 42 -2.78 6.86 9.54
N ARG A 43 -2.50 7.01 10.83
CA ARG A 43 -1.14 7.19 11.31
C ARG A 43 -0.46 5.84 11.53
N THR A 44 -1.25 4.81 11.78
CA THR A 44 -0.73 3.47 12.01
C THR A 44 -0.10 2.90 10.75
N VAL A 45 -0.89 2.75 9.71
CA VAL A 45 -0.42 2.21 8.44
C VAL A 45 0.85 2.96 7.98
N ALA A 46 0.80 4.28 8.05
CA ALA A 46 1.94 5.10 7.64
C ALA A 46 3.13 4.87 8.56
N LYS A 47 2.85 4.56 9.82
CA LYS A 47 3.90 4.31 10.81
C LYS A 47 4.73 3.09 10.42
N TYR A 48 4.05 1.98 10.14
CA TYR A 48 4.73 0.75 9.76
C TYR A 48 5.14 0.78 8.30
N ARG A 49 4.45 1.61 7.51
CA ARG A 49 4.75 1.73 6.08
C ARG A 49 6.24 2.00 5.86
N GLU A 50 6.80 2.88 6.68
CA GLU A 50 8.22 3.21 6.57
C GLU A 50 9.09 1.96 6.55
N SER A 51 8.66 0.95 7.31
CA SER A 51 9.39 -0.31 7.39
C SER A 51 8.48 -1.45 7.83
N LEU A 52 7.66 -1.94 6.91
CA LEU A 52 6.73 -3.03 7.22
C LEU A 52 7.34 -4.38 6.86
N SER A 53 8.59 -4.36 6.39
CA SER A 53 9.29 -5.58 6.01
C SER A 53 8.81 -6.07 4.65
N ILE A 54 7.49 -6.14 4.48
CA ILE A 54 6.91 -6.60 3.22
C ILE A 54 7.46 -5.81 2.04
N PRO A 55 7.70 -6.51 0.93
CA PRO A 55 8.23 -5.90 -0.30
C PRO A 55 7.21 -4.99 -0.98
N PRO A 56 7.68 -4.18 -1.94
CA PRO A 56 6.83 -3.26 -2.69
C PRO A 56 5.86 -3.98 -3.62
N SER A 57 4.92 -3.23 -4.19
CA SER A 57 3.94 -3.80 -5.10
C SER A 57 3.31 -2.71 -5.97
N ASN A 58 4.14 -2.02 -6.74
CA ASN A 58 3.67 -0.96 -7.62
C ASN A 58 2.54 -1.46 -8.51
N GLN A 59 2.68 -2.69 -8.99
CA GLN A 59 1.67 -3.29 -9.87
C GLN A 59 0.80 -4.28 -9.10
N ARG A 60 1.45 -5.13 -8.31
CA ARG A 60 0.72 -6.13 -7.53
C ARG A 60 0.08 -7.17 -8.43
N LYS A 61 0.43 -7.14 -9.71
CA LYS A 61 -0.11 -8.07 -10.69
C LYS A 61 1.01 -8.83 -11.40
N GLN A 62 1.20 -10.09 -11.00
CA GLN A 62 2.24 -10.92 -11.59
C GLN A 62 3.62 -10.35 -11.31
N LEU A 63 4.64 -11.21 -11.40
CA LEU A 63 6.01 -10.79 -11.16
C LEU A 63 6.72 -10.47 -12.46
N VAL A 64 6.66 -9.21 -12.88
CA VAL A 64 7.31 -8.79 -14.11
C VAL A 64 7.79 -7.34 -14.01
N ALA A 65 8.56 -6.91 -14.99
CA ALA A 65 9.09 -5.54 -15.02
C ALA A 65 8.64 -4.80 -16.26
N ASN A 66 7.33 -4.82 -16.52
CA ASN A 66 6.77 -4.15 -17.69
C ASN A 66 6.01 -2.89 -17.28
N SER A 67 5.43 -2.93 -16.09
CA SER A 67 4.66 -1.79 -15.58
C SER A 67 5.55 -0.55 -15.47
N SER A 68 6.84 -0.78 -15.24
CA SER A 68 7.79 0.32 -15.10
C SER A 68 7.73 1.25 -16.31
N SER A 69 7.35 0.69 -17.46
CA SER A 69 7.25 1.47 -18.69
C SER A 69 6.20 0.87 -19.63
N VAL A 70 5.04 0.54 -19.07
CA VAL A 70 3.95 -0.03 -19.85
C VAL A 70 3.22 1.04 -20.64
N ASP A 71 2.95 0.75 -21.91
CA ASP A 71 2.24 1.68 -22.78
C ASP A 71 3.00 3.01 -22.87
N LYS A 72 4.33 2.93 -22.76
CA LYS A 72 5.16 4.12 -22.84
C LYS A 72 5.82 4.23 -24.21
N LEU A 73 5.20 4.98 -25.10
CA LEU A 73 5.73 5.17 -26.45
C LEU A 73 6.05 6.63 -26.70
N ALA A 74 6.27 7.38 -25.63
CA ALA A 74 6.59 8.80 -25.74
C ALA A 74 7.92 9.00 -26.44
N ALA A 75 8.76 7.96 -26.44
CA ALA A 75 10.06 8.02 -27.08
C ALA A 75 9.93 8.33 -28.57
N ALA A 76 8.87 7.82 -29.18
CA ALA A 76 8.63 8.04 -30.59
C ALA A 76 8.69 9.51 -30.95
N LEU A 77 8.22 10.35 -30.03
CA LEU A 77 8.22 11.80 -30.24
C LEU A 77 9.64 12.33 -30.37
N GLU A 78 10.56 11.73 -29.62
CA GLU A 78 11.96 12.15 -29.65
C GLU A 78 12.61 11.74 -30.97
N HIS A 79 12.19 10.60 -31.50
CA HIS A 79 12.74 10.09 -32.77
C HIS A 79 14.16 9.58 -32.56
N HIS A 80 15.09 10.50 -32.32
CA HIS A 80 16.49 10.14 -32.12
C HIS A 80 17.06 9.44 -33.35
N HIS A 81 18.32 9.04 -33.26
CA HIS A 81 18.97 8.35 -34.37
C HIS A 81 18.95 9.22 -35.63
N HIS A 82 19.86 10.19 -35.72
CA HIS A 82 19.93 11.08 -36.87
C HIS A 82 21.37 11.45 -37.17
N HIS A 83 21.73 11.41 -38.45
CA HIS A 83 23.08 11.74 -38.88
C HIS A 83 23.17 13.19 -39.33
N HIS A 84 24.33 13.56 -39.87
CA HIS A 84 24.55 14.94 -40.34
C HIS A 84 23.82 15.17 -41.66
N GLU A 1 9.66 -6.83 22.90
CA GLU A 1 8.69 -7.86 23.26
C GLU A 1 8.20 -8.61 22.03
N ALA A 2 7.70 -9.83 22.24
CA ALA A 2 7.20 -10.65 21.15
C ALA A 2 5.81 -10.16 20.71
N SER A 3 5.27 -9.20 21.44
CA SER A 3 3.95 -8.65 21.12
C SER A 3 4.05 -7.57 20.05
N SER A 4 5.24 -6.98 19.93
CA SER A 4 5.46 -5.93 18.94
C SER A 4 5.37 -6.48 17.53
N THR A 5 5.64 -7.77 17.38
CA THR A 5 5.59 -8.43 16.07
C THR A 5 4.17 -8.86 15.72
N ALA A 6 3.33 -8.97 16.75
CA ALA A 6 1.94 -9.37 16.54
C ALA A 6 1.21 -8.41 15.62
N ILE A 7 1.57 -7.13 15.72
CA ILE A 7 0.94 -6.10 14.89
C ILE A 7 1.51 -6.14 13.47
N ARG A 8 2.69 -6.71 13.32
CA ARG A 8 3.34 -6.81 12.01
C ARG A 8 2.37 -7.41 10.98
N ALA A 9 1.51 -8.30 11.44
CA ALA A 9 0.54 -8.95 10.55
C ALA A 9 -0.74 -8.14 10.47
N LEU A 10 -1.02 -7.35 11.50
CA LEU A 10 -2.23 -6.53 11.54
C LEU A 10 -2.27 -5.57 10.35
N VAL A 11 -1.17 -4.89 10.11
CA VAL A 11 -1.07 -3.95 8.99
C VAL A 11 -1.30 -4.65 7.66
N LYS A 12 -1.14 -5.97 7.66
CA LYS A 12 -1.32 -6.76 6.45
C LYS A 12 -2.80 -7.03 6.20
N LYS A 13 -3.58 -7.10 7.27
CA LYS A 13 -5.01 -7.35 7.17
C LYS A 13 -5.71 -6.19 6.47
N LEU A 14 -5.19 -4.98 6.65
CA LEU A 14 -5.76 -3.79 6.04
C LEU A 14 -5.82 -3.93 4.53
N ILE A 15 -4.99 -4.81 3.98
CA ILE A 15 -4.95 -5.06 2.55
C ILE A 15 -5.33 -6.50 2.22
N ALA A 16 -5.23 -7.37 3.21
CA ALA A 16 -5.56 -8.78 3.02
C ALA A 16 -7.05 -8.95 2.73
N ALA A 17 -7.88 -8.17 3.41
CA ALA A 17 -9.32 -8.24 3.23
C ALA A 17 -9.84 -6.98 2.52
N GLU A 18 -9.16 -6.58 1.46
CA GLU A 18 -9.55 -5.40 0.70
C GLU A 18 -9.20 -5.57 -0.77
N ASN A 19 -9.44 -4.51 -1.55
CA ASN A 19 -9.15 -4.54 -2.98
C ASN A 19 -8.01 -3.58 -3.32
N PRO A 20 -6.78 -4.02 -3.03
CA PRO A 20 -5.58 -3.22 -3.31
C PRO A 20 -5.29 -3.09 -4.80
N ALA A 21 -6.15 -3.69 -5.62
CA ALA A 21 -5.99 -3.65 -7.06
C ALA A 21 -5.85 -2.21 -7.55
N LYS A 22 -6.93 -1.43 -7.43
CA LYS A 22 -6.93 -0.04 -7.85
C LYS A 22 -6.12 0.82 -6.89
N PRO A 23 -6.56 0.86 -5.62
CA PRO A 23 -5.88 1.64 -4.58
C PRO A 23 -4.53 1.05 -4.20
N LEU A 24 -3.82 1.74 -3.30
CA LEU A 24 -2.51 1.27 -2.85
C LEU A 24 -2.14 1.92 -1.52
N SER A 25 -2.48 3.21 -1.37
CA SER A 25 -2.17 3.95 -0.16
C SER A 25 -3.16 3.60 0.94
N ASP A 26 -2.84 4.01 2.17
CA ASP A 26 -3.70 3.75 3.32
C ASP A 26 -4.93 4.65 3.29
N SER A 27 -5.86 4.36 2.38
CA SER A 27 -7.08 5.14 2.25
C SER A 27 -8.31 4.24 2.18
N LYS A 28 -8.16 3.12 1.48
CA LYS A 28 -9.26 2.16 1.33
C LYS A 28 -9.45 1.36 2.61
N LEU A 29 -8.38 1.23 3.39
CA LEU A 29 -8.44 0.48 4.65
C LEU A 29 -8.86 1.40 5.80
N THR A 30 -8.90 2.69 5.54
CA THR A 30 -9.28 3.67 6.56
C THR A 30 -10.50 4.46 6.12
N SER A 31 -10.99 4.19 4.92
CA SER A 31 -12.15 4.88 4.38
C SER A 31 -13.40 4.53 5.18
N LEU A 32 -13.68 3.24 5.31
CA LEU A 32 -14.84 2.78 6.05
C LEU A 32 -14.87 3.37 7.45
N LEU A 33 -13.69 3.66 7.99
CA LEU A 33 -13.58 4.23 9.33
C LEU A 33 -13.89 5.73 9.30
N SER A 34 -13.49 6.39 8.23
CA SER A 34 -13.73 7.82 8.07
C SER A 34 -15.18 8.10 7.72
N GLU A 35 -15.90 7.06 7.33
CA GLU A 35 -17.30 7.18 6.97
C GLU A 35 -18.11 7.78 8.11
N GLN A 36 -17.60 7.63 9.33
CA GLN A 36 -18.28 8.15 10.51
C GLN A 36 -17.49 9.31 11.11
N GLY A 37 -16.16 9.20 11.08
CA GLY A 37 -15.32 10.25 11.64
C GLY A 37 -13.96 9.73 12.07
N ILE A 38 -13.85 8.42 12.22
CA ILE A 38 -12.61 7.80 12.63
C ILE A 38 -11.49 8.12 11.65
N MET A 39 -10.25 8.11 12.15
CA MET A 39 -9.09 8.41 11.30
C MET A 39 -7.82 7.86 11.93
N VAL A 40 -7.65 6.53 11.88
CA VAL A 40 -6.47 5.89 12.45
C VAL A 40 -5.82 4.95 11.43
N ALA A 41 -6.64 4.19 10.73
CA ALA A 41 -6.15 3.26 9.73
C ALA A 41 -5.33 3.98 8.66
N ARG A 42 -5.51 5.29 8.58
CA ARG A 42 -4.79 6.10 7.59
C ARG A 42 -3.40 6.47 8.11
N ARG A 43 -3.35 6.99 9.33
CA ARG A 43 -2.08 7.38 9.94
C ARG A 43 -1.39 6.19 10.57
N THR A 44 -2.08 5.51 11.48
CA THR A 44 -1.52 4.34 12.16
C THR A 44 -0.81 3.43 11.17
N VAL A 45 -1.54 2.97 10.15
CA VAL A 45 -0.97 2.09 9.14
C VAL A 45 0.28 2.69 8.53
N ALA A 46 0.26 4.00 8.30
CA ALA A 46 1.39 4.70 7.72
C ALA A 46 2.53 4.83 8.72
N LYS A 47 2.21 4.67 9.99
CA LYS A 47 3.21 4.77 11.06
C LYS A 47 4.02 3.47 11.16
N TYR A 48 3.38 2.35 10.84
CA TYR A 48 4.04 1.05 10.90
C TYR A 48 4.87 0.81 9.65
N ARG A 49 4.41 1.35 8.53
CA ARG A 49 5.11 1.19 7.26
C ARG A 49 6.53 1.75 7.35
N GLU A 50 6.75 2.63 8.32
CA GLU A 50 8.06 3.23 8.50
C GLU A 50 9.01 2.29 9.23
N SER A 51 8.44 1.45 10.10
CA SER A 51 9.22 0.49 10.86
C SER A 51 9.61 -0.70 10.01
N LEU A 52 8.61 -1.42 9.51
CA LEU A 52 8.85 -2.58 8.66
C LEU A 52 9.70 -2.22 7.46
N SER A 53 9.35 -1.13 6.80
CA SER A 53 10.08 -0.67 5.62
C SER A 53 10.11 -1.76 4.55
N ILE A 54 9.02 -1.90 3.82
CA ILE A 54 8.91 -2.90 2.77
C ILE A 54 9.86 -2.57 1.61
N PRO A 55 10.42 -3.62 0.99
CA PRO A 55 11.35 -3.47 -0.14
C PRO A 55 10.65 -2.98 -1.39
N PRO A 56 11.45 -2.57 -2.39
CA PRO A 56 10.93 -2.07 -3.67
C PRO A 56 10.29 -3.18 -4.51
N SER A 57 9.63 -2.79 -5.59
CA SER A 57 8.97 -3.75 -6.47
C SER A 57 7.84 -4.46 -5.74
N ASN A 58 7.44 -3.92 -4.59
CA ASN A 58 6.36 -4.51 -3.81
C ASN A 58 5.72 -3.46 -2.91
N GLN A 59 5.85 -2.20 -3.28
CA GLN A 59 5.28 -1.10 -2.51
C GLN A 59 3.99 -0.59 -3.16
N ARG A 60 3.87 -0.82 -4.46
CA ARG A 60 2.69 -0.39 -5.20
C ARG A 60 2.53 1.14 -5.10
N LYS A 61 3.65 1.84 -5.06
CA LYS A 61 3.63 3.29 -4.98
C LYS A 61 4.78 3.90 -5.79
N GLN A 62 4.68 3.81 -7.10
CA GLN A 62 5.70 4.35 -7.99
C GLN A 62 5.45 5.83 -8.27
N LEU A 63 4.18 6.21 -8.37
CA LEU A 63 3.81 7.59 -8.63
C LEU A 63 4.18 8.49 -7.47
N VAL A 64 4.87 9.58 -7.76
CA VAL A 64 5.29 10.53 -6.73
C VAL A 64 4.69 11.91 -6.99
N ALA A 65 4.44 12.65 -5.92
CA ALA A 65 3.87 13.98 -6.01
C ALA A 65 3.78 14.65 -4.65
N ASN A 66 4.18 15.91 -4.59
CA ASN A 66 4.14 16.66 -3.33
C ASN A 66 3.05 17.74 -3.37
N SER A 67 2.88 18.35 -4.54
CA SER A 67 1.89 19.40 -4.71
C SER A 67 0.49 18.90 -4.34
N SER A 68 0.28 17.59 -4.51
CA SER A 68 -1.01 16.98 -4.19
C SER A 68 -1.37 17.20 -2.72
N SER A 69 -0.34 17.34 -1.89
CA SER A 69 -0.56 17.55 -0.45
C SER A 69 0.57 18.40 0.14
N VAL A 70 0.86 19.52 -0.53
CA VAL A 70 1.91 20.42 -0.07
C VAL A 70 1.34 21.53 0.80
N ASP A 71 2.02 21.82 1.90
CA ASP A 71 1.58 22.87 2.82
C ASP A 71 0.14 22.63 3.26
N LYS A 72 -0.11 21.50 3.90
CA LYS A 72 -1.44 21.15 4.36
C LYS A 72 -2.02 22.26 5.24
N LEU A 73 -3.26 22.63 4.96
CA LEU A 73 -3.93 23.69 5.73
C LEU A 73 -4.84 23.10 6.79
N ALA A 74 -4.56 21.85 7.18
CA ALA A 74 -5.35 21.18 8.19
C ALA A 74 -5.14 21.80 9.57
N ALA A 75 -4.01 22.48 9.73
CA ALA A 75 -3.68 23.14 10.99
C ALA A 75 -4.60 24.33 11.25
N ALA A 76 -5.12 24.91 10.18
CA ALA A 76 -6.01 26.06 10.29
C ALA A 76 -7.26 25.71 11.09
N LEU A 77 -7.85 24.57 10.79
CA LEU A 77 -9.05 24.11 11.49
C LEU A 77 -8.70 23.48 12.83
N GLU A 78 -7.50 22.91 12.91
CA GLU A 78 -7.05 22.26 14.14
C GLU A 78 -6.17 23.21 14.95
N HIS A 79 -6.36 24.51 14.74
CA HIS A 79 -5.59 25.52 15.46
C HIS A 79 -5.71 25.34 16.96
N HIS A 80 -4.71 25.81 17.70
CA HIS A 80 -4.71 25.70 19.15
C HIS A 80 -4.73 24.23 19.59
N HIS A 81 -4.66 24.00 20.90
CA HIS A 81 -4.67 22.65 21.43
C HIS A 81 -4.82 22.68 22.95
N HIS A 82 -4.86 21.49 23.55
CA HIS A 82 -5.00 21.37 25.00
C HIS A 82 -3.65 21.31 25.68
N HIS A 83 -3.66 21.26 27.02
CA HIS A 83 -2.43 21.20 27.79
C HIS A 83 -2.46 20.03 28.78
N HIS A 84 -1.39 19.87 29.54
CA HIS A 84 -1.30 18.79 30.52
C HIS A 84 -2.28 19.03 31.67
N GLU A 1 7.09 -7.68 25.45
CA GLU A 1 7.01 -6.80 24.30
C GLU A 1 6.84 -7.62 23.01
N ALA A 2 6.28 -8.82 23.15
CA ALA A 2 6.07 -9.69 22.00
C ALA A 2 4.88 -9.23 21.17
N SER A 3 4.18 -8.22 21.66
CA SER A 3 3.01 -7.68 20.97
C SER A 3 3.43 -6.71 19.87
N SER A 4 4.64 -6.15 20.02
CA SER A 4 5.16 -5.20 19.04
C SER A 4 5.20 -5.82 17.64
N THR A 5 5.45 -7.12 17.59
CA THR A 5 5.52 -7.84 16.32
C THR A 5 4.14 -8.31 15.88
N ALA A 6 3.24 -8.49 16.84
CA ALA A 6 1.89 -8.94 16.54
C ALA A 6 1.21 -7.99 15.56
N ILE A 7 1.60 -6.72 15.59
CA ILE A 7 1.02 -5.73 14.70
C ILE A 7 1.49 -5.93 13.27
N ARG A 8 2.61 -6.63 13.11
CA ARG A 8 3.17 -6.89 11.79
C ARG A 8 2.12 -7.50 10.87
N ALA A 9 1.18 -8.24 11.46
CA ALA A 9 0.11 -8.88 10.70
C ALA A 9 -1.11 -7.97 10.59
N LEU A 10 -1.25 -7.07 11.55
CA LEU A 10 -2.38 -6.14 11.57
C LEU A 10 -2.43 -5.33 10.29
N VAL A 11 -1.29 -4.77 9.90
CA VAL A 11 -1.21 -3.97 8.68
C VAL A 11 -1.57 -4.79 7.45
N LYS A 12 -1.52 -6.11 7.59
CA LYS A 12 -1.85 -7.01 6.50
C LYS A 12 -3.37 -7.16 6.35
N LYS A 13 -4.07 -7.07 7.46
CA LYS A 13 -5.53 -7.19 7.47
C LYS A 13 -6.16 -6.06 6.67
N LEU A 14 -5.56 -4.88 6.72
CA LEU A 14 -6.07 -3.72 6.00
C LEU A 14 -6.07 -3.97 4.49
N ILE A 15 -5.18 -4.86 4.05
CA ILE A 15 -5.06 -5.18 2.64
C ILE A 15 -5.74 -6.51 2.33
N ALA A 16 -5.86 -7.36 3.34
CA ALA A 16 -6.49 -8.66 3.19
C ALA A 16 -7.94 -8.52 2.74
N ALA A 17 -8.64 -7.56 3.32
CA ALA A 17 -10.04 -7.32 2.99
C ALA A 17 -10.16 -6.56 1.67
N GLU A 18 -9.11 -5.83 1.30
CA GLU A 18 -9.10 -5.06 0.07
C GLU A 18 -8.29 -5.77 -1.01
N ASN A 19 -8.15 -5.12 -2.16
CA ASN A 19 -7.41 -5.70 -3.28
C ASN A 19 -6.95 -4.61 -4.23
N PRO A 20 -5.87 -3.90 -3.85
CA PRO A 20 -5.31 -2.82 -4.66
C PRO A 20 -4.63 -3.34 -5.94
N ALA A 21 -3.74 -4.32 -5.76
CA ALA A 21 -3.03 -4.90 -6.89
C ALA A 21 -1.97 -3.96 -7.42
N LYS A 22 -2.41 -2.90 -8.10
CA LYS A 22 -1.50 -1.91 -8.66
C LYS A 22 -0.99 -0.96 -7.58
N PRO A 23 -1.92 -0.23 -6.94
CA PRO A 23 -1.59 0.72 -5.88
C PRO A 23 -1.12 0.02 -4.60
N LEU A 24 -0.73 0.82 -3.61
CA LEU A 24 -0.26 0.28 -2.34
C LEU A 24 -0.39 1.32 -1.23
N SER A 25 -1.40 2.17 -1.34
CA SER A 25 -1.64 3.21 -0.34
C SER A 25 -2.76 2.82 0.61
N ASP A 26 -2.88 3.55 1.71
CA ASP A 26 -3.91 3.28 2.70
C ASP A 26 -5.07 4.25 2.56
N SER A 27 -5.83 4.10 1.48
CA SER A 27 -6.98 4.98 1.21
C SER A 27 -8.28 4.23 1.44
N LYS A 28 -8.37 3.03 0.88
CA LYS A 28 -9.57 2.21 1.00
C LYS A 28 -9.71 1.66 2.42
N LEU A 29 -8.66 0.99 2.88
CA LEU A 29 -8.67 0.42 4.23
C LEU A 29 -9.04 1.46 5.27
N THR A 30 -8.53 2.68 5.07
CA THR A 30 -8.82 3.78 6.00
C THR A 30 -10.17 4.42 5.70
N SER A 31 -10.61 4.29 4.45
CA SER A 31 -11.89 4.85 4.03
C SER A 31 -13.05 4.22 4.81
N LEU A 32 -13.12 2.90 4.78
CA LEU A 32 -14.18 2.17 5.47
C LEU A 32 -14.08 2.39 6.99
N LEU A 33 -12.86 2.56 7.48
CA LEU A 33 -12.63 2.77 8.91
C LEU A 33 -12.96 4.21 9.29
N SER A 34 -12.95 5.11 8.31
CA SER A 34 -13.24 6.51 8.54
C SER A 34 -14.70 6.83 8.23
N GLU A 35 -15.34 5.91 7.50
CA GLU A 35 -16.74 6.09 7.13
C GLU A 35 -17.62 6.32 8.36
N GLN A 36 -17.16 5.80 9.50
CA GLN A 36 -17.91 5.94 10.75
C GLN A 36 -17.21 6.93 11.68
N GLY A 37 -15.88 6.86 11.74
CA GLY A 37 -15.13 7.75 12.60
C GLY A 37 -13.91 7.07 13.20
N ILE A 38 -13.81 5.76 13.01
CA ILE A 38 -12.69 4.99 13.54
C ILE A 38 -11.42 5.21 12.70
N MET A 39 -10.99 6.46 12.61
CA MET A 39 -9.80 6.79 11.83
C MET A 39 -8.53 6.51 12.64
N VAL A 40 -7.96 5.33 12.45
CA VAL A 40 -6.75 4.95 13.16
C VAL A 40 -5.66 4.50 12.19
N ALA A 41 -6.05 3.71 11.19
CA ALA A 41 -5.11 3.22 10.20
C ALA A 41 -4.28 4.36 9.61
N ARG A 42 -4.85 5.56 9.60
CA ARG A 42 -4.17 6.73 9.08
C ARG A 42 -2.78 6.87 9.69
N ARG A 43 -2.73 7.12 10.99
CA ARG A 43 -1.47 7.28 11.70
C ARG A 43 -0.91 5.92 12.12
N THR A 44 -1.80 4.96 12.32
CA THR A 44 -1.40 3.62 12.74
C THR A 44 -0.61 2.92 11.65
N VAL A 45 -1.26 2.68 10.51
CA VAL A 45 -0.60 2.02 9.39
C VAL A 45 0.60 2.82 8.90
N ALA A 46 0.39 4.11 8.67
CA ALA A 46 1.47 4.98 8.21
C ALA A 46 2.70 4.86 9.09
N LYS A 47 2.47 4.59 10.37
CA LYS A 47 3.57 4.45 11.33
C LYS A 47 4.44 3.24 10.98
N TYR A 48 3.79 2.12 10.65
CA TYR A 48 4.50 0.90 10.30
C TYR A 48 4.97 0.94 8.85
N ARG A 49 4.29 1.76 8.05
CA ARG A 49 4.65 1.89 6.64
C ARG A 49 6.13 2.18 6.47
N GLU A 50 6.64 3.09 7.29
CA GLU A 50 8.05 3.46 7.23
C GLU A 50 8.95 2.23 7.28
N SER A 51 8.47 1.19 7.96
CA SER A 51 9.23 -0.05 8.08
C SER A 51 8.30 -1.26 8.06
N LEU A 52 7.53 -1.40 6.98
CA LEU A 52 6.60 -2.50 6.85
C LEU A 52 7.32 -3.77 6.38
N SER A 53 8.17 -3.63 5.37
CA SER A 53 8.91 -4.76 4.83
C SER A 53 7.98 -5.93 4.51
N ILE A 54 7.28 -5.82 3.39
CA ILE A 54 6.36 -6.88 2.97
C ILE A 54 7.11 -8.14 2.58
N PRO A 55 6.51 -9.30 2.90
CA PRO A 55 7.10 -10.60 2.58
C PRO A 55 7.10 -10.90 1.09
N PRO A 56 7.86 -11.93 0.68
CA PRO A 56 7.97 -12.34 -0.72
C PRO A 56 6.67 -12.95 -1.24
N SER A 57 6.61 -13.17 -2.56
CA SER A 57 5.43 -13.75 -3.18
C SER A 57 4.23 -12.81 -3.05
N ASN A 58 4.51 -11.56 -2.70
CA ASN A 58 3.45 -10.57 -2.53
C ASN A 58 3.60 -9.44 -3.55
N GLN A 59 4.33 -9.72 -4.62
CA GLN A 59 4.54 -8.74 -5.68
C GLN A 59 3.26 -8.47 -6.44
N ARG A 60 2.50 -9.52 -6.73
CA ARG A 60 1.25 -9.40 -7.46
C ARG A 60 1.45 -8.61 -8.75
N LYS A 61 2.64 -8.70 -9.32
CA LYS A 61 2.95 -7.99 -10.55
C LYS A 61 3.96 -8.78 -11.39
N GLN A 62 3.46 -9.52 -12.38
CA GLN A 62 4.31 -10.30 -13.25
C GLN A 62 5.19 -9.41 -14.12
N LEU A 63 5.86 -10.01 -15.10
CA LEU A 63 6.73 -9.27 -15.99
C LEU A 63 6.79 -9.92 -17.37
N VAL A 64 6.77 -9.10 -18.42
CA VAL A 64 6.82 -9.60 -19.79
C VAL A 64 8.00 -9.02 -20.55
N ALA A 65 8.07 -9.30 -21.84
CA ALA A 65 9.16 -8.80 -22.68
C ALA A 65 8.63 -7.82 -23.72
N ASN A 66 9.24 -6.65 -23.78
CA ASN A 66 8.83 -5.63 -24.74
C ASN A 66 9.90 -5.43 -25.81
N SER A 67 11.13 -5.73 -25.46
CA SER A 67 12.25 -5.58 -26.39
C SER A 67 11.99 -6.36 -27.67
N SER A 68 11.18 -7.41 -27.58
CA SER A 68 10.86 -8.24 -28.72
C SER A 68 10.36 -7.39 -29.89
N SER A 69 9.72 -6.26 -29.56
CA SER A 69 9.19 -5.36 -30.57
C SER A 69 8.78 -4.03 -29.96
N VAL A 70 9.73 -3.34 -29.36
CA VAL A 70 9.47 -2.04 -28.72
C VAL A 70 8.75 -1.11 -29.67
N ASP A 71 9.02 -1.26 -30.97
CA ASP A 71 8.40 -0.42 -31.98
C ASP A 71 8.79 1.04 -31.79
N LYS A 72 10.08 1.33 -31.94
CA LYS A 72 10.58 2.68 -31.80
C LYS A 72 12.08 2.74 -32.08
N LEU A 73 12.43 3.11 -33.31
CA LEU A 73 13.83 3.19 -33.72
C LEU A 73 14.16 4.60 -34.22
N ALA A 74 13.36 5.57 -33.81
CA ALA A 74 13.56 6.96 -34.20
C ALA A 74 14.86 7.51 -33.62
N ALA A 75 15.34 6.88 -32.55
CA ALA A 75 16.58 7.31 -31.91
C ALA A 75 17.74 7.33 -32.90
N ALA A 76 17.62 6.54 -33.95
CA ALA A 76 18.67 6.47 -34.97
C ALA A 76 19.02 7.86 -35.49
N LEU A 77 18.02 8.74 -35.52
CA LEU A 77 18.23 10.11 -35.99
C LEU A 77 19.35 10.79 -35.22
N GLU A 78 19.57 10.35 -33.98
CA GLU A 78 20.62 10.92 -33.14
C GLU A 78 21.99 10.71 -33.77
N HIS A 79 22.11 9.67 -34.59
CA HIS A 79 23.37 9.36 -35.26
C HIS A 79 23.91 10.59 -35.99
N HIS A 80 25.13 10.99 -35.64
CA HIS A 80 25.76 12.15 -36.27
C HIS A 80 27.17 12.36 -35.72
N HIS A 81 28.14 12.46 -36.62
CA HIS A 81 29.53 12.67 -36.22
C HIS A 81 30.25 13.56 -37.22
N HIS A 82 31.27 14.26 -36.74
CA HIS A 82 32.05 15.15 -37.60
C HIS A 82 33.54 15.06 -37.27
N HIS A 83 33.89 15.50 -36.06
CA HIS A 83 35.28 15.48 -35.61
C HIS A 83 36.15 16.37 -36.50
N HIS A 84 37.44 16.45 -36.17
CA HIS A 84 38.37 17.26 -36.94
C HIS A 84 39.72 16.55 -37.07
N GLU A 1 7.71 -6.87 25.30
CA GLU A 1 7.10 -6.27 24.12
C GLU A 1 6.93 -7.30 23.01
N ALA A 2 6.40 -8.46 23.38
CA ALA A 2 6.18 -9.54 22.42
C ALA A 2 4.95 -9.26 21.56
N SER A 3 4.23 -8.19 21.88
CA SER A 3 3.04 -7.81 21.14
C SER A 3 3.40 -7.00 19.90
N SER A 4 4.57 -6.39 19.93
CA SER A 4 5.03 -5.58 18.80
C SER A 4 5.11 -6.41 17.53
N THR A 5 5.62 -7.63 17.64
CA THR A 5 5.75 -8.52 16.50
C THR A 5 4.38 -8.99 16.01
N ALA A 6 3.41 -8.98 16.91
CA ALA A 6 2.06 -9.40 16.57
C ALA A 6 1.37 -8.37 15.69
N ILE A 7 1.82 -7.12 15.77
CA ILE A 7 1.25 -6.04 14.98
C ILE A 7 1.49 -6.25 13.50
N ARG A 8 2.45 -7.11 13.18
CA ARG A 8 2.79 -7.41 11.79
C ARG A 8 1.56 -7.93 11.05
N ALA A 9 0.61 -8.49 11.79
CA ALA A 9 -0.60 -9.02 11.20
C ALA A 9 -1.68 -7.96 11.08
N LEU A 10 -1.60 -6.94 11.94
CA LEU A 10 -2.56 -5.85 11.94
C LEU A 10 -2.57 -5.13 10.59
N VAL A 11 -1.38 -4.77 10.11
CA VAL A 11 -1.25 -4.07 8.83
C VAL A 11 -1.69 -4.96 7.68
N LYS A 12 -1.85 -6.25 7.95
CA LYS A 12 -2.27 -7.21 6.93
C LYS A 12 -3.78 -7.15 6.72
N LYS A 13 -4.52 -7.06 7.83
CA LYS A 13 -5.98 -6.98 7.76
C LYS A 13 -6.43 -5.84 6.86
N LEU A 14 -5.75 -4.70 6.96
CA LEU A 14 -6.08 -3.54 6.15
C LEU A 14 -5.80 -3.80 4.67
N ILE A 15 -4.96 -4.80 4.41
CA ILE A 15 -4.61 -5.16 3.04
C ILE A 15 -5.47 -6.32 2.54
N ALA A 16 -6.00 -7.09 3.48
CA ALA A 16 -6.84 -8.24 3.14
C ALA A 16 -7.95 -7.84 2.16
N ALA A 17 -8.39 -6.59 2.26
CA ALA A 17 -9.43 -6.09 1.38
C ALA A 17 -9.12 -4.67 0.91
N GLU A 18 -7.95 -4.48 0.32
CA GLU A 18 -7.53 -3.18 -0.17
C GLU A 18 -7.42 -3.17 -1.69
N ASN A 19 -7.93 -2.12 -2.31
CA ASN A 19 -7.90 -1.99 -3.76
C ASN A 19 -7.24 -0.67 -4.18
N PRO A 20 -5.95 -0.52 -3.85
CA PRO A 20 -5.19 0.69 -4.18
C PRO A 20 -4.92 0.81 -5.67
N ALA A 21 -5.40 -0.16 -6.44
CA ALA A 21 -5.22 -0.15 -7.89
C ALA A 21 -5.54 1.23 -8.48
N LYS A 22 -6.82 1.57 -8.51
CA LYS A 22 -7.25 2.85 -9.04
C LYS A 22 -6.98 3.97 -8.04
N PRO A 23 -7.61 3.88 -6.86
CA PRO A 23 -7.46 4.88 -5.80
C PRO A 23 -6.07 4.85 -5.17
N LEU A 24 -5.84 5.75 -4.23
CA LEU A 24 -4.54 5.83 -3.55
C LEU A 24 -4.54 4.98 -2.28
N SER A 25 -3.55 4.11 -2.15
CA SER A 25 -3.43 3.24 -0.99
C SER A 25 -3.55 4.04 0.31
N ASP A 26 -3.72 3.33 1.41
CA ASP A 26 -3.85 3.98 2.71
C ASP A 26 -5.11 4.84 2.78
N SER A 27 -6.00 4.65 1.80
CA SER A 27 -7.24 5.42 1.75
C SER A 27 -8.44 4.48 1.75
N LYS A 28 -8.28 3.30 1.17
CA LYS A 28 -9.36 2.32 1.11
C LYS A 28 -9.52 1.61 2.45
N LEU A 29 -8.40 1.17 3.02
CA LEU A 29 -8.42 0.48 4.31
C LEU A 29 -9.10 1.33 5.37
N THR A 30 -8.78 2.62 5.40
CA THR A 30 -9.36 3.54 6.37
C THR A 30 -10.82 3.82 6.05
N SER A 31 -11.16 3.77 4.77
CA SER A 31 -12.54 4.02 4.33
C SER A 31 -13.52 3.16 5.12
N LEU A 32 -13.21 1.87 5.22
CA LEU A 32 -14.07 0.93 5.94
C LEU A 32 -14.26 1.37 7.38
N LEU A 33 -13.25 2.03 7.94
CA LEU A 33 -13.31 2.51 9.32
C LEU A 33 -14.01 3.87 9.38
N SER A 34 -14.05 4.56 8.25
CA SER A 34 -14.68 5.88 8.19
C SER A 34 -16.20 5.75 8.19
N GLU A 35 -16.69 4.53 7.95
CA GLU A 35 -18.13 4.28 7.92
C GLU A 35 -18.77 4.68 9.23
N GLN A 36 -17.98 4.76 10.29
CA GLN A 36 -18.48 5.13 11.61
C GLN A 36 -17.80 6.40 12.11
N GLY A 37 -16.48 6.44 12.00
CA GLY A 37 -15.73 7.61 12.44
C GLY A 37 -14.28 7.29 12.75
N ILE A 38 -13.99 6.01 12.99
CA ILE A 38 -12.64 5.59 13.30
C ILE A 38 -11.66 6.05 12.21
N MET A 39 -10.47 6.45 12.64
CA MET A 39 -9.45 6.91 11.71
C MET A 39 -8.06 6.77 12.32
N VAL A 40 -7.52 5.55 12.30
CA VAL A 40 -6.20 5.29 12.86
C VAL A 40 -5.22 4.87 11.76
N ALA A 41 -5.68 4.02 10.86
CA ALA A 41 -4.84 3.55 9.75
C ALA A 41 -4.15 4.71 9.06
N ARG A 42 -4.77 5.88 9.10
CA ARG A 42 -4.22 7.07 8.46
C ARG A 42 -2.76 7.28 8.88
N ARG A 43 -2.56 7.57 10.17
CA ARG A 43 -1.23 7.79 10.69
C ARG A 43 -0.58 6.48 11.12
N THR A 44 -1.41 5.50 11.47
CA THR A 44 -0.92 4.20 11.89
C THR A 44 -0.18 3.50 10.76
N VAL A 45 -0.86 3.29 9.64
CA VAL A 45 -0.27 2.63 8.48
C VAL A 45 1.07 3.26 8.13
N ALA A 46 1.14 4.59 8.21
CA ALA A 46 2.37 5.31 7.90
C ALA A 46 3.47 4.99 8.90
N LYS A 47 3.11 5.00 10.18
CA LYS A 47 4.08 4.70 11.24
C LYS A 47 4.71 3.33 11.03
N TYR A 48 3.87 2.33 10.79
CA TYR A 48 4.35 0.96 10.58
C TYR A 48 4.98 0.82 9.19
N ARG A 49 4.56 1.68 8.27
CA ARG A 49 5.08 1.66 6.91
C ARG A 49 6.58 1.96 6.88
N GLU A 50 6.97 3.00 7.61
CA GLU A 50 8.38 3.39 7.67
C GLU A 50 9.24 2.25 8.20
N SER A 51 8.69 1.49 9.13
CA SER A 51 9.41 0.36 9.72
C SER A 51 8.79 -0.96 9.29
N LEU A 52 8.57 -1.11 7.99
CA LEU A 52 7.99 -2.33 7.46
C LEU A 52 8.74 -3.57 7.94
N SER A 53 10.07 -3.51 7.87
CA SER A 53 10.92 -4.61 8.30
C SER A 53 10.92 -5.73 7.27
N ILE A 54 9.73 -6.20 6.90
CA ILE A 54 9.59 -7.26 5.91
C ILE A 54 9.32 -6.69 4.53
N PRO A 55 9.57 -7.51 3.50
CA PRO A 55 9.36 -7.11 2.10
C PRO A 55 7.89 -6.96 1.75
N PRO A 56 7.59 -6.12 0.75
CA PRO A 56 6.23 -5.86 0.30
C PRO A 56 5.61 -7.07 -0.41
N SER A 57 4.31 -7.00 -0.67
CA SER A 57 3.61 -8.09 -1.35
C SER A 57 2.14 -7.74 -1.54
N ASN A 58 1.87 -6.47 -1.81
CA ASN A 58 0.50 -6.01 -2.03
C ASN A 58 0.43 -5.04 -3.20
N GLN A 59 1.37 -5.17 -4.13
CA GLN A 59 1.42 -4.31 -5.30
C GLN A 59 0.52 -4.86 -6.42
N ARG A 60 0.45 -6.18 -6.51
CA ARG A 60 -0.38 -6.83 -7.53
C ARG A 60 -0.04 -6.28 -8.92
N LYS A 61 1.21 -5.87 -9.10
CA LYS A 61 1.66 -5.34 -10.39
C LYS A 61 3.11 -5.71 -10.65
N GLN A 62 3.30 -6.84 -11.34
CA GLN A 62 4.65 -7.31 -11.66
C GLN A 62 5.27 -6.47 -12.77
N LEU A 63 6.59 -6.31 -12.71
CA LEU A 63 7.31 -5.53 -13.72
C LEU A 63 7.36 -6.26 -15.05
N VAL A 64 6.31 -6.10 -15.85
CA VAL A 64 6.24 -6.75 -17.16
C VAL A 64 5.65 -5.80 -18.20
N ALA A 65 6.16 -5.89 -19.43
CA ALA A 65 5.69 -5.06 -20.52
C ALA A 65 5.31 -5.90 -21.73
N ASN A 66 4.89 -7.13 -21.49
CA ASN A 66 4.49 -8.04 -22.56
C ASN A 66 3.02 -7.81 -22.95
N SER A 67 2.14 -7.85 -21.96
CA SER A 67 0.72 -7.66 -22.20
C SER A 67 0.38 -6.18 -22.30
N SER A 68 1.07 -5.36 -21.51
CA SER A 68 0.84 -3.92 -21.51
C SER A 68 1.24 -3.31 -22.84
N SER A 69 2.22 -3.94 -23.51
CA SER A 69 2.70 -3.45 -24.79
C SER A 69 1.85 -4.00 -25.93
N VAL A 70 1.27 -5.18 -25.73
CA VAL A 70 0.43 -5.80 -26.74
C VAL A 70 1.27 -6.31 -27.91
N ASP A 71 1.81 -5.37 -28.68
CA ASP A 71 2.62 -5.72 -29.84
C ASP A 71 1.87 -6.64 -30.80
N LYS A 72 0.62 -6.28 -31.08
CA LYS A 72 -0.23 -7.05 -31.98
C LYS A 72 -0.76 -6.20 -33.11
N LEU A 73 0.04 -5.24 -33.56
CA LEU A 73 -0.34 -4.35 -34.64
C LEU A 73 0.33 -4.74 -35.95
N ALA A 74 0.75 -6.00 -36.04
CA ALA A 74 1.41 -6.51 -37.24
C ALA A 74 0.39 -6.85 -38.32
N ALA A 75 -0.85 -7.06 -37.91
CA ALA A 75 -1.93 -7.39 -38.85
C ALA A 75 -2.09 -6.30 -39.89
N ALA A 76 -1.71 -5.08 -39.54
CA ALA A 76 -1.82 -3.94 -40.45
C ALA A 76 -0.93 -4.14 -41.66
N LEU A 77 0.12 -4.93 -41.51
CA LEU A 77 1.05 -5.20 -42.60
C LEU A 77 0.31 -5.74 -43.82
N GLU A 78 -0.82 -6.39 -43.59
CA GLU A 78 -1.62 -6.95 -44.67
C GLU A 78 -2.09 -5.85 -45.62
N HIS A 79 -2.26 -4.64 -45.09
CA HIS A 79 -2.70 -3.51 -45.88
C HIS A 79 -1.83 -3.34 -47.12
N HIS A 80 -0.52 -3.32 -46.92
CA HIS A 80 0.42 -3.17 -48.02
C HIS A 80 0.21 -1.84 -48.74
N HIS A 81 1.09 -1.52 -49.68
CA HIS A 81 1.00 -0.29 -50.44
C HIS A 81 1.05 -0.56 -51.93
N HIS A 82 2.21 -0.96 -52.42
CA HIS A 82 2.39 -1.26 -53.84
C HIS A 82 2.05 -0.05 -54.70
N HIS A 83 2.79 1.04 -54.50
CA HIS A 83 2.57 2.27 -55.26
C HIS A 83 3.46 2.31 -56.49
N HIS A 84 2.88 1.97 -57.64
CA HIS A 84 3.63 1.97 -58.90
C HIS A 84 2.69 2.24 -60.07
N GLU A 1 6.15 -6.08 24.61
CA GLU A 1 7.34 -6.61 23.96
C GLU A 1 6.97 -7.61 22.88
N ALA A 2 6.19 -8.63 23.27
CA ALA A 2 5.76 -9.66 22.34
C ALA A 2 4.63 -9.16 21.44
N SER A 3 4.15 -7.96 21.73
CA SER A 3 3.07 -7.36 20.95
C SER A 3 3.60 -6.68 19.70
N SER A 4 4.89 -6.33 19.72
CA SER A 4 5.52 -5.67 18.58
C SER A 4 5.29 -6.45 17.30
N THR A 5 5.43 -7.77 17.39
CA THR A 5 5.24 -8.64 16.23
C THR A 5 3.76 -8.86 15.95
N ALA A 6 2.94 -8.72 16.98
CA ALA A 6 1.50 -8.90 16.84
C ALA A 6 0.90 -7.85 15.92
N ILE A 7 1.57 -6.70 15.82
CA ILE A 7 1.10 -5.61 14.97
C ILE A 7 1.50 -5.84 13.52
N ARG A 8 2.51 -6.67 13.31
CA ARG A 8 2.98 -6.98 11.97
C ARG A 8 1.85 -7.51 11.10
N ALA A 9 0.84 -8.09 11.74
CA ALA A 9 -0.30 -8.65 11.03
C ALA A 9 -1.38 -7.58 10.81
N LEU A 10 -1.44 -6.62 11.72
CA LEU A 10 -2.43 -5.54 11.63
C LEU A 10 -2.30 -4.80 10.29
N VAL A 11 -1.09 -4.36 9.97
CA VAL A 11 -0.83 -3.65 8.73
C VAL A 11 -1.22 -4.50 7.53
N LYS A 12 -1.31 -5.81 7.74
CA LYS A 12 -1.67 -6.74 6.66
C LYS A 12 -3.18 -6.75 6.43
N LYS A 13 -3.93 -6.68 7.52
CA LYS A 13 -5.39 -6.67 7.45
C LYS A 13 -5.88 -5.58 6.50
N LEU A 14 -5.14 -4.48 6.44
CA LEU A 14 -5.51 -3.36 5.58
C LEU A 14 -5.58 -3.79 4.12
N ILE A 15 -4.93 -4.91 3.81
CA ILE A 15 -4.93 -5.45 2.45
C ILE A 15 -5.49 -6.86 2.40
N ALA A 16 -5.66 -7.46 3.58
CA ALA A 16 -6.19 -8.80 3.68
C ALA A 16 -7.64 -8.86 3.20
N ALA A 17 -8.26 -7.70 3.06
CA ALA A 17 -9.64 -7.62 2.61
C ALA A 17 -9.81 -6.53 1.55
N GLU A 18 -8.91 -6.54 0.56
CA GLU A 18 -8.97 -5.55 -0.51
C GLU A 18 -8.32 -6.10 -1.79
N ASN A 19 -8.31 -5.28 -2.83
CA ASN A 19 -7.73 -5.70 -4.11
C ASN A 19 -6.43 -4.93 -4.39
N PRO A 20 -5.33 -5.41 -3.80
CA PRO A 20 -4.01 -4.79 -3.97
C PRO A 20 -3.45 -4.98 -5.37
N ALA A 21 -4.21 -5.69 -6.21
CA ALA A 21 -3.80 -5.94 -7.59
C ALA A 21 -3.27 -4.68 -8.24
N LYS A 22 -4.16 -3.71 -8.45
CA LYS A 22 -3.79 -2.44 -9.07
C LYS A 22 -3.19 -1.48 -8.05
N PRO A 23 -4.00 -1.13 -7.04
CA PRO A 23 -3.57 -0.21 -5.97
C PRO A 23 -2.54 -0.86 -5.04
N LEU A 24 -2.05 -0.08 -4.08
CA LEU A 24 -1.07 -0.57 -3.12
C LEU A 24 -1.16 0.19 -1.80
N SER A 25 -2.29 0.86 -1.59
CA SER A 25 -2.51 1.62 -0.38
C SER A 25 -3.77 1.15 0.35
N ASP A 26 -3.93 1.57 1.59
CA ASP A 26 -5.09 1.20 2.39
C ASP A 26 -6.16 2.29 2.35
N SER A 27 -6.20 3.04 1.26
CA SER A 27 -7.15 4.12 1.11
C SER A 27 -8.57 3.64 1.41
N LYS A 28 -8.89 2.43 0.95
CA LYS A 28 -10.21 1.84 1.16
C LYS A 28 -10.45 1.60 2.64
N LEU A 29 -9.63 0.75 3.24
CA LEU A 29 -9.76 0.43 4.66
C LEU A 29 -9.79 1.70 5.50
N THR A 30 -8.98 2.68 5.11
CA THR A 30 -8.90 3.94 5.84
C THR A 30 -10.11 4.82 5.52
N SER A 31 -10.74 4.57 4.38
CA SER A 31 -11.91 5.34 3.97
C SER A 31 -13.17 4.82 4.65
N LEU A 32 -13.42 3.52 4.49
CA LEU A 32 -14.59 2.89 5.08
C LEU A 32 -14.64 3.15 6.58
N LEU A 33 -13.61 2.71 7.28
CA LEU A 33 -13.53 2.90 8.73
C LEU A 33 -13.67 4.36 9.11
N SER A 34 -13.39 5.24 8.14
CA SER A 34 -13.48 6.68 8.37
C SER A 34 -14.88 7.19 8.07
N GLU A 35 -15.61 6.45 7.24
CA GLU A 35 -16.97 6.83 6.87
C GLU A 35 -17.94 6.56 8.02
N GLN A 36 -17.47 5.86 9.04
CA GLN A 36 -18.29 5.52 10.19
C GLN A 36 -17.88 6.34 11.41
N GLY A 37 -16.57 6.40 11.66
CA GLY A 37 -16.06 7.15 12.79
C GLY A 37 -14.68 6.70 13.22
N ILE A 38 -14.32 5.48 12.81
CA ILE A 38 -13.01 4.92 13.17
C ILE A 38 -11.90 5.62 12.40
N MET A 39 -10.71 5.65 12.99
CA MET A 39 -9.55 6.28 12.36
C MET A 39 -8.26 5.90 13.07
N VAL A 40 -7.72 4.73 12.74
CA VAL A 40 -6.50 4.25 13.35
C VAL A 40 -5.46 3.91 12.29
N ALA A 41 -5.89 3.21 11.25
CA ALA A 41 -4.99 2.81 10.17
C ALA A 41 -4.21 4.01 9.63
N ARG A 42 -4.78 5.20 9.82
CA ARG A 42 -4.14 6.43 9.35
C ARG A 42 -2.73 6.55 9.92
N ARG A 43 -2.63 6.69 11.24
CA ARG A 43 -1.34 6.82 11.90
C ARG A 43 -0.75 5.44 12.22
N THR A 44 -1.62 4.46 12.39
CA THR A 44 -1.19 3.10 12.69
C THR A 44 -0.38 2.51 11.54
N VAL A 45 -0.97 2.53 10.34
CA VAL A 45 -0.31 2.00 9.16
C VAL A 45 0.90 2.85 8.78
N ALA A 46 0.67 4.15 8.60
CA ALA A 46 1.74 5.07 8.25
C ALA A 46 2.94 4.91 9.18
N LYS A 47 2.67 4.53 10.42
CA LYS A 47 3.73 4.35 11.41
C LYS A 47 4.74 3.32 10.93
N TYR A 48 4.28 2.10 10.67
CA TYR A 48 5.15 1.03 10.20
C TYR A 48 5.49 1.20 8.72
N ARG A 49 4.64 1.94 8.01
CA ARG A 49 4.84 2.18 6.60
C ARG A 49 6.25 2.67 6.32
N GLU A 50 6.74 3.57 7.18
CA GLU A 50 8.08 4.12 7.03
C GLU A 50 9.11 3.02 6.86
N SER A 51 8.85 1.87 7.48
CA SER A 51 9.76 0.73 7.41
C SER A 51 8.97 -0.58 7.41
N LEU A 52 8.05 -0.72 6.48
CA LEU A 52 7.24 -1.94 6.37
C LEU A 52 8.12 -3.18 6.36
N SER A 53 9.26 -3.08 5.67
CA SER A 53 10.19 -4.20 5.58
C SER A 53 9.44 -5.51 5.33
N ILE A 54 8.80 -5.61 4.17
CA ILE A 54 8.04 -6.81 3.82
C ILE A 54 8.94 -7.83 3.14
N PRO A 55 8.68 -9.12 3.44
CA PRO A 55 9.45 -10.22 2.86
C PRO A 55 9.18 -10.42 1.37
N PRO A 56 10.03 -11.22 0.72
CA PRO A 56 9.91 -11.49 -0.72
C PRO A 56 8.69 -12.35 -1.04
N SER A 57 8.40 -12.50 -2.32
CA SER A 57 7.26 -13.29 -2.77
C SER A 57 5.94 -12.67 -2.28
N ASN A 58 6.01 -11.42 -1.84
CA ASN A 58 4.84 -10.71 -1.35
C ASN A 58 4.88 -9.24 -1.75
N GLN A 59 5.58 -8.94 -2.84
CA GLN A 59 5.71 -7.58 -3.33
C GLN A 59 4.67 -7.29 -4.40
N ARG A 60 4.20 -8.34 -5.07
CA ARG A 60 3.20 -8.20 -6.12
C ARG A 60 3.75 -7.38 -7.28
N LYS A 61 4.96 -7.72 -7.72
CA LYS A 61 5.60 -7.01 -8.83
C LYS A 61 6.72 -7.85 -9.43
N GLN A 62 7.38 -7.30 -10.45
CA GLN A 62 8.48 -8.00 -11.12
C GLN A 62 9.60 -7.03 -11.47
N LEU A 63 10.82 -7.55 -11.52
CA LEU A 63 11.99 -6.72 -11.86
C LEU A 63 12.00 -6.39 -13.34
N VAL A 64 11.47 -5.21 -13.68
CA VAL A 64 11.43 -4.77 -15.07
C VAL A 64 12.73 -4.08 -15.46
N ALA A 65 13.16 -4.29 -16.70
CA ALA A 65 14.38 -3.68 -17.20
C ALA A 65 14.14 -2.94 -18.51
N ASN A 66 12.98 -2.30 -18.61
CA ASN A 66 12.63 -1.55 -19.82
C ASN A 66 12.68 -0.04 -19.55
N SER A 67 11.97 0.41 -18.52
CA SER A 67 11.93 1.82 -18.17
C SER A 67 13.32 2.32 -17.78
N SER A 68 14.09 1.44 -17.16
CA SER A 68 15.45 1.79 -16.72
C SER A 68 16.24 2.38 -17.88
N SER A 69 16.17 1.74 -19.03
CA SER A 69 16.89 2.20 -20.21
C SER A 69 16.29 3.50 -20.75
N VAL A 70 14.98 3.66 -20.54
CA VAL A 70 14.29 4.86 -21.01
C VAL A 70 14.78 6.10 -20.28
N ASP A 71 15.18 7.11 -21.04
CA ASP A 71 15.68 8.36 -20.48
C ASP A 71 16.80 8.09 -19.48
N LYS A 72 17.90 7.54 -19.98
CA LYS A 72 19.04 7.22 -19.13
C LYS A 72 20.04 8.38 -19.12
N LEU A 73 20.69 8.59 -17.98
CA LEU A 73 21.67 9.67 -17.84
C LEU A 73 23.05 9.10 -17.50
N ALA A 74 23.26 7.83 -17.82
CA ALA A 74 24.53 7.19 -17.56
C ALA A 74 25.58 7.56 -18.60
N ALA A 75 25.11 8.00 -19.76
CA ALA A 75 26.01 8.40 -20.85
C ALA A 75 27.02 9.44 -20.38
N ALA A 76 26.57 10.35 -19.51
CA ALA A 76 27.44 11.39 -18.98
C ALA A 76 28.58 10.79 -18.19
N LEU A 77 28.32 9.68 -17.52
CA LEU A 77 29.35 9.00 -16.72
C LEU A 77 30.48 8.49 -17.60
N GLU A 78 30.13 8.09 -18.82
CA GLU A 78 31.13 7.57 -19.76
C GLU A 78 32.18 8.64 -20.06
N HIS A 79 31.76 9.89 -20.02
CA HIS A 79 32.67 11.01 -20.30
C HIS A 79 33.19 10.93 -21.73
N HIS A 80 34.02 11.91 -22.10
CA HIS A 80 34.59 11.95 -23.45
C HIS A 80 35.33 10.66 -23.77
N HIS A 81 35.46 10.35 -25.06
CA HIS A 81 36.13 9.14 -25.50
C HIS A 81 37.35 9.49 -26.36
N HIS A 82 38.18 8.49 -26.64
CA HIS A 82 39.37 8.68 -27.45
C HIS A 82 40.33 9.65 -26.77
N HIS A 83 41.57 9.67 -27.25
CA HIS A 83 42.59 10.57 -26.68
C HIS A 83 43.41 11.22 -27.80
N HIS A 84 43.80 12.47 -27.57
CA HIS A 84 44.58 13.21 -28.55
C HIS A 84 45.93 12.54 -28.79
N GLU A 1 9.19 -7.13 23.95
CA GLU A 1 7.74 -7.29 23.87
C GLU A 1 7.35 -8.06 22.61
N ALA A 2 6.82 -9.26 22.82
CA ALA A 2 6.40 -10.11 21.70
C ALA A 2 5.07 -9.63 21.12
N SER A 3 4.47 -8.64 21.77
CA SER A 3 3.19 -8.09 21.32
C SER A 3 3.40 -7.04 20.24
N SER A 4 4.60 -6.46 20.21
CA SER A 4 4.93 -5.44 19.22
C SER A 4 4.90 -6.01 17.81
N THR A 5 5.14 -7.32 17.69
CA THR A 5 5.14 -7.98 16.40
C THR A 5 3.72 -8.38 15.98
N ALA A 6 2.83 -8.48 16.97
CA ALA A 6 1.45 -8.85 16.71
C ALA A 6 0.81 -7.89 15.70
N ILE A 7 1.26 -6.65 15.71
CA ILE A 7 0.73 -5.65 14.80
C ILE A 7 1.23 -5.87 13.38
N ARG A 8 2.36 -6.56 13.25
CA ARG A 8 2.94 -6.85 11.95
C ARG A 8 1.91 -7.49 11.03
N ALA A 9 1.01 -8.28 11.60
CA ALA A 9 -0.02 -8.94 10.82
C ALA A 9 -1.25 -8.05 10.66
N LEU A 10 -1.42 -7.12 11.59
CA LEU A 10 -2.55 -6.20 11.55
C LEU A 10 -2.54 -5.38 10.27
N VAL A 11 -1.38 -4.80 9.96
CA VAL A 11 -1.24 -3.99 8.75
C VAL A 11 -1.47 -4.83 7.50
N LYS A 12 -1.41 -6.15 7.64
CA LYS A 12 -1.62 -7.05 6.53
C LYS A 12 -3.10 -7.24 6.24
N LYS A 13 -3.93 -7.01 7.25
CA LYS A 13 -5.38 -7.14 7.11
C LYS A 13 -5.96 -5.96 6.32
N LEU A 14 -5.39 -4.78 6.55
CA LEU A 14 -5.86 -3.58 5.86
C LEU A 14 -5.74 -3.73 4.35
N ILE A 15 -4.72 -4.46 3.92
CA ILE A 15 -4.50 -4.69 2.50
C ILE A 15 -4.96 -6.09 2.07
N ALA A 16 -5.20 -6.94 3.07
CA ALA A 16 -5.65 -8.30 2.80
C ALA A 16 -6.93 -8.31 1.98
N ALA A 17 -7.68 -7.21 2.03
CA ALA A 17 -8.92 -7.08 1.28
C ALA A 17 -8.97 -5.77 0.51
N GLU A 18 -7.99 -5.57 -0.37
CA GLU A 18 -7.92 -4.35 -1.18
C GLU A 18 -7.11 -4.59 -2.46
N ASN A 19 -7.33 -3.74 -3.45
CA ASN A 19 -6.63 -3.86 -4.72
C ASN A 19 -5.62 -2.72 -4.89
N PRO A 20 -4.42 -2.89 -4.32
CA PRO A 20 -3.35 -1.90 -4.40
C PRO A 20 -2.78 -1.78 -5.80
N ALA A 21 -3.31 -2.58 -6.73
CA ALA A 21 -2.85 -2.55 -8.11
C ALA A 21 -2.85 -1.14 -8.68
N LYS A 22 -4.05 -0.58 -8.83
CA LYS A 22 -4.20 0.77 -9.37
C LYS A 22 -3.80 1.81 -8.32
N PRO A 23 -4.53 1.82 -7.20
CA PRO A 23 -4.28 2.76 -6.09
C PRO A 23 -2.98 2.45 -5.36
N LEU A 24 -2.62 3.32 -4.43
CA LEU A 24 -1.40 3.15 -3.65
C LEU A 24 -1.44 3.96 -2.36
N SER A 25 -2.66 4.27 -1.91
CA SER A 25 -2.85 5.04 -0.68
C SER A 25 -3.67 4.26 0.33
N ASP A 26 -3.68 4.75 1.57
CA ASP A 26 -4.44 4.09 2.64
C ASP A 26 -5.75 4.82 2.90
N SER A 27 -6.66 4.74 1.93
CA SER A 27 -7.97 5.38 2.05
C SER A 27 -9.08 4.35 2.23
N LYS A 28 -9.04 3.31 1.41
CA LYS A 28 -10.04 2.25 1.48
C LYS A 28 -9.93 1.48 2.78
N LEU A 29 -8.73 1.01 3.09
CA LEU A 29 -8.49 0.26 4.32
C LEU A 29 -9.00 1.02 5.54
N THR A 30 -8.85 2.34 5.50
CA THR A 30 -9.30 3.18 6.60
C THR A 30 -10.60 3.91 6.25
N SER A 31 -11.29 3.42 5.22
CA SER A 31 -12.54 4.01 4.78
C SER A 31 -13.68 3.65 5.73
N LEU A 32 -13.84 2.36 5.98
CA LEU A 32 -14.89 1.87 6.87
C LEU A 32 -14.73 2.47 8.26
N LEU A 33 -13.49 2.72 8.66
CA LEU A 33 -13.21 3.29 9.97
C LEU A 33 -13.42 4.79 9.97
N SER A 34 -13.39 5.39 8.78
CA SER A 34 -13.58 6.83 8.64
C SER A 34 -15.06 7.18 8.53
N GLU A 35 -15.88 6.17 8.26
CA GLU A 35 -17.32 6.37 8.13
C GLU A 35 -17.94 6.76 9.47
N GLN A 36 -17.16 6.60 10.54
CA GLN A 36 -17.64 6.93 11.88
C GLN A 36 -16.79 8.04 12.50
N GLY A 37 -15.47 7.90 12.36
CA GLY A 37 -14.57 8.90 12.92
C GLY A 37 -13.23 8.31 13.32
N ILE A 38 -13.17 6.99 13.41
CA ILE A 38 -11.94 6.31 13.79
C ILE A 38 -10.77 6.75 12.91
N MET A 39 -10.76 6.29 11.66
CA MET A 39 -9.71 6.64 10.72
C MET A 39 -8.36 6.73 11.43
N VAL A 40 -7.81 5.57 11.80
CA VAL A 40 -6.53 5.51 12.48
C VAL A 40 -5.46 4.88 11.59
N ALA A 41 -5.83 3.78 10.94
CA ALA A 41 -4.90 3.07 10.06
C ALA A 41 -4.23 4.03 9.08
N ARG A 42 -4.92 5.13 8.77
CA ARG A 42 -4.38 6.13 7.84
C ARG A 42 -2.98 6.54 8.25
N ARG A 43 -2.87 7.20 9.41
CA ARG A 43 -1.59 7.66 9.91
C ARG A 43 -0.89 6.56 10.70
N THR A 44 -1.67 5.63 11.23
CA THR A 44 -1.13 4.53 12.02
C THR A 44 -0.33 3.58 11.13
N VAL A 45 -1.01 2.96 10.18
CA VAL A 45 -0.36 2.01 9.26
C VAL A 45 0.89 2.63 8.65
N ALA A 46 0.74 3.83 8.10
CA ALA A 46 1.86 4.53 7.48
C ALA A 46 3.06 4.58 8.41
N LYS A 47 2.81 4.87 9.69
CA LYS A 47 3.86 4.95 10.68
C LYS A 47 4.55 3.61 10.87
N TYR A 48 3.80 2.53 10.63
CA TYR A 48 4.33 1.18 10.77
C TYR A 48 5.16 0.79 9.56
N ARG A 49 4.78 1.32 8.40
CA ARG A 49 5.49 1.03 7.15
C ARG A 49 6.99 1.28 7.31
N GLU A 50 7.33 2.42 7.91
CA GLU A 50 8.73 2.78 8.12
C GLU A 50 9.42 1.78 9.06
N SER A 51 8.63 1.13 9.91
CA SER A 51 9.16 0.16 10.86
C SER A 51 9.49 -1.15 10.15
N LEU A 52 8.46 -1.78 9.57
CA LEU A 52 8.64 -3.04 8.86
C LEU A 52 9.76 -2.94 7.82
N SER A 53 9.67 -1.90 6.99
CA SER A 53 10.68 -1.69 5.96
C SER A 53 10.70 -2.85 4.97
N ILE A 54 9.52 -3.21 4.47
CA ILE A 54 9.40 -4.31 3.52
C ILE A 54 9.32 -3.79 2.09
N PRO A 55 9.61 -4.68 1.12
CA PRO A 55 9.57 -4.32 -0.30
C PRO A 55 8.15 -4.08 -0.81
N PRO A 56 8.03 -3.26 -1.86
CA PRO A 56 6.73 -2.93 -2.46
C PRO A 56 6.11 -4.11 -3.18
N SER A 57 4.84 -3.98 -3.58
CA SER A 57 4.14 -5.03 -4.28
C SER A 57 2.72 -4.60 -4.63
N ASN A 58 2.55 -3.31 -4.94
CA ASN A 58 1.25 -2.77 -5.29
C ASN A 58 0.65 -3.51 -6.50
N GLN A 59 1.36 -3.46 -7.62
CA GLN A 59 0.90 -4.12 -8.83
C GLN A 59 0.69 -5.61 -8.59
N ARG A 60 1.38 -6.15 -7.60
CA ARG A 60 1.27 -7.57 -7.27
C ARG A 60 1.73 -8.44 -8.43
N LYS A 61 2.82 -8.03 -9.07
CA LYS A 61 3.36 -8.77 -10.21
C LYS A 61 4.81 -8.38 -10.47
N GLN A 62 5.41 -8.99 -11.49
CA GLN A 62 6.80 -8.71 -11.84
C GLN A 62 6.89 -7.48 -12.73
N LEU A 63 8.11 -7.16 -13.18
CA LEU A 63 8.33 -6.02 -14.04
C LEU A 63 7.40 -6.05 -15.24
N VAL A 64 6.46 -5.11 -15.29
CA VAL A 64 5.52 -5.02 -16.39
C VAL A 64 6.20 -4.60 -17.68
N ALA A 65 5.41 -4.44 -18.74
CA ALA A 65 5.94 -4.02 -20.04
C ALA A 65 5.08 -2.93 -20.67
N ASN A 66 5.35 -2.62 -21.93
CA ASN A 66 4.59 -1.61 -22.65
C ASN A 66 3.51 -2.25 -23.52
N SER A 67 3.76 -3.48 -23.96
CA SER A 67 2.83 -4.20 -24.81
C SER A 67 1.46 -4.29 -24.13
N SER A 68 1.46 -4.27 -22.80
CA SER A 68 0.23 -4.37 -22.03
C SER A 68 -0.78 -3.33 -22.50
N SER A 69 -0.29 -2.20 -22.98
CA SER A 69 -1.14 -1.12 -23.46
C SER A 69 -1.85 -1.52 -24.76
N VAL A 70 -1.07 -1.97 -25.74
CA VAL A 70 -1.62 -2.39 -27.02
C VAL A 70 -2.35 -3.72 -26.89
N ASP A 71 -3.39 -3.89 -27.70
CA ASP A 71 -4.17 -5.11 -27.69
C ASP A 71 -4.67 -5.42 -26.27
N LYS A 72 -5.48 -4.53 -25.72
CA LYS A 72 -6.02 -4.71 -24.38
C LYS A 72 -6.74 -6.04 -24.26
N LEU A 73 -6.86 -6.53 -23.03
CA LEU A 73 -7.54 -7.80 -22.78
C LEU A 73 -8.87 -7.59 -22.06
N ALA A 74 -9.41 -6.38 -22.18
CA ALA A 74 -10.67 -6.04 -21.54
C ALA A 74 -11.83 -6.77 -22.22
N ALA A 75 -11.62 -7.18 -23.46
CA ALA A 75 -12.66 -7.90 -24.22
C ALA A 75 -12.92 -9.27 -23.61
N ALA A 76 -11.92 -9.83 -22.95
CA ALA A 76 -12.06 -11.15 -22.33
C ALA A 76 -13.07 -11.11 -21.20
N LEU A 77 -13.20 -9.95 -20.55
CA LEU A 77 -14.13 -9.80 -19.45
C LEU A 77 -15.57 -10.04 -19.91
N GLU A 78 -15.85 -9.72 -21.16
CA GLU A 78 -17.18 -9.91 -21.73
C GLU A 78 -17.22 -11.16 -22.62
N HIS A 79 -16.31 -12.09 -22.35
CA HIS A 79 -16.25 -13.33 -23.12
C HIS A 79 -15.80 -14.50 -22.24
N HIS A 80 -15.85 -15.70 -22.80
CA HIS A 80 -15.45 -16.90 -22.07
C HIS A 80 -13.95 -16.86 -21.74
N HIS A 81 -13.47 -17.94 -21.12
CA HIS A 81 -12.06 -18.03 -20.76
C HIS A 81 -11.21 -18.40 -21.97
N HIS A 82 -9.89 -18.39 -21.79
CA HIS A 82 -8.97 -18.72 -22.88
C HIS A 82 -7.52 -18.66 -22.40
N HIS A 83 -6.60 -19.07 -23.26
CA HIS A 83 -5.18 -19.05 -22.93
C HIS A 83 -4.44 -17.99 -23.74
N HIS A 84 -3.40 -17.41 -23.15
CA HIS A 84 -2.61 -16.39 -23.81
C HIS A 84 -1.97 -16.93 -25.08
N GLU A 1 6.04 -3.45 23.44
CA GLU A 1 4.95 -4.09 24.16
C GLU A 1 4.46 -5.34 23.43
N ALA A 2 3.62 -6.11 24.10
CA ALA A 2 3.08 -7.34 23.52
C ALA A 2 1.97 -7.03 22.52
N SER A 3 1.60 -5.75 22.43
CA SER A 3 0.54 -5.33 21.51
C SER A 3 1.10 -5.10 20.11
N SER A 4 2.40 -4.86 20.03
CA SER A 4 3.06 -4.61 18.76
C SER A 4 2.93 -5.82 17.84
N THR A 5 2.93 -7.01 18.44
CA THR A 5 2.82 -8.25 17.67
C THR A 5 1.39 -8.49 17.22
N ALA A 6 0.43 -7.98 18.00
CA ALA A 6 -0.98 -8.15 17.68
C ALA A 6 -1.36 -7.33 16.45
N ILE A 7 -0.65 -6.23 16.23
CA ILE A 7 -0.91 -5.36 15.08
C ILE A 7 -0.08 -5.78 13.88
N ARG A 8 0.96 -6.57 14.13
CA ARG A 8 1.83 -7.04 13.06
C ARG A 8 1.01 -7.69 11.95
N ALA A 9 -0.03 -8.42 12.32
CA ALA A 9 -0.89 -9.09 11.37
C ALA A 9 -1.96 -8.14 10.83
N LEU A 10 -2.34 -7.16 11.64
CA LEU A 10 -3.35 -6.20 11.25
C LEU A 10 -2.96 -5.49 9.96
N VAL A 11 -1.78 -4.88 9.95
CA VAL A 11 -1.28 -4.18 8.77
C VAL A 11 -1.24 -5.10 7.56
N LYS A 12 -1.17 -6.40 7.82
CA LYS A 12 -1.13 -7.39 6.74
C LYS A 12 -2.43 -7.40 5.95
N LYS A 13 -3.48 -6.82 6.54
CA LYS A 13 -4.78 -6.76 5.88
C LYS A 13 -4.95 -5.45 5.13
N LEU A 14 -4.45 -4.37 5.72
CA LEU A 14 -4.55 -3.05 5.09
C LEU A 14 -3.44 -2.85 4.05
N ILE A 15 -2.40 -3.66 4.15
CA ILE A 15 -1.29 -3.58 3.22
C ILE A 15 -1.75 -3.74 1.77
N ALA A 16 -2.84 -4.50 1.59
CA ALA A 16 -3.39 -4.73 0.26
C ALA A 16 -3.58 -3.41 -0.48
N ALA A 17 -3.82 -2.34 0.27
CA ALA A 17 -4.03 -1.01 -0.31
C ALA A 17 -3.18 0.03 0.39
N GLU A 18 -1.86 -0.16 0.35
CA GLU A 18 -0.93 0.77 0.98
C GLU A 18 -0.61 1.93 0.04
N ASN A 19 -0.14 3.03 0.62
CA ASN A 19 0.21 4.21 -0.16
C ASN A 19 -0.95 4.62 -1.07
N PRO A 20 -1.95 5.29 -0.48
CA PRO A 20 -3.13 5.75 -1.23
C PRO A 20 -2.81 6.90 -2.18
N ALA A 21 -1.54 7.31 -2.20
CA ALA A 21 -1.09 8.38 -3.08
C ALA A 21 -1.53 8.14 -4.52
N LYS A 22 -0.96 7.11 -5.14
CA LYS A 22 -1.29 6.77 -6.51
C LYS A 22 -2.66 6.09 -6.60
N PRO A 23 -2.77 4.93 -5.93
CA PRO A 23 -4.02 4.16 -5.91
C PRO A 23 -5.12 4.85 -5.10
N LEU A 24 -6.29 4.22 -5.05
CA LEU A 24 -7.42 4.78 -4.32
C LEU A 24 -7.00 5.20 -2.91
N SER A 25 -7.85 5.99 -2.26
CA SER A 25 -7.57 6.46 -0.91
C SER A 25 -7.61 5.31 0.09
N ASP A 26 -7.16 5.59 1.31
CA ASP A 26 -7.14 4.58 2.36
C ASP A 26 -8.49 4.51 3.08
N SER A 27 -9.50 5.12 2.47
CA SER A 27 -10.84 5.14 3.05
C SER A 27 -11.34 3.72 3.31
N LYS A 28 -10.75 2.76 2.60
CA LYS A 28 -11.13 1.35 2.75
C LYS A 28 -10.43 0.73 3.94
N LEU A 29 -9.10 0.64 3.86
CA LEU A 29 -8.31 0.05 4.93
C LEU A 29 -8.60 0.73 6.27
N THR A 30 -8.90 2.03 6.21
CA THR A 30 -9.20 2.81 7.41
C THR A 30 -10.66 2.63 7.81
N SER A 31 -11.49 2.21 6.86
CA SER A 31 -12.91 2.00 7.13
C SER A 31 -13.11 1.13 8.36
N LEU A 32 -12.22 0.16 8.54
CA LEU A 32 -12.30 -0.76 9.68
C LEU A 32 -12.44 0.02 10.99
N LEU A 33 -11.57 1.01 11.18
CA LEU A 33 -11.59 1.83 12.38
C LEU A 33 -12.54 3.01 12.23
N SER A 34 -12.82 3.38 10.98
CA SER A 34 -13.71 4.48 10.69
C SER A 34 -15.16 4.09 10.91
N GLU A 35 -15.38 2.80 11.19
CA GLU A 35 -16.73 2.30 11.43
C GLU A 35 -17.42 3.06 12.55
N GLN A 36 -16.61 3.64 13.45
CA GLN A 36 -17.14 4.40 14.58
C GLN A 36 -16.70 5.86 14.50
N GLY A 37 -15.48 6.08 14.01
CA GLY A 37 -14.96 7.43 13.88
C GLY A 37 -13.44 7.47 13.91
N ILE A 38 -12.83 6.40 14.41
CA ILE A 38 -11.38 6.32 14.48
C ILE A 38 -10.74 6.40 13.10
N MET A 39 -9.65 7.15 12.99
CA MET A 39 -8.95 7.31 11.72
C MET A 39 -7.45 7.41 11.94
N VAL A 40 -6.80 6.26 12.11
CA VAL A 40 -5.36 6.23 12.33
C VAL A 40 -4.66 5.42 11.24
N ALA A 41 -5.33 4.38 10.76
CA ALA A 41 -4.77 3.53 9.72
C ALA A 41 -4.18 4.37 8.58
N ARG A 42 -4.74 5.56 8.39
CA ARG A 42 -4.28 6.44 7.33
C ARG A 42 -2.76 6.60 7.39
N ARG A 43 -2.27 7.22 8.46
CA ARG A 43 -0.83 7.43 8.63
C ARG A 43 -0.18 6.23 9.28
N THR A 44 -0.96 5.48 10.06
CA THR A 44 -0.45 4.30 10.75
C THR A 44 -0.02 3.23 9.75
N VAL A 45 -0.95 2.82 8.90
CA VAL A 45 -0.66 1.79 7.90
C VAL A 45 0.59 2.14 7.09
N ALA A 46 0.70 3.41 6.71
CA ALA A 46 1.85 3.88 5.94
C ALA A 46 3.10 3.92 6.81
N LYS A 47 2.91 4.06 8.11
CA LYS A 47 4.03 4.12 9.05
C LYS A 47 4.59 2.73 9.31
N TYR A 48 3.70 1.74 9.36
CA TYR A 48 4.12 0.36 9.61
C TYR A 48 4.61 -0.30 8.32
N ARG A 49 4.11 0.18 7.18
CA ARG A 49 4.50 -0.36 5.89
C ARG A 49 6.00 -0.23 5.68
N GLU A 50 6.64 0.68 6.42
CA GLU A 50 8.07 0.90 6.31
C GLU A 50 8.84 -0.36 6.71
N SER A 51 8.29 -1.11 7.65
CA SER A 51 8.93 -2.34 8.13
C SER A 51 7.91 -3.47 8.24
N LEU A 52 7.20 -3.73 7.15
CA LEU A 52 6.20 -4.79 7.12
C LEU A 52 6.79 -6.10 7.63
N SER A 53 7.92 -6.49 7.07
CA SER A 53 8.59 -7.73 7.47
C SER A 53 7.61 -8.90 7.44
N ILE A 54 7.22 -9.32 6.24
CA ILE A 54 6.30 -10.43 6.07
C ILE A 54 6.88 -11.50 5.16
N PRO A 55 6.31 -12.71 5.24
CA PRO A 55 6.76 -13.85 4.43
C PRO A 55 6.40 -13.69 2.95
N PRO A 56 7.19 -14.32 2.08
CA PRO A 56 6.97 -14.25 0.63
C PRO A 56 5.70 -15.00 0.19
N SER A 57 5.33 -14.84 -1.07
CA SER A 57 4.15 -15.49 -1.61
C SER A 57 2.89 -14.97 -0.92
N ASN A 58 3.02 -13.86 -0.21
CA ASN A 58 1.89 -13.26 0.50
C ASN A 58 1.96 -11.73 0.44
N GLN A 59 2.65 -11.21 -0.58
CA GLN A 59 2.79 -9.78 -0.74
C GLN A 59 1.68 -9.23 -1.63
N ARG A 60 1.12 -10.07 -2.48
CA ARG A 60 0.05 -9.68 -3.38
C ARG A 60 0.55 -8.65 -4.40
N LYS A 61 1.87 -8.51 -4.48
CA LYS A 61 2.48 -7.56 -5.42
C LYS A 61 3.96 -7.87 -5.60
N GLN A 62 4.27 -9.07 -6.06
CA GLN A 62 5.65 -9.49 -6.28
C GLN A 62 6.38 -8.50 -7.18
N LEU A 63 7.69 -8.39 -7.01
CA LEU A 63 8.50 -7.47 -7.81
C LEU A 63 9.98 -7.68 -7.54
N VAL A 64 10.59 -8.57 -8.31
CA VAL A 64 12.02 -8.87 -8.15
C VAL A 64 12.80 -8.45 -9.39
N ALA A 65 13.78 -7.55 -9.19
CA ALA A 65 14.60 -7.07 -10.30
C ALA A 65 15.67 -6.10 -9.80
N ASN A 66 16.71 -5.92 -10.60
CA ASN A 66 17.80 -5.01 -10.24
C ASN A 66 17.78 -3.76 -11.11
N SER A 67 17.46 -3.95 -12.38
CA SER A 67 17.40 -2.84 -13.33
C SER A 67 16.41 -1.77 -12.86
N SER A 68 15.41 -2.19 -12.10
CA SER A 68 14.41 -1.28 -11.58
C SER A 68 15.05 -0.09 -10.87
N SER A 69 16.20 -0.34 -10.26
CA SER A 69 16.92 0.70 -9.55
C SER A 69 18.43 0.54 -9.72
N VAL A 70 18.86 0.35 -10.96
CA VAL A 70 20.28 0.19 -11.27
C VAL A 70 20.99 1.53 -11.37
N ASP A 71 20.24 2.56 -11.77
CA ASP A 71 20.79 3.90 -11.91
C ASP A 71 21.96 3.91 -12.90
N LYS A 72 21.74 3.31 -14.06
CA LYS A 72 22.78 3.24 -15.08
C LYS A 72 22.23 2.65 -16.38
N LEU A 73 23.10 2.45 -17.36
CA LEU A 73 22.70 1.89 -18.63
C LEU A 73 22.93 0.37 -18.67
N ALA A 74 22.99 -0.23 -17.49
CA ALA A 74 23.21 -1.67 -17.38
C ALA A 74 22.07 -2.45 -18.02
N ALA A 75 20.91 -1.79 -18.14
CA ALA A 75 19.74 -2.42 -18.74
C ALA A 75 20.07 -3.03 -20.10
N ALA A 76 21.04 -2.43 -20.78
CA ALA A 76 21.45 -2.91 -22.10
C ALA A 76 21.90 -4.37 -22.04
N LEU A 77 22.41 -4.78 -20.88
CA LEU A 77 22.87 -6.14 -20.69
C LEU A 77 21.69 -7.09 -20.45
N GLU A 78 20.63 -6.56 -19.85
CA GLU A 78 19.44 -7.36 -19.56
C GLU A 78 18.83 -7.90 -20.85
N HIS A 79 19.07 -7.20 -21.95
CA HIS A 79 18.55 -7.61 -23.24
C HIS A 79 18.92 -9.06 -23.56
N HIS A 80 20.06 -9.49 -23.02
CA HIS A 80 20.53 -10.85 -23.23
C HIS A 80 21.57 -11.24 -22.17
N HIS A 81 21.22 -11.02 -20.91
CA HIS A 81 22.12 -11.35 -19.81
C HIS A 81 21.44 -11.09 -18.47
N HIS A 82 22.13 -11.43 -17.38
CA HIS A 82 21.60 -11.23 -16.04
C HIS A 82 22.67 -11.52 -14.99
N HIS A 83 22.69 -10.71 -13.94
CA HIS A 83 23.65 -10.87 -12.86
C HIS A 83 23.33 -9.96 -11.68
N HIS A 84 23.81 -10.32 -10.50
CA HIS A 84 23.56 -9.53 -9.30
C HIS A 84 24.78 -8.66 -8.97
N GLU A 1 7.93 -6.65 25.53
CA GLU A 1 6.70 -6.38 24.79
C GLU A 1 6.67 -7.14 23.47
N ALA A 2 6.16 -8.37 23.52
CA ALA A 2 6.06 -9.21 22.33
C ALA A 2 4.89 -8.79 21.45
N SER A 3 4.09 -7.85 21.95
CA SER A 3 2.93 -7.36 21.21
C SER A 3 3.37 -6.49 20.04
N SER A 4 4.57 -5.94 20.13
CA SER A 4 5.10 -5.08 19.07
C SER A 4 5.19 -5.83 17.74
N THR A 5 5.31 -7.15 17.83
CA THR A 5 5.41 -7.99 16.64
C THR A 5 4.02 -8.40 16.15
N ALA A 6 3.10 -8.61 17.08
CA ALA A 6 1.74 -9.00 16.75
C ALA A 6 1.11 -8.00 15.79
N ILE A 7 1.59 -6.76 15.82
CA ILE A 7 1.07 -5.71 14.96
C ILE A 7 1.33 -6.03 13.49
N ARG A 8 2.34 -6.86 13.24
CA ARG A 8 2.69 -7.25 11.88
C ARG A 8 1.47 -7.81 11.14
N ALA A 9 0.54 -8.38 11.89
CA ALA A 9 -0.66 -8.95 11.31
C ALA A 9 -1.76 -7.91 11.17
N LEU A 10 -1.69 -6.86 12.00
CA LEU A 10 -2.68 -5.79 11.96
C LEU A 10 -2.66 -5.08 10.61
N VAL A 11 -1.47 -4.73 10.14
CA VAL A 11 -1.31 -4.04 8.87
C VAL A 11 -1.70 -4.95 7.71
N LYS A 12 -1.79 -6.25 7.99
CA LYS A 12 -2.16 -7.23 6.97
C LYS A 12 -3.66 -7.24 6.73
N LYS A 13 -4.42 -6.78 7.72
CA LYS A 13 -5.87 -6.73 7.61
C LYS A 13 -6.31 -5.53 6.77
N LEU A 14 -5.64 -4.40 6.97
CA LEU A 14 -5.97 -3.18 6.24
C LEU A 14 -5.70 -3.36 4.74
N ILE A 15 -4.78 -4.27 4.42
CA ILE A 15 -4.43 -4.54 3.03
C ILE A 15 -5.02 -5.85 2.56
N ALA A 16 -5.51 -6.66 3.50
CA ALA A 16 -6.09 -7.95 3.19
C ALA A 16 -7.26 -7.79 2.21
N ALA A 17 -7.84 -6.60 2.18
CA ALA A 17 -8.97 -6.32 1.28
C ALA A 17 -8.74 -5.03 0.51
N GLU A 18 -7.62 -4.97 -0.21
CA GLU A 18 -7.29 -3.79 -1.01
C GLU A 18 -6.35 -4.14 -2.15
N ASN A 19 -6.35 -3.34 -3.20
CA ASN A 19 -5.50 -3.57 -4.35
C ASN A 19 -4.40 -2.52 -4.43
N PRO A 20 -3.29 -2.77 -3.70
CA PRO A 20 -2.15 -1.87 -3.67
C PRO A 20 -1.38 -1.85 -4.99
N ALA A 21 -1.86 -2.63 -5.96
CA ALA A 21 -1.23 -2.70 -7.27
C ALA A 21 -0.96 -1.31 -7.83
N LYS A 22 -2.03 -0.56 -8.06
CA LYS A 22 -1.90 0.80 -8.59
C LYS A 22 -1.63 1.80 -7.47
N PRO A 23 -2.56 1.88 -6.51
CA PRO A 23 -2.43 2.78 -5.36
C PRO A 23 -1.33 2.37 -4.40
N LEU A 24 -1.10 3.18 -3.38
CA LEU A 24 -0.06 2.89 -2.39
C LEU A 24 -0.22 3.79 -1.16
N SER A 25 -1.45 4.22 -0.90
CA SER A 25 -1.74 5.08 0.24
C SER A 25 -2.74 4.42 1.18
N ASP A 26 -2.88 4.98 2.38
CA ASP A 26 -3.80 4.45 3.37
C ASP A 26 -5.14 5.17 3.31
N SER A 27 -5.79 5.11 2.15
CA SER A 27 -7.07 5.77 1.95
C SER A 27 -8.22 4.75 2.02
N LYS A 28 -8.11 3.71 1.21
CA LYS A 28 -9.13 2.66 1.18
C LYS A 28 -9.29 2.02 2.54
N LEU A 29 -8.20 1.50 3.09
CA LEU A 29 -8.22 0.86 4.39
C LEU A 29 -8.84 1.77 5.45
N THR A 30 -8.49 3.05 5.38
CA THR A 30 -9.02 4.04 6.33
C THR A 30 -10.48 4.38 6.02
N SER A 31 -10.89 4.11 4.77
CA SER A 31 -12.25 4.40 4.35
C SER A 31 -13.24 3.44 5.01
N LEU A 32 -12.98 2.14 4.88
CA LEU A 32 -13.85 1.12 5.46
C LEU A 32 -13.94 1.29 6.97
N LEU A 33 -12.86 1.80 7.57
CA LEU A 33 -12.83 2.01 9.02
C LEU A 33 -13.51 3.31 9.39
N SER A 34 -13.31 4.35 8.57
CA SER A 34 -13.91 5.65 8.82
C SER A 34 -15.40 5.63 8.48
N GLU A 35 -15.82 4.62 7.74
CA GLU A 35 -17.21 4.48 7.34
C GLU A 35 -18.13 4.45 8.56
N GLN A 36 -17.56 4.07 9.70
CA GLN A 36 -18.32 4.00 10.94
C GLN A 36 -17.90 5.09 11.91
N GLY A 37 -16.59 5.37 11.95
CA GLY A 37 -16.07 6.38 12.84
C GLY A 37 -14.62 6.17 13.18
N ILE A 38 -14.13 4.95 12.97
CA ILE A 38 -12.74 4.61 13.26
C ILE A 38 -11.79 5.53 12.50
N MET A 39 -10.61 5.76 13.08
CA MET A 39 -9.61 6.61 12.46
C MET A 39 -8.24 6.39 13.09
N VAL A 40 -7.62 5.26 12.78
CA VAL A 40 -6.31 4.92 13.32
C VAL A 40 -5.37 4.42 12.22
N ALA A 41 -5.91 3.55 11.36
CA ALA A 41 -5.13 2.99 10.27
C ALA A 41 -4.41 4.08 9.49
N ARG A 42 -4.98 5.28 9.50
CA ARG A 42 -4.39 6.41 8.79
C ARG A 42 -2.92 6.59 9.17
N ARG A 43 -2.68 6.92 10.44
CA ARG A 43 -1.33 7.13 10.94
C ARG A 43 -0.70 5.80 11.37
N THR A 44 -1.54 4.89 11.84
CA THR A 44 -1.07 3.59 12.30
C THR A 44 -0.40 2.82 11.15
N VAL A 45 -1.17 2.55 10.10
CA VAL A 45 -0.64 1.83 8.95
C VAL A 45 0.59 2.52 8.38
N ALA A 46 0.47 3.82 8.14
CA ALA A 46 1.58 4.60 7.60
C ALA A 46 2.82 4.48 8.48
N LYS A 47 2.61 4.42 9.79
CA LYS A 47 3.70 4.32 10.74
C LYS A 47 4.59 3.12 10.41
N TYR A 48 3.98 1.93 10.35
CA TYR A 48 4.71 0.71 10.05
C TYR A 48 5.08 0.65 8.56
N ARG A 49 4.28 1.32 7.73
CA ARG A 49 4.52 1.34 6.30
C ARG A 49 5.93 1.84 5.99
N GLU A 50 6.33 2.90 6.67
CA GLU A 50 7.66 3.49 6.46
C GLU A 50 8.74 2.41 6.60
N SER A 51 8.47 1.41 7.43
CA SER A 51 9.42 0.33 7.67
C SER A 51 8.71 -0.92 8.17
N LEU A 52 8.09 -1.65 7.25
CA LEU A 52 7.37 -2.87 7.59
C LEU A 52 8.25 -4.10 7.39
N SER A 53 9.16 -4.01 6.42
CA SER A 53 10.07 -5.11 6.13
C SER A 53 9.30 -6.42 5.96
N ILE A 54 8.68 -6.60 4.80
CA ILE A 54 7.92 -7.81 4.53
C ILE A 54 8.14 -8.29 3.10
N PRO A 55 7.81 -9.58 2.85
CA PRO A 55 7.96 -10.18 1.52
C PRO A 55 6.96 -9.62 0.52
N PRO A 56 7.32 -9.72 -0.78
CA PRO A 56 6.46 -9.24 -1.86
C PRO A 56 5.21 -10.09 -2.04
N SER A 57 4.28 -9.60 -2.87
CA SER A 57 3.04 -10.32 -3.12
C SER A 57 2.53 -10.05 -4.53
N ASN A 58 3.30 -10.50 -5.52
CA ASN A 58 2.93 -10.31 -6.92
C ASN A 58 1.87 -11.33 -7.35
N GLN A 59 1.82 -12.46 -6.65
CA GLN A 59 0.85 -13.49 -6.96
C GLN A 59 -0.43 -13.31 -6.15
N ARG A 60 -0.45 -12.27 -5.32
CA ARG A 60 -1.61 -11.98 -4.49
C ARG A 60 -2.86 -11.81 -5.34
N LYS A 61 -2.66 -11.50 -6.61
CA LYS A 61 -3.78 -11.31 -7.54
C LYS A 61 -3.51 -12.03 -8.86
N GLN A 62 -3.32 -13.34 -8.79
CA GLN A 62 -3.06 -14.14 -9.98
C GLN A 62 -4.25 -14.09 -10.95
N LEU A 63 -4.21 -14.93 -11.97
CA LEU A 63 -5.27 -14.98 -12.96
C LEU A 63 -5.44 -13.63 -13.65
N VAL A 64 -4.33 -12.92 -13.82
CA VAL A 64 -4.35 -11.61 -14.47
C VAL A 64 -4.94 -11.70 -15.87
N ALA A 65 -4.93 -12.91 -16.44
CA ALA A 65 -5.47 -13.14 -17.77
C ALA A 65 -5.79 -14.61 -18.00
N ASN A 66 -6.69 -14.88 -18.92
CA ASN A 66 -7.08 -16.25 -19.24
C ASN A 66 -6.09 -16.91 -20.18
N SER A 67 -5.41 -16.08 -20.98
CA SER A 67 -4.42 -16.58 -21.93
C SER A 67 -3.36 -17.41 -21.22
N SER A 68 -3.15 -17.14 -19.94
CA SER A 68 -2.16 -17.86 -19.15
C SER A 68 -2.37 -19.37 -19.26
N SER A 69 -3.62 -19.77 -19.46
CA SER A 69 -3.96 -21.19 -19.59
C SER A 69 -5.44 -21.36 -19.91
N VAL A 70 -5.86 -20.81 -21.05
CA VAL A 70 -7.25 -20.91 -21.48
C VAL A 70 -7.73 -22.36 -21.47
N ASP A 71 -6.86 -23.27 -21.90
CA ASP A 71 -7.19 -24.68 -21.95
C ASP A 71 -8.39 -24.94 -22.85
N LYS A 72 -8.34 -24.38 -24.06
CA LYS A 72 -9.42 -24.54 -25.02
C LYS A 72 -8.88 -24.58 -26.44
N LEU A 73 -8.37 -25.74 -26.86
CA LEU A 73 -7.81 -25.90 -28.19
C LEU A 73 -8.82 -26.56 -29.13
N ALA A 74 -10.10 -26.45 -28.77
CA ALA A 74 -11.17 -27.04 -29.58
C ALA A 74 -11.35 -26.27 -30.88
N ALA A 75 -10.89 -25.02 -30.90
CA ALA A 75 -11.00 -24.19 -32.09
C ALA A 75 -10.13 -24.72 -33.22
N ALA A 76 -8.99 -25.29 -32.86
CA ALA A 76 -8.07 -25.85 -33.85
C ALA A 76 -8.78 -26.84 -34.76
N LEU A 77 -9.79 -27.51 -34.23
CA LEU A 77 -10.55 -28.48 -35.01
C LEU A 77 -11.39 -27.79 -36.08
N GLU A 78 -11.86 -26.59 -35.77
CA GLU A 78 -12.67 -25.83 -36.72
C GLU A 78 -11.87 -25.50 -37.98
N HIS A 79 -10.59 -25.21 -37.81
CA HIS A 79 -9.72 -24.87 -38.92
C HIS A 79 -8.28 -24.69 -38.46
N HIS A 80 -7.33 -24.82 -39.40
CA HIS A 80 -5.92 -24.67 -39.08
C HIS A 80 -5.50 -23.20 -39.13
N HIS A 81 -4.50 -22.84 -38.34
CA HIS A 81 -4.01 -21.47 -38.30
C HIS A 81 -2.88 -21.27 -39.31
N HIS A 82 -3.18 -20.56 -40.39
CA HIS A 82 -2.20 -20.30 -41.43
C HIS A 82 -2.37 -18.89 -42.00
N HIS A 83 -1.27 -18.29 -42.45
CA HIS A 83 -1.30 -16.95 -43.01
C HIS A 83 -1.84 -15.95 -42.00
N HIS A 84 -1.87 -14.68 -42.39
CA HIS A 84 -2.37 -13.62 -41.52
C HIS A 84 -3.67 -13.04 -42.06
N GLU A 1 9.46 -5.92 23.58
CA GLU A 1 8.02 -6.12 23.47
C GLU A 1 7.70 -7.15 22.39
N ALA A 2 7.17 -8.30 22.82
CA ALA A 2 6.81 -9.36 21.89
C ALA A 2 5.50 -9.06 21.18
N SER A 3 4.86 -7.97 21.58
CA SER A 3 3.59 -7.56 20.98
C SER A 3 3.81 -6.75 19.71
N SER A 4 5.01 -6.16 19.60
CA SER A 4 5.36 -5.36 18.45
C SER A 4 5.35 -6.20 17.17
N THR A 5 5.73 -7.47 17.30
CA THR A 5 5.77 -8.37 16.17
C THR A 5 4.36 -8.85 15.79
N ALA A 6 3.47 -8.84 16.77
CA ALA A 6 2.09 -9.27 16.54
C ALA A 6 1.34 -8.25 15.69
N ILE A 7 1.80 -7.00 15.71
CA ILE A 7 1.17 -5.94 14.94
C ILE A 7 1.30 -6.19 13.44
N ARG A 8 2.22 -7.09 13.08
CA ARG A 8 2.44 -7.43 11.68
C ARG A 8 1.15 -7.94 11.03
N ALA A 9 0.24 -8.45 11.86
CA ALA A 9 -1.03 -8.97 11.37
C ALA A 9 -2.06 -7.84 11.22
N LEU A 10 -1.87 -6.77 11.98
CA LEU A 10 -2.79 -5.63 11.92
C LEU A 10 -2.74 -4.96 10.56
N VAL A 11 -1.53 -4.71 10.08
CA VAL A 11 -1.34 -4.06 8.78
C VAL A 11 -1.70 -5.00 7.65
N LYS A 12 -1.87 -6.28 7.97
CA LYS A 12 -2.21 -7.29 6.97
C LYS A 12 -3.71 -7.27 6.68
N LYS A 13 -4.51 -7.20 7.74
CA LYS A 13 -5.97 -7.17 7.59
C LYS A 13 -6.39 -6.08 6.61
N LEU A 14 -5.78 -4.91 6.71
CA LEU A 14 -6.09 -3.79 5.83
C LEU A 14 -6.04 -4.23 4.37
N ILE A 15 -4.96 -4.90 4.00
CA ILE A 15 -4.79 -5.38 2.63
C ILE A 15 -5.62 -6.63 2.37
N ALA A 16 -6.00 -7.31 3.44
CA ALA A 16 -6.80 -8.53 3.33
C ALA A 16 -8.04 -8.28 2.48
N ALA A 17 -8.54 -7.05 2.50
CA ALA A 17 -9.72 -6.69 1.71
C ALA A 17 -9.59 -5.28 1.15
N GLU A 18 -8.44 -4.99 0.55
CA GLU A 18 -8.19 -3.67 -0.03
C GLU A 18 -8.32 -3.72 -1.55
N ASN A 19 -8.97 -2.69 -2.12
CA ASN A 19 -9.16 -2.62 -3.56
C ASN A 19 -9.45 -1.19 -3.99
N PRO A 20 -8.41 -0.33 -3.93
CA PRO A 20 -8.54 1.08 -4.31
C PRO A 20 -8.72 1.26 -5.82
N ALA A 21 -7.86 0.62 -6.60
CA ALA A 21 -7.93 0.71 -8.04
C ALA A 21 -7.45 2.06 -8.54
N LYS A 22 -8.26 3.09 -8.31
CA LYS A 22 -7.92 4.45 -8.73
C LYS A 22 -6.93 5.09 -7.76
N PRO A 23 -7.35 5.23 -6.50
CA PRO A 23 -6.52 5.82 -5.45
C PRO A 23 -5.35 4.92 -5.05
N LEU A 24 -4.51 5.41 -4.15
CA LEU A 24 -3.34 4.65 -3.70
C LEU A 24 -3.64 3.97 -2.37
N SER A 25 -2.83 2.96 -2.04
CA SER A 25 -3.00 2.21 -0.80
C SER A 25 -3.05 3.17 0.39
N ASP A 26 -3.45 2.63 1.54
CA ASP A 26 -3.53 3.43 2.77
C ASP A 26 -4.64 4.47 2.64
N SER A 27 -5.48 4.33 1.62
CA SER A 27 -6.57 5.26 1.39
C SER A 27 -7.91 4.55 1.44
N LYS A 28 -7.91 3.27 1.07
CA LYS A 28 -9.13 2.47 1.06
C LYS A 28 -9.39 1.86 2.43
N LEU A 29 -8.36 1.24 3.01
CA LEU A 29 -8.48 0.63 4.32
C LEU A 29 -9.05 1.61 5.34
N THR A 30 -8.58 2.85 5.26
CA THR A 30 -9.04 3.90 6.18
C THR A 30 -10.52 4.21 5.96
N SER A 31 -10.97 4.03 4.72
CA SER A 31 -12.37 4.30 4.37
C SER A 31 -13.30 3.34 5.10
N LEU A 32 -13.05 2.04 4.94
CA LEU A 32 -13.87 1.02 5.58
C LEU A 32 -13.96 1.25 7.08
N LEU A 33 -12.91 1.84 7.65
CA LEU A 33 -12.87 2.12 9.08
C LEU A 33 -13.60 3.42 9.40
N SER A 34 -13.40 4.43 8.55
CA SER A 34 -14.04 5.73 8.75
C SER A 34 -15.52 5.65 8.42
N GLU A 35 -15.93 4.56 7.78
CA GLU A 35 -17.33 4.37 7.42
C GLU A 35 -18.24 4.45 8.64
N GLN A 36 -17.66 4.18 9.82
CA GLN A 36 -18.41 4.22 11.06
C GLN A 36 -17.95 5.39 11.93
N GLY A 37 -16.65 5.68 11.90
CA GLY A 37 -16.11 6.76 12.69
C GLY A 37 -14.64 6.56 13.02
N ILE A 38 -14.17 5.33 12.88
CA ILE A 38 -12.78 5.01 13.18
C ILE A 38 -11.84 5.90 12.37
N MET A 39 -10.66 6.17 12.94
CA MET A 39 -9.66 7.00 12.27
C MET A 39 -8.28 6.79 12.88
N VAL A 40 -7.68 5.65 12.56
CA VAL A 40 -6.34 5.34 13.08
C VAL A 40 -5.40 4.93 11.95
N ALA A 41 -5.91 4.12 11.02
CA ALA A 41 -5.11 3.67 9.90
C ALA A 41 -4.39 4.83 9.22
N ARG A 42 -4.99 6.01 9.29
CA ARG A 42 -4.41 7.21 8.70
C ARG A 42 -2.95 7.37 9.11
N ARG A 43 -2.72 7.59 10.40
CA ARG A 43 -1.37 7.77 10.92
C ARG A 43 -0.74 6.42 11.25
N THR A 44 -1.56 5.49 11.75
CA THR A 44 -1.08 4.17 12.11
C THR A 44 -0.33 3.51 10.95
N VAL A 45 -1.02 3.35 9.83
CA VAL A 45 -0.43 2.75 8.64
C VAL A 45 0.90 3.41 8.30
N ALA A 46 0.94 4.72 8.41
CA ALA A 46 2.15 5.48 8.12
C ALA A 46 3.24 5.20 9.15
N LYS A 47 2.83 4.99 10.39
CA LYS A 47 3.76 4.71 11.47
C LYS A 47 4.46 3.37 11.26
N TYR A 48 3.69 2.36 10.90
CA TYR A 48 4.23 1.02 10.65
C TYR A 48 4.84 0.92 9.26
N ARG A 49 4.40 1.80 8.36
CA ARG A 49 4.91 1.81 7.00
C ARG A 49 6.43 1.88 6.98
N GLU A 50 6.98 2.76 7.81
CA GLU A 50 8.43 2.93 7.88
C GLU A 50 9.12 1.59 8.10
N SER A 51 8.43 0.68 8.78
CA SER A 51 8.97 -0.64 9.07
C SER A 51 7.94 -1.73 8.77
N LEU A 52 7.43 -1.74 7.55
CA LEU A 52 6.43 -2.73 7.15
C LEU A 52 6.92 -4.14 7.45
N SER A 53 8.13 -4.45 7.01
CA SER A 53 8.72 -5.77 7.24
C SER A 53 7.76 -6.87 6.79
N ILE A 54 6.95 -6.56 5.78
CA ILE A 54 5.98 -7.52 5.25
C ILE A 54 6.69 -8.65 4.51
N PRO A 55 6.17 -9.88 4.67
CA PRO A 55 6.73 -11.06 4.03
C PRO A 55 6.50 -11.07 2.51
N PRO A 56 7.21 -11.97 1.81
CA PRO A 56 7.11 -12.09 0.36
C PRO A 56 5.76 -12.64 -0.09
N SER A 57 5.51 -12.61 -1.39
CA SER A 57 4.26 -13.12 -1.95
C SER A 57 3.08 -12.28 -1.46
N ASN A 58 3.38 -11.11 -0.90
CA ASN A 58 2.34 -10.22 -0.39
C ASN A 58 2.75 -8.76 -0.57
N GLN A 59 3.64 -8.51 -1.54
CA GLN A 59 4.11 -7.14 -1.80
C GLN A 59 3.30 -6.51 -2.94
N ARG A 60 2.74 -7.33 -3.79
CA ARG A 60 1.94 -6.85 -4.91
C ARG A 60 2.82 -6.07 -5.90
N LYS A 61 4.13 -6.20 -5.74
CA LYS A 61 5.07 -5.51 -6.62
C LYS A 61 6.47 -6.12 -6.49
N GLN A 62 6.57 -7.42 -6.78
CA GLN A 62 7.86 -8.10 -6.70
C GLN A 62 8.50 -8.24 -8.07
N LEU A 63 9.81 -8.43 -8.10
CA LEU A 63 10.54 -8.57 -9.35
C LEU A 63 10.46 -7.29 -10.17
N VAL A 64 11.37 -7.15 -11.13
CA VAL A 64 11.39 -5.97 -11.99
C VAL A 64 11.63 -6.36 -13.44
N ALA A 65 11.46 -5.40 -14.35
CA ALA A 65 11.67 -5.64 -15.77
C ALA A 65 11.94 -4.34 -16.52
N ASN A 66 12.61 -4.46 -17.66
CA ASN A 66 12.94 -3.29 -18.47
C ASN A 66 11.71 -2.77 -19.20
N SER A 67 10.76 -3.66 -19.46
CA SER A 67 9.54 -3.29 -20.16
C SER A 67 8.58 -2.54 -19.23
N SER A 68 8.63 -2.88 -17.95
CA SER A 68 7.77 -2.26 -16.95
C SER A 68 8.04 -0.76 -16.87
N SER A 69 9.27 -0.37 -17.18
CA SER A 69 9.67 1.04 -17.14
C SER A 69 9.23 1.76 -18.40
N VAL A 70 9.53 1.16 -19.55
CA VAL A 70 9.16 1.75 -20.83
C VAL A 70 7.74 1.37 -21.24
N ASP A 71 7.34 1.77 -22.44
CA ASP A 71 6.01 1.46 -22.94
C ASP A 71 4.93 2.14 -22.07
N LYS A 72 4.95 3.46 -22.06
CA LYS A 72 3.98 4.23 -21.27
C LYS A 72 2.74 4.55 -22.10
N LEU A 73 1.66 4.92 -21.42
CA LEU A 73 0.41 5.25 -22.10
C LEU A 73 0.01 6.69 -21.82
N ALA A 74 0.99 7.52 -21.44
CA ALA A 74 0.74 8.92 -21.14
C ALA A 74 0.53 9.72 -22.43
N ALA A 75 1.02 9.19 -23.54
CA ALA A 75 0.88 9.85 -24.83
C ALA A 75 -0.56 9.82 -25.31
N ALA A 76 -1.17 8.64 -25.27
CA ALA A 76 -2.56 8.48 -25.70
C ALA A 76 -3.47 9.44 -24.97
N LEU A 77 -3.11 9.79 -23.74
CA LEU A 77 -3.90 10.71 -22.93
C LEU A 77 -3.90 12.11 -23.54
N GLU A 78 -2.83 12.43 -24.26
CA GLU A 78 -2.71 13.74 -24.89
C GLU A 78 -3.17 13.69 -26.35
N HIS A 79 -4.03 12.72 -26.65
CA HIS A 79 -4.56 12.57 -28.01
C HIS A 79 -5.19 13.86 -28.49
N HIS A 80 -5.43 13.94 -29.80
CA HIS A 80 -6.03 15.13 -30.40
C HIS A 80 -7.54 14.96 -30.55
N HIS A 81 -8.26 16.07 -30.50
CA HIS A 81 -9.72 16.04 -30.64
C HIS A 81 -10.30 17.45 -30.61
N HIS A 82 -11.47 17.62 -31.21
CA HIS A 82 -12.13 18.92 -31.25
C HIS A 82 -13.56 18.82 -30.73
N HIS A 83 -14.40 18.08 -31.45
CA HIS A 83 -15.80 17.92 -31.06
C HIS A 83 -16.46 16.83 -31.90
N HIS A 84 -17.71 16.50 -31.57
CA HIS A 84 -18.45 15.49 -32.30
C HIS A 84 -17.66 14.18 -32.39
N GLU A 1 6.32 -6.82 24.88
CA GLU A 1 7.33 -6.87 23.84
C GLU A 1 6.90 -7.78 22.70
N ALA A 2 6.23 -8.87 23.04
CA ALA A 2 5.76 -9.82 22.05
C ALA A 2 4.53 -9.31 21.32
N SER A 3 4.03 -8.15 21.77
CA SER A 3 2.85 -7.55 21.17
C SER A 3 3.22 -6.73 19.94
N SER A 4 4.48 -6.32 19.87
CA SER A 4 4.97 -5.53 18.75
C SER A 4 4.72 -6.25 17.43
N THR A 5 4.63 -7.58 17.49
CA THR A 5 4.40 -8.38 16.30
C THR A 5 2.90 -8.55 16.03
N ALA A 6 2.09 -8.35 17.07
CA ALA A 6 0.65 -8.47 16.94
C ALA A 6 0.10 -7.48 15.93
N ILE A 7 0.67 -6.27 15.91
CA ILE A 7 0.23 -5.24 14.99
C ILE A 7 0.87 -5.43 13.62
N ARG A 8 1.94 -6.20 13.56
CA ARG A 8 2.63 -6.46 12.31
C ARG A 8 1.68 -7.02 11.26
N ALA A 9 0.59 -7.65 11.72
CA ALA A 9 -0.40 -8.21 10.82
C ALA A 9 -1.52 -7.22 10.55
N LEU A 10 -1.72 -6.29 11.48
CA LEU A 10 -2.77 -5.28 11.34
C LEU A 10 -2.61 -4.52 10.03
N VAL A 11 -1.45 -3.91 9.83
CA VAL A 11 -1.17 -3.15 8.62
C VAL A 11 -1.35 -4.02 7.37
N LYS A 12 -1.29 -5.34 7.56
CA LYS A 12 -1.44 -6.27 6.45
C LYS A 12 -2.91 -6.46 6.10
N LYS A 13 -3.76 -6.52 7.12
CA LYS A 13 -5.20 -6.69 6.92
C LYS A 13 -5.74 -5.64 5.97
N LEU A 14 -5.09 -4.48 5.94
CA LEU A 14 -5.51 -3.39 5.07
C LEU A 14 -5.50 -3.82 3.60
N ILE A 15 -4.77 -4.90 3.32
CA ILE A 15 -4.68 -5.41 1.96
C ILE A 15 -5.10 -6.89 1.90
N ALA A 16 -4.61 -7.67 2.84
CA ALA A 16 -4.94 -9.10 2.90
C ALA A 16 -6.45 -9.30 2.82
N ALA A 17 -7.20 -8.47 3.53
CA ALA A 17 -8.66 -8.57 3.54
C ALA A 17 -9.27 -7.65 2.50
N GLU A 18 -8.63 -7.57 1.33
CA GLU A 18 -9.11 -6.71 0.25
C GLU A 18 -8.64 -7.23 -1.10
N ASN A 19 -9.21 -6.69 -2.17
CA ASN A 19 -8.84 -7.10 -3.52
C ASN A 19 -8.09 -5.98 -4.24
N PRO A 20 -6.78 -5.88 -3.97
CA PRO A 20 -5.92 -4.86 -4.57
C PRO A 20 -5.69 -5.12 -6.06
N ALA A 21 -6.22 -6.22 -6.56
CA ALA A 21 -6.07 -6.59 -7.96
C ALA A 21 -6.20 -5.36 -8.85
N LYS A 22 -7.40 -4.80 -8.91
CA LYS A 22 -7.66 -3.63 -9.74
C LYS A 22 -7.34 -2.35 -8.97
N PRO A 23 -8.08 -2.13 -7.86
CA PRO A 23 -7.88 -0.94 -7.02
C PRO A 23 -6.57 -0.97 -6.26
N LEU A 24 -6.31 0.07 -5.49
CA LEU A 24 -5.07 0.17 -4.71
C LEU A 24 -5.36 0.07 -3.22
N SER A 25 -5.19 -1.14 -2.67
CA SER A 25 -5.42 -1.38 -1.25
C SER A 25 -4.66 -0.36 -0.39
N ASP A 26 -4.93 -0.38 0.91
CA ASP A 26 -4.27 0.53 1.83
C ASP A 26 -4.71 1.97 1.58
N SER A 27 -4.92 2.72 2.66
CA SER A 27 -5.35 4.11 2.56
C SER A 27 -6.85 4.20 2.29
N LYS A 28 -7.43 3.10 1.81
CA LYS A 28 -8.85 3.05 1.51
C LYS A 28 -9.63 2.46 2.68
N LEU A 29 -9.23 1.28 3.12
CA LEU A 29 -9.89 0.60 4.23
C LEU A 29 -10.00 1.52 5.43
N THR A 30 -9.08 2.47 5.54
CA THR A 30 -9.06 3.41 6.65
C THR A 30 -10.27 4.35 6.58
N SER A 31 -10.65 4.72 5.37
CA SER A 31 -11.79 5.62 5.16
C SER A 31 -13.07 5.00 5.70
N LEU A 32 -13.38 3.79 5.24
CA LEU A 32 -14.59 3.09 5.68
C LEU A 32 -14.53 2.81 7.18
N LEU A 33 -13.33 2.64 7.71
CA LEU A 33 -13.14 2.37 9.13
C LEU A 33 -13.74 3.49 9.98
N SER A 34 -13.89 4.66 9.38
CA SER A 34 -14.46 5.81 10.07
C SER A 34 -15.97 5.82 9.99
N GLU A 35 -16.51 5.06 9.03
CA GLU A 35 -17.96 4.97 8.84
C GLU A 35 -18.63 4.36 10.06
N GLN A 36 -17.83 3.72 10.91
CA GLN A 36 -18.35 3.08 12.12
C GLN A 36 -17.82 3.78 13.37
N GLY A 37 -16.52 4.01 13.41
CA GLY A 37 -15.91 4.68 14.54
C GLY A 37 -14.41 4.48 14.59
N ILE A 38 -13.92 3.44 13.93
CA ILE A 38 -12.49 3.15 13.90
C ILE A 38 -11.71 4.31 13.29
N MET A 39 -10.45 4.43 13.67
CA MET A 39 -9.59 5.50 13.16
C MET A 39 -8.14 5.30 13.63
N VAL A 40 -7.47 4.33 13.05
CA VAL A 40 -6.08 4.05 13.41
C VAL A 40 -5.24 3.74 12.17
N ALA A 41 -5.79 2.91 11.29
CA ALA A 41 -5.10 2.53 10.07
C ALA A 41 -4.57 3.76 9.33
N ARG A 42 -5.25 4.89 9.51
CA ARG A 42 -4.86 6.13 8.86
C ARG A 42 -3.38 6.43 9.12
N ARG A 43 -3.05 6.69 10.38
CA ARG A 43 -1.67 6.99 10.75
C ARG A 43 -0.88 5.71 11.00
N THR A 44 -1.54 4.71 11.59
CA THR A 44 -0.89 3.44 11.87
C THR A 44 -0.18 2.89 10.65
N VAL A 45 -0.93 2.72 9.56
CA VAL A 45 -0.37 2.20 8.32
C VAL A 45 0.89 2.97 7.92
N ALA A 46 0.83 4.29 8.03
CA ALA A 46 1.96 5.13 7.68
C ALA A 46 3.11 4.94 8.67
N LYS A 47 2.77 4.66 9.91
CA LYS A 47 3.78 4.44 10.96
C LYS A 47 4.63 3.22 10.64
N TYR A 48 3.97 2.11 10.33
CA TYR A 48 4.68 0.87 10.01
C TYR A 48 5.16 0.87 8.56
N ARG A 49 4.51 1.69 7.74
CA ARG A 49 4.87 1.77 6.32
C ARG A 49 6.37 2.03 6.17
N GLU A 50 6.91 2.92 7.00
CA GLU A 50 8.33 3.24 6.94
C GLU A 50 9.19 1.98 6.99
N SER A 51 8.71 0.98 7.73
CA SER A 51 9.43 -0.28 7.86
C SER A 51 8.47 -1.47 7.79
N LEU A 52 7.68 -1.52 6.72
CA LEU A 52 6.73 -2.59 6.53
C LEU A 52 7.43 -3.95 6.46
N SER A 53 8.45 -4.05 5.62
CA SER A 53 9.20 -5.28 5.46
C SER A 53 8.27 -6.45 5.20
N ILE A 54 7.13 -6.17 4.58
CA ILE A 54 6.16 -7.21 4.27
C ILE A 54 6.66 -8.14 3.17
N PRO A 55 6.37 -9.44 3.32
CA PRO A 55 6.78 -10.46 2.35
C PRO A 55 6.03 -10.34 1.03
N PRO A 56 6.53 -11.05 0.00
CA PRO A 56 5.93 -11.03 -1.34
C PRO A 56 4.57 -11.75 -1.37
N SER A 57 3.88 -11.63 -2.49
CA SER A 57 2.57 -12.25 -2.65
C SER A 57 1.56 -11.67 -1.67
N ASN A 58 1.91 -10.53 -1.08
CA ASN A 58 1.03 -9.87 -0.12
C ASN A 58 0.70 -8.44 -0.57
N GLN A 59 1.71 -7.75 -1.11
CA GLN A 59 1.52 -6.38 -1.59
C GLN A 59 0.84 -6.37 -2.95
N ARG A 60 1.00 -7.46 -3.69
CA ARG A 60 0.40 -7.58 -5.01
C ARG A 60 0.83 -6.41 -5.91
N LYS A 61 2.13 -6.11 -5.91
CA LYS A 61 2.67 -5.03 -6.71
C LYS A 61 4.17 -5.20 -6.92
N GLN A 62 4.78 -4.25 -7.63
CA GLN A 62 6.21 -4.30 -7.90
C GLN A 62 6.57 -5.54 -8.70
N LEU A 63 7.79 -5.57 -9.22
CA LEU A 63 8.27 -6.71 -10.01
C LEU A 63 9.75 -6.57 -10.33
N VAL A 64 10.24 -7.44 -11.21
CA VAL A 64 11.64 -7.40 -11.61
C VAL A 64 11.89 -6.36 -12.69
N ALA A 65 11.51 -5.11 -12.41
CA ALA A 65 11.69 -4.03 -13.37
C ALA A 65 11.58 -2.67 -12.67
N ASN A 66 12.58 -2.34 -11.86
CA ASN A 66 12.59 -1.08 -11.14
C ASN A 66 12.84 0.09 -12.09
N SER A 67 13.51 -0.20 -13.20
CA SER A 67 13.82 0.82 -14.19
C SER A 67 12.55 1.52 -14.66
N SER A 68 11.42 0.85 -14.52
CA SER A 68 10.13 1.41 -14.94
C SER A 68 9.94 2.80 -14.35
N SER A 69 10.49 3.03 -13.17
CA SER A 69 10.37 4.31 -12.49
C SER A 69 11.23 4.34 -11.24
N VAL A 70 12.54 4.22 -11.40
CA VAL A 70 13.46 4.24 -10.27
C VAL A 70 14.49 5.35 -10.43
N ASP A 71 14.89 5.61 -11.68
CA ASP A 71 15.87 6.65 -11.97
C ASP A 71 17.22 6.31 -11.32
N LYS A 72 17.68 5.08 -11.53
CA LYS A 72 18.95 4.64 -10.98
C LYS A 72 20.07 4.74 -12.01
N LEU A 73 21.31 4.80 -11.54
CA LEU A 73 22.46 4.90 -12.43
C LEU A 73 23.36 3.67 -12.30
N ALA A 74 23.02 2.81 -11.35
CA ALA A 74 23.80 1.60 -11.12
C ALA A 74 23.69 0.64 -12.30
N ALA A 75 22.63 0.81 -13.09
CA ALA A 75 22.40 -0.03 -14.26
C ALA A 75 23.60 0.02 -15.22
N ALA A 76 24.33 1.13 -15.17
CA ALA A 76 25.50 1.31 -16.03
C ALA A 76 26.51 0.20 -15.82
N LEU A 77 26.94 0.02 -14.57
CA LEU A 77 27.92 -1.00 -14.24
C LEU A 77 27.23 -2.35 -14.01
N GLU A 78 25.97 -2.31 -13.62
CA GLU A 78 25.19 -3.52 -13.39
C GLU A 78 24.39 -3.91 -14.61
N HIS A 79 24.84 -3.47 -15.78
CA HIS A 79 24.16 -3.76 -17.03
C HIS A 79 23.92 -5.26 -17.17
N HIS A 80 22.70 -5.63 -17.56
CA HIS A 80 22.34 -7.03 -17.74
C HIS A 80 21.97 -7.32 -19.18
N HIS A 81 22.00 -8.60 -19.56
CA HIS A 81 21.67 -9.01 -20.91
C HIS A 81 21.70 -10.53 -21.05
N HIS A 82 20.80 -11.07 -21.88
CA HIS A 82 20.74 -12.51 -22.09
C HIS A 82 20.87 -12.84 -23.56
N HIS A 83 21.93 -12.35 -24.19
CA HIS A 83 22.18 -12.60 -25.61
C HIS A 83 23.11 -13.79 -25.80
N HIS A 84 23.40 -14.11 -27.05
CA HIS A 84 24.28 -15.23 -27.37
C HIS A 84 25.75 -14.79 -27.33
N GLU A 1 7.46 -5.66 24.07
CA GLU A 1 8.61 -6.23 23.38
C GLU A 1 8.17 -7.28 22.37
N ALA A 2 7.55 -8.35 22.86
CA ALA A 2 7.08 -9.42 21.99
C ALA A 2 5.78 -9.03 21.29
N SER A 3 5.24 -7.88 21.65
CA SER A 3 4.00 -7.39 21.07
C SER A 3 4.25 -6.76 19.70
N SER A 4 5.50 -6.33 19.48
CA SER A 4 5.87 -5.70 18.22
C SER A 4 5.49 -6.58 17.04
N THR A 5 5.53 -7.89 17.25
CA THR A 5 5.21 -8.85 16.20
C THR A 5 3.69 -9.05 16.11
N ALA A 6 3.00 -8.81 17.21
CA ALA A 6 1.55 -8.96 17.25
C ALA A 6 0.86 -7.92 16.39
N ILE A 7 1.47 -6.75 16.28
CA ILE A 7 0.92 -5.67 15.48
C ILE A 7 1.15 -5.92 13.99
N ARG A 8 2.07 -6.82 13.68
CA ARG A 8 2.39 -7.15 12.30
C ARG A 8 1.17 -7.71 11.57
N ALA A 9 0.18 -8.16 12.35
CA ALA A 9 -1.04 -8.71 11.78
C ALA A 9 -2.06 -7.62 11.50
N LEU A 10 -1.95 -6.52 12.21
CA LEU A 10 -2.87 -5.40 12.04
C LEU A 10 -2.78 -4.83 10.62
N VAL A 11 -1.55 -4.60 10.16
CA VAL A 11 -1.33 -4.07 8.82
C VAL A 11 -1.75 -5.06 7.75
N LYS A 12 -1.95 -6.32 8.17
CA LYS A 12 -2.35 -7.38 7.25
C LYS A 12 -3.86 -7.32 6.99
N LYS A 13 -4.58 -6.69 7.91
CA LYS A 13 -6.04 -6.56 7.77
C LYS A 13 -6.39 -5.43 6.80
N LEU A 14 -5.65 -4.33 6.88
CA LEU A 14 -5.88 -3.19 6.02
C LEU A 14 -5.52 -3.51 4.57
N ILE A 15 -4.67 -4.52 4.39
CA ILE A 15 -4.25 -4.94 3.06
C ILE A 15 -4.97 -6.20 2.62
N ALA A 16 -5.43 -6.98 3.59
CA ALA A 16 -6.13 -8.23 3.31
C ALA A 16 -7.28 -7.99 2.31
N ALA A 17 -7.84 -6.79 2.33
CA ALA A 17 -8.93 -6.44 1.44
C ALA A 17 -8.72 -5.06 0.84
N GLU A 18 -7.57 -4.84 0.22
CA GLU A 18 -7.25 -3.56 -0.40
C GLU A 18 -7.03 -3.71 -1.90
N ASN A 19 -7.59 -2.77 -2.66
CA ASN A 19 -7.46 -2.81 -4.12
C ASN A 19 -7.54 -1.40 -4.70
N PRO A 20 -6.48 -0.60 -4.46
CA PRO A 20 -6.41 0.78 -4.96
C PRO A 20 -6.25 0.84 -6.48
N ALA A 21 -5.29 0.09 -7.00
CA ALA A 21 -5.04 0.06 -8.44
C ALA A 21 -4.36 1.34 -8.90
N LYS A 22 -5.13 2.43 -8.93
CA LYS A 22 -4.60 3.72 -9.35
C LYS A 22 -3.81 4.38 -8.23
N PRO A 23 -4.48 4.65 -7.10
CA PRO A 23 -3.86 5.28 -5.94
C PRO A 23 -2.86 4.35 -5.25
N LEU A 24 -2.20 4.87 -4.21
CA LEU A 24 -1.22 4.09 -3.46
C LEU A 24 -1.06 4.63 -2.06
N SER A 25 -2.14 5.15 -1.49
CA SER A 25 -2.12 5.71 -0.15
C SER A 25 -3.11 4.99 0.76
N ASP A 26 -3.00 5.22 2.06
CA ASP A 26 -3.87 4.60 3.04
C ASP A 26 -5.22 5.32 3.10
N SER A 27 -5.89 5.40 1.96
CA SER A 27 -7.19 6.08 1.89
C SER A 27 -8.33 5.06 1.92
N LYS A 28 -8.15 3.96 1.19
CA LYS A 28 -9.16 2.91 1.13
C LYS A 28 -9.26 2.17 2.47
N LEU A 29 -8.14 1.60 2.91
CA LEU A 29 -8.10 0.87 4.17
C LEU A 29 -8.70 1.70 5.30
N THR A 30 -8.45 3.01 5.28
CA THR A 30 -8.96 3.90 6.30
C THR A 30 -10.40 4.31 5.99
N SER A 31 -10.76 4.28 4.71
CA SER A 31 -12.11 4.66 4.29
C SER A 31 -13.14 3.68 4.83
N LEU A 32 -12.93 2.40 4.55
CA LEU A 32 -13.84 1.36 5.02
C LEU A 32 -13.93 1.35 6.55
N LEU A 33 -12.83 1.71 7.20
CA LEU A 33 -12.78 1.76 8.66
C LEU A 33 -13.43 3.03 9.19
N SER A 34 -13.41 4.08 8.38
CA SER A 34 -13.99 5.36 8.76
C SER A 34 -15.50 5.38 8.51
N GLU A 35 -15.94 4.51 7.60
CA GLU A 35 -17.36 4.43 7.25
C GLU A 35 -18.18 3.96 8.45
N GLN A 36 -17.50 3.42 9.45
CA GLN A 36 -18.17 2.93 10.65
C GLN A 36 -17.91 3.85 11.83
N GLY A 37 -16.68 4.33 11.95
CA GLY A 37 -16.33 5.22 13.04
C GLY A 37 -14.86 5.12 13.42
N ILE A 38 -14.20 4.08 12.94
CA ILE A 38 -12.78 3.87 13.24
C ILE A 38 -11.92 4.93 12.55
N MET A 39 -10.73 5.16 13.10
CA MET A 39 -9.81 6.14 12.55
C MET A 39 -8.43 6.00 13.17
N VAL A 40 -7.73 4.94 12.80
CA VAL A 40 -6.39 4.68 13.31
C VAL A 40 -5.43 4.29 12.20
N ALA A 41 -5.90 3.42 11.31
CA ALA A 41 -5.09 2.95 10.19
C ALA A 41 -4.45 4.13 9.45
N ARG A 42 -5.09 5.29 9.52
CA ARG A 42 -4.58 6.48 8.86
C ARG A 42 -3.13 6.75 9.25
N ARG A 43 -2.92 7.06 10.52
CA ARG A 43 -1.58 7.33 11.03
C ARG A 43 -0.87 6.04 11.42
N THR A 44 -1.65 5.01 11.76
CA THR A 44 -1.10 3.73 12.16
C THR A 44 -0.41 3.04 10.98
N VAL A 45 -1.18 2.72 9.94
CA VAL A 45 -0.64 2.06 8.76
C VAL A 45 0.58 2.81 8.22
N ALA A 46 0.45 4.12 8.09
CA ALA A 46 1.54 4.95 7.60
C ALA A 46 2.76 4.87 8.51
N LYS A 47 2.51 4.67 9.80
CA LYS A 47 3.58 4.58 10.78
C LYS A 47 4.43 3.33 10.54
N TYR A 48 3.76 2.19 10.33
CA TYR A 48 4.46 0.94 10.08
C TYR A 48 4.93 0.86 8.64
N ARG A 49 4.29 1.61 7.76
CA ARG A 49 4.63 1.63 6.34
C ARG A 49 6.13 1.87 6.16
N GLU A 50 6.68 2.80 6.94
CA GLU A 50 8.09 3.13 6.86
C GLU A 50 8.95 1.88 6.97
N SER A 51 8.45 0.88 7.70
CA SER A 51 9.18 -0.37 7.86
C SER A 51 8.26 -1.56 7.61
N LEU A 52 7.62 -1.57 6.45
CA LEU A 52 6.73 -2.66 6.07
C LEU A 52 7.46 -3.99 6.04
N SER A 53 8.59 -4.03 5.35
CA SER A 53 9.39 -5.24 5.24
C SER A 53 8.53 -6.42 4.80
N ILE A 54 7.48 -6.12 4.04
CA ILE A 54 6.58 -7.16 3.55
C ILE A 54 7.25 -8.03 2.50
N PRO A 55 6.97 -9.34 2.55
CA PRO A 55 7.54 -10.32 1.61
C PRO A 55 7.00 -10.14 0.19
N PRO A 56 7.64 -10.80 -0.78
CA PRO A 56 7.24 -10.74 -2.18
C PRO A 56 5.92 -11.46 -2.44
N SER A 57 5.39 -11.28 -3.64
CA SER A 57 4.13 -11.91 -4.01
C SER A 57 3.79 -11.64 -5.48
N ASN A 58 4.65 -12.10 -6.38
CA ASN A 58 4.44 -11.90 -7.81
C ASN A 58 3.13 -12.53 -8.26
N GLN A 59 2.65 -13.50 -7.49
CA GLN A 59 1.41 -14.19 -7.81
C GLN A 59 0.22 -13.52 -7.13
N ARG A 60 0.50 -12.47 -6.37
CA ARG A 60 -0.55 -11.75 -5.66
C ARG A 60 -1.65 -11.31 -6.62
N LYS A 61 -1.30 -11.15 -7.89
CA LYS A 61 -2.26 -10.73 -8.91
C LYS A 61 -2.51 -11.86 -9.90
N GLN A 62 -2.99 -13.00 -9.40
CA GLN A 62 -3.27 -14.15 -10.25
C GLN A 62 -4.19 -13.76 -11.41
N LEU A 63 -4.32 -14.65 -12.38
CA LEU A 63 -5.15 -14.41 -13.54
C LEU A 63 -6.63 -14.34 -13.14
N VAL A 64 -7.14 -13.14 -12.96
CA VAL A 64 -8.53 -12.94 -12.58
C VAL A 64 -9.06 -11.61 -13.09
N ALA A 65 -8.46 -11.12 -14.17
CA ALA A 65 -8.88 -9.85 -14.77
C ALA A 65 -8.07 -9.54 -16.02
N ASN A 66 -8.76 -9.29 -17.12
CA ASN A 66 -8.10 -8.98 -18.39
C ASN A 66 -8.33 -7.51 -18.77
N SER A 67 -9.51 -7.00 -18.46
CA SER A 67 -9.86 -5.62 -18.78
C SER A 67 -8.84 -4.67 -18.18
N SER A 68 -8.19 -5.08 -17.10
CA SER A 68 -7.19 -4.27 -16.43
C SER A 68 -6.09 -3.84 -17.40
N SER A 69 -5.89 -4.64 -18.44
CA SER A 69 -4.87 -4.36 -19.44
C SER A 69 -5.37 -3.33 -20.45
N VAL A 70 -6.47 -3.66 -21.12
CA VAL A 70 -7.06 -2.76 -22.11
C VAL A 70 -7.51 -1.46 -21.47
N ASP A 71 -7.51 -0.38 -22.26
CA ASP A 71 -7.93 0.92 -21.77
C ASP A 71 -7.05 1.37 -20.61
N LYS A 72 -5.76 1.55 -20.88
CA LYS A 72 -4.82 1.98 -19.86
C LYS A 72 -5.28 3.27 -19.19
N LEU A 73 -4.61 3.65 -18.10
CA LEU A 73 -4.96 4.85 -17.37
C LEU A 73 -3.76 5.79 -17.25
N ALA A 74 -2.81 5.63 -18.16
CA ALA A 74 -1.61 6.45 -18.17
C ALA A 74 -1.97 7.93 -18.32
N ALA A 75 -3.15 8.19 -18.84
CA ALA A 75 -3.62 9.56 -19.05
C ALA A 75 -4.20 10.13 -17.76
N ALA A 76 -5.04 9.36 -17.10
CA ALA A 76 -5.67 9.78 -15.85
C ALA A 76 -4.62 10.17 -14.81
N LEU A 77 -3.46 9.53 -14.88
CA LEU A 77 -2.38 9.81 -13.95
C LEU A 77 -2.02 11.28 -13.96
N GLU A 78 -2.28 11.95 -15.08
CA GLU A 78 -1.98 13.36 -15.23
C GLU A 78 -2.98 14.21 -14.43
N HIS A 79 -4.20 13.70 -14.31
CA HIS A 79 -5.25 14.41 -13.58
C HIS A 79 -4.97 14.41 -12.07
N HIS A 80 -5.11 15.56 -11.45
CA HIS A 80 -4.87 15.69 -10.02
C HIS A 80 -6.16 16.05 -9.28
N HIS A 81 -6.05 16.21 -7.96
CA HIS A 81 -7.22 16.54 -7.15
C HIS A 81 -6.78 17.08 -5.79
N HIS A 82 -7.57 17.99 -5.23
CA HIS A 82 -7.27 18.59 -3.94
C HIS A 82 -8.03 17.87 -2.82
N HIS A 83 -7.64 18.16 -1.58
CA HIS A 83 -8.29 17.55 -0.42
C HIS A 83 -8.08 18.38 0.83
N HIS A 84 -8.57 17.89 1.96
CA HIS A 84 -8.43 18.60 3.23
C HIS A 84 -8.23 17.63 4.38
N GLU A 1 9.72 -5.34 23.06
CA GLU A 1 8.30 -5.64 23.12
C GLU A 1 7.94 -6.75 22.13
N ALA A 2 7.41 -7.86 22.66
CA ALA A 2 7.01 -8.99 21.83
C ALA A 2 5.69 -8.71 21.12
N SER A 3 5.06 -7.58 21.45
CA SER A 3 3.79 -7.21 20.85
C SER A 3 4.01 -6.51 19.51
N SER A 4 5.21 -5.95 19.33
CA SER A 4 5.54 -5.25 18.10
C SER A 4 5.52 -6.20 16.91
N THR A 5 5.84 -7.46 17.16
CA THR A 5 5.87 -8.47 16.11
C THR A 5 4.46 -8.96 15.79
N ALA A 6 3.57 -8.87 16.77
CA ALA A 6 2.19 -9.30 16.59
C ALA A 6 1.45 -8.39 15.62
N ILE A 7 1.91 -7.15 15.52
CA ILE A 7 1.29 -6.18 14.63
C ILE A 7 1.59 -6.50 13.17
N ARG A 8 2.62 -7.30 12.94
CA ARG A 8 3.02 -7.69 11.59
C ARG A 8 1.82 -8.25 10.83
N ALA A 9 0.93 -8.92 11.54
CA ALA A 9 -0.25 -9.51 10.92
C ALA A 9 -1.40 -8.50 10.87
N LEU A 10 -1.37 -7.53 11.77
CA LEU A 10 -2.41 -6.51 11.83
C LEU A 10 -2.47 -5.73 10.52
N VAL A 11 -1.31 -5.28 10.03
CA VAL A 11 -1.23 -4.53 8.80
C VAL A 11 -1.67 -5.38 7.60
N LYS A 12 -1.71 -6.69 7.81
CA LYS A 12 -2.11 -7.62 6.75
C LYS A 12 -3.62 -7.66 6.61
N LYS A 13 -4.33 -7.33 7.69
CA LYS A 13 -5.78 -7.33 7.70
C LYS A 13 -6.32 -6.13 6.92
N LEU A 14 -5.66 -4.99 7.07
CA LEU A 14 -6.07 -3.77 6.40
C LEU A 14 -5.91 -3.90 4.88
N ILE A 15 -4.93 -4.71 4.47
CA ILE A 15 -4.68 -4.92 3.05
C ILE A 15 -5.39 -6.17 2.55
N ALA A 16 -5.69 -7.09 3.46
CA ALA A 16 -6.38 -8.32 3.11
C ALA A 16 -7.77 -8.04 2.57
N ALA A 17 -8.43 -7.03 3.14
CA ALA A 17 -9.78 -6.66 2.71
C ALA A 17 -9.73 -5.53 1.68
N GLU A 18 -8.63 -5.45 0.93
CA GLU A 18 -8.47 -4.41 -0.07
C GLU A 18 -7.56 -4.90 -1.21
N ASN A 19 -7.80 -4.39 -2.41
CA ASN A 19 -7.00 -4.77 -3.57
C ASN A 19 -6.52 -3.54 -4.32
N PRO A 20 -5.48 -2.89 -3.79
CA PRO A 20 -4.89 -1.68 -4.39
C PRO A 20 -4.16 -1.99 -5.70
N ALA A 21 -3.27 -2.98 -5.65
CA ALA A 21 -2.51 -3.37 -6.83
C ALA A 21 -1.44 -2.33 -7.16
N LYS A 22 -1.87 -1.18 -7.66
CA LYS A 22 -0.95 -0.11 -8.02
C LYS A 22 -0.50 0.65 -6.77
N PRO A 23 -1.46 1.26 -6.07
CA PRO A 23 -1.18 2.03 -4.85
C PRO A 23 -0.75 1.14 -3.69
N LEU A 24 -0.42 1.76 -2.57
CA LEU A 24 0.00 1.03 -1.38
C LEU A 24 -0.07 1.91 -0.14
N SER A 25 -1.03 2.82 -0.12
CA SER A 25 -1.20 3.74 1.00
C SER A 25 -2.42 3.34 1.83
N ASP A 26 -2.53 3.91 3.02
CA ASP A 26 -3.64 3.63 3.92
C ASP A 26 -4.78 4.61 3.69
N SER A 27 -5.30 4.64 2.46
CA SER A 27 -6.39 5.54 2.12
C SER A 27 -7.68 4.75 1.89
N LYS A 28 -7.55 3.46 1.61
CA LYS A 28 -8.70 2.60 1.38
C LYS A 28 -9.10 1.87 2.66
N LEU A 29 -8.15 1.18 3.26
CA LEU A 29 -8.40 0.44 4.49
C LEU A 29 -9.06 1.34 5.54
N THR A 30 -8.52 2.53 5.72
CA THR A 30 -9.05 3.49 6.69
C THR A 30 -10.31 4.15 6.16
N SER A 31 -10.55 4.03 4.87
CA SER A 31 -11.72 4.62 4.23
C SER A 31 -13.00 3.98 4.76
N LEU A 32 -13.07 2.66 4.69
CA LEU A 32 -14.24 1.92 5.16
C LEU A 32 -14.57 2.30 6.61
N LEU A 33 -13.54 2.38 7.44
CA LEU A 33 -13.71 2.73 8.85
C LEU A 33 -14.24 4.15 8.99
N SER A 34 -13.84 5.02 8.06
CA SER A 34 -14.26 6.42 8.09
C SER A 34 -15.74 6.54 7.73
N GLU A 35 -16.29 5.48 7.15
CA GLU A 35 -17.69 5.47 6.75
C GLU A 35 -18.59 5.76 7.95
N GLN A 36 -18.09 5.50 9.15
CA GLN A 36 -18.84 5.74 10.37
C GLN A 36 -18.27 6.93 11.15
N GLY A 37 -16.95 7.06 11.12
CA GLY A 37 -16.31 8.16 11.83
C GLY A 37 -14.87 7.85 12.18
N ILE A 38 -14.52 6.57 12.17
CA ILE A 38 -13.16 6.15 12.49
C ILE A 38 -12.14 6.93 11.66
N MET A 39 -10.95 7.13 12.24
CA MET A 39 -9.89 7.86 11.55
C MET A 39 -8.57 7.70 12.28
N VAL A 40 -7.96 6.52 12.17
CA VAL A 40 -6.69 6.24 12.82
C VAL A 40 -5.73 5.51 11.89
N ALA A 41 -6.26 4.52 11.17
CA ALA A 41 -5.46 3.74 10.23
C ALA A 41 -4.65 4.65 9.31
N ARG A 42 -5.18 5.84 9.06
CA ARG A 42 -4.51 6.80 8.19
C ARG A 42 -3.05 6.99 8.61
N ARG A 43 -2.85 7.54 9.80
CA ARG A 43 -1.51 7.77 10.32
C ARG A 43 -0.97 6.53 11.02
N THR A 44 -1.87 5.77 11.63
CA THR A 44 -1.49 4.54 12.33
C THR A 44 -0.80 3.56 11.39
N VAL A 45 -1.49 3.18 10.31
CA VAL A 45 -0.94 2.25 9.34
C VAL A 45 0.35 2.79 8.73
N ALA A 46 0.32 4.05 8.31
CA ALA A 46 1.49 4.68 7.70
C ALA A 46 2.65 4.72 8.69
N LYS A 47 2.34 4.62 9.97
CA LYS A 47 3.35 4.66 11.01
C LYS A 47 4.08 3.32 11.11
N TYR A 48 3.41 2.25 10.68
CA TYR A 48 3.99 0.92 10.71
C TYR A 48 4.89 0.69 9.49
N ARG A 49 4.47 1.21 8.35
CA ARG A 49 5.22 1.06 7.11
C ARG A 49 6.56 1.77 7.22
N GLU A 50 6.66 2.72 8.14
CA GLU A 50 7.89 3.48 8.34
C GLU A 50 9.05 2.55 8.72
N SER A 51 8.71 1.43 9.34
CA SER A 51 9.72 0.45 9.76
C SER A 51 9.06 -0.85 10.19
N LEU A 52 8.59 -1.62 9.22
CA LEU A 52 7.95 -2.89 9.49
C LEU A 52 8.95 -4.05 9.41
N SER A 53 10.20 -3.70 9.15
CA SER A 53 11.25 -4.71 9.03
C SER A 53 11.19 -5.42 7.68
N ILE A 54 9.99 -5.86 7.31
CA ILE A 54 9.79 -6.55 6.04
C ILE A 54 10.33 -5.74 4.88
N PRO A 55 10.96 -6.42 3.91
CA PRO A 55 11.53 -5.77 2.73
C PRO A 55 10.45 -5.23 1.78
N PRO A 56 10.87 -4.40 0.82
CA PRO A 56 9.96 -3.81 -0.16
C PRO A 56 9.41 -4.83 -1.15
N SER A 57 8.43 -4.43 -1.95
CA SER A 57 7.83 -5.31 -2.93
C SER A 57 7.41 -4.53 -4.17
N ASN A 58 6.81 -3.37 -3.97
CA ASN A 58 6.36 -2.53 -5.07
C ASN A 58 5.18 -3.16 -5.80
N GLN A 59 5.47 -4.19 -6.59
CA GLN A 59 4.43 -4.89 -7.35
C GLN A 59 3.80 -6.00 -6.51
N ARG A 60 4.57 -6.50 -5.54
CA ARG A 60 4.09 -7.57 -4.67
C ARG A 60 3.80 -8.84 -5.47
N LYS A 61 4.83 -9.65 -5.65
CA LYS A 61 4.70 -10.89 -6.40
C LYS A 61 3.54 -11.74 -5.86
N GLN A 62 2.59 -12.06 -6.73
CA GLN A 62 1.44 -12.86 -6.34
C GLN A 62 1.88 -14.14 -5.63
N LEU A 63 2.65 -14.96 -6.33
CA LEU A 63 3.13 -16.22 -5.75
C LEU A 63 3.99 -16.97 -6.76
N VAL A 64 3.64 -16.85 -8.03
CA VAL A 64 4.38 -17.52 -9.09
C VAL A 64 5.00 -16.51 -10.06
N ALA A 65 6.03 -16.95 -10.78
CA ALA A 65 6.71 -16.08 -11.74
C ALA A 65 6.77 -16.72 -13.12
N ASN A 66 5.82 -17.62 -13.39
CA ASN A 66 5.76 -18.31 -14.67
C ASN A 66 4.58 -17.84 -15.49
N SER A 67 3.38 -17.92 -14.90
CA SER A 67 2.16 -17.49 -15.58
C SER A 67 1.95 -15.99 -15.45
N SER A 68 2.27 -15.45 -14.27
CA SER A 68 2.12 -14.03 -14.01
C SER A 68 2.90 -13.20 -15.03
N SER A 69 3.96 -13.80 -15.57
CA SER A 69 4.80 -13.12 -16.55
C SER A 69 4.08 -13.01 -17.89
N VAL A 70 3.17 -13.94 -18.15
CA VAL A 70 2.41 -13.96 -19.38
C VAL A 70 3.28 -13.52 -20.56
N ASP A 71 4.49 -14.04 -20.62
CA ASP A 71 5.42 -13.72 -21.69
C ASP A 71 5.68 -12.21 -21.74
N LYS A 72 6.23 -11.67 -20.65
CA LYS A 72 6.53 -10.25 -20.57
C LYS A 72 7.45 -9.82 -21.71
N LEU A 73 7.21 -8.62 -22.23
CA LEU A 73 8.01 -8.09 -23.32
C LEU A 73 8.82 -6.87 -22.87
N ALA A 74 9.04 -6.77 -21.56
CA ALA A 74 9.81 -5.66 -21.00
C ALA A 74 11.27 -5.76 -21.38
N ALA A 75 11.72 -6.96 -21.72
CA ALA A 75 13.11 -7.19 -22.10
C ALA A 75 13.50 -6.33 -23.30
N ALA A 76 12.56 -6.15 -24.22
CA ALA A 76 12.81 -5.34 -25.41
C ALA A 76 13.28 -3.94 -25.04
N LEU A 77 12.87 -3.48 -23.86
CA LEU A 77 13.25 -2.15 -23.38
C LEU A 77 14.76 -1.99 -23.39
N GLU A 78 15.48 -3.10 -23.24
CA GLU A 78 16.94 -3.07 -23.23
C GLU A 78 17.48 -2.53 -24.55
N HIS A 79 16.75 -2.77 -25.63
CA HIS A 79 17.15 -2.30 -26.95
C HIS A 79 17.06 -0.78 -27.05
N HIS A 80 17.73 -0.20 -28.05
CA HIS A 80 17.71 1.24 -28.24
C HIS A 80 16.65 1.63 -29.27
N HIS A 81 15.99 2.75 -29.02
CA HIS A 81 14.95 3.24 -29.92
C HIS A 81 15.22 4.68 -30.32
N HIS A 82 15.97 4.86 -31.41
CA HIS A 82 16.30 6.19 -31.90
C HIS A 82 15.03 6.99 -32.21
N HIS A 83 15.19 8.28 -32.46
CA HIS A 83 14.06 9.15 -32.77
C HIS A 83 14.33 9.96 -34.03
N HIS A 84 13.86 9.45 -35.17
CA HIS A 84 14.05 10.11 -36.46
C HIS A 84 15.54 10.24 -36.79
N GLU A 1 6.61 -6.37 25.47
CA GLU A 1 5.74 -5.91 24.39
C GLU A 1 5.60 -6.98 23.31
N ALA A 2 4.95 -8.09 23.67
CA ALA A 2 4.76 -9.19 22.73
C ALA A 2 3.62 -8.88 21.75
N SER A 3 2.96 -7.75 21.97
CA SER A 3 1.86 -7.35 21.10
C SER A 3 2.38 -6.61 19.87
N SER A 4 3.60 -6.07 19.98
CA SER A 4 4.21 -5.34 18.88
C SER A 4 4.40 -6.25 17.67
N THR A 5 4.72 -7.51 17.93
CA THR A 5 4.94 -8.48 16.87
C THR A 5 3.63 -8.91 16.24
N ALA A 6 2.54 -8.82 17.01
CA ALA A 6 1.22 -9.20 16.52
C ALA A 6 0.72 -8.22 15.46
N ILE A 7 1.26 -7.00 15.50
CA ILE A 7 0.86 -5.97 14.55
C ILE A 7 1.40 -6.27 13.16
N ARG A 8 2.46 -7.09 13.10
CA ARG A 8 3.07 -7.45 11.83
C ARG A 8 2.02 -7.98 10.86
N ALA A 9 1.18 -8.89 11.33
CA ALA A 9 0.13 -9.47 10.50
C ALA A 9 -1.05 -8.52 10.37
N LEU A 10 -1.24 -7.67 11.37
CA LEU A 10 -2.34 -6.71 11.37
C LEU A 10 -2.25 -5.79 10.15
N VAL A 11 -1.07 -5.24 9.92
CA VAL A 11 -0.85 -4.34 8.79
C VAL A 11 -1.10 -5.06 7.47
N LYS A 12 -1.12 -6.39 7.52
CA LYS A 12 -1.34 -7.20 6.32
C LYS A 12 -2.83 -7.26 5.98
N LYS A 13 -3.67 -7.04 6.99
CA LYS A 13 -5.11 -7.07 6.80
C LYS A 13 -5.60 -5.79 6.12
N LEU A 14 -4.98 -4.67 6.47
CA LEU A 14 -5.34 -3.38 5.89
C LEU A 14 -5.15 -3.37 4.38
N ILE A 15 -4.33 -4.29 3.89
CA ILE A 15 -4.06 -4.40 2.47
C ILE A 15 -4.72 -5.65 1.87
N ALA A 16 -4.57 -6.78 2.57
CA ALA A 16 -5.15 -8.03 2.12
C ALA A 16 -6.64 -7.88 1.80
N ALA A 17 -7.35 -7.16 2.66
CA ALA A 17 -8.78 -6.93 2.46
C ALA A 17 -9.02 -5.62 1.72
N GLU A 18 -8.21 -5.35 0.71
CA GLU A 18 -8.34 -4.13 -0.08
C GLU A 18 -7.82 -4.34 -1.50
N ASN A 19 -8.15 -3.41 -2.39
CA ASN A 19 -7.72 -3.49 -3.77
C ASN A 19 -6.74 -2.37 -4.10
N PRO A 20 -5.50 -2.48 -3.61
CA PRO A 20 -4.46 -1.48 -3.84
C PRO A 20 -3.96 -1.48 -5.28
N ALA A 21 -4.55 -2.34 -6.10
CA ALA A 21 -4.19 -2.43 -7.51
C ALA A 21 -4.26 -1.08 -8.19
N LYS A 22 -5.48 -0.56 -8.33
CA LYS A 22 -5.70 0.73 -8.97
C LYS A 22 -5.23 1.87 -8.06
N PRO A 23 -5.83 1.97 -6.87
CA PRO A 23 -5.48 3.01 -5.89
C PRO A 23 -4.11 2.78 -5.28
N LEU A 24 -3.69 3.70 -4.42
CA LEU A 24 -2.40 3.61 -3.76
C LEU A 24 -2.37 4.45 -2.49
N SER A 25 -3.53 4.62 -1.86
CA SER A 25 -3.64 5.40 -0.64
C SER A 25 -4.16 4.53 0.51
N ASP A 26 -4.06 5.05 1.73
CA ASP A 26 -4.52 4.35 2.91
C ASP A 26 -5.94 4.77 3.28
N SER A 27 -6.67 5.29 2.30
CA SER A 27 -8.04 5.74 2.52
C SER A 27 -9.00 4.55 2.63
N LYS A 28 -8.65 3.47 1.94
CA LYS A 28 -9.46 2.26 1.95
C LYS A 28 -9.34 1.53 3.28
N LEU A 29 -8.11 1.25 3.69
CA LEU A 29 -7.85 0.55 4.94
C LEU A 29 -8.50 1.28 6.11
N THR A 30 -8.42 2.60 6.10
CA THR A 30 -9.01 3.42 7.16
C THR A 30 -10.49 3.65 6.91
N SER A 31 -10.93 3.39 5.69
CA SER A 31 -12.34 3.57 5.33
C SER A 31 -13.25 2.87 6.32
N LEU A 32 -12.91 1.62 6.64
CA LEU A 32 -13.70 0.84 7.59
C LEU A 32 -13.92 1.59 8.89
N LEU A 33 -12.94 2.40 9.27
CA LEU A 33 -13.01 3.19 10.49
C LEU A 33 -13.71 4.52 10.24
N SER A 34 -13.68 4.96 8.99
CA SER A 34 -14.30 6.23 8.61
C SER A 34 -15.81 6.06 8.45
N GLU A 35 -16.27 4.82 8.50
CA GLU A 35 -17.69 4.52 8.36
C GLU A 35 -18.51 5.28 9.39
N GLN A 36 -17.90 5.56 10.53
CA GLN A 36 -18.57 6.29 11.60
C GLN A 36 -17.98 7.68 11.78
N GLY A 37 -16.65 7.76 11.69
CA GLY A 37 -15.98 9.04 11.86
C GLY A 37 -14.51 8.88 12.17
N ILE A 38 -14.14 7.72 12.70
CA ILE A 38 -12.75 7.45 13.05
C ILE A 38 -11.85 7.50 11.82
N MET A 39 -10.65 8.03 11.99
CA MET A 39 -9.70 8.13 10.88
C MET A 39 -8.26 8.22 11.41
N VAL A 40 -7.73 7.08 11.82
CA VAL A 40 -6.36 7.02 12.33
C VAL A 40 -5.48 6.10 11.48
N ALA A 41 -6.03 4.97 11.09
CA ALA A 41 -5.31 4.00 10.28
C ALA A 41 -4.65 4.68 9.08
N ARG A 42 -5.27 5.77 8.61
CA ARG A 42 -4.73 6.51 7.47
C ARG A 42 -3.25 6.80 7.66
N ARG A 43 -2.94 7.62 8.65
CA ARG A 43 -1.56 7.98 8.93
C ARG A 43 -0.89 6.95 9.83
N THR A 44 -1.69 6.30 10.67
CA THR A 44 -1.18 5.28 11.58
C THR A 44 -0.59 4.11 10.82
N VAL A 45 -1.43 3.41 10.06
CA VAL A 45 -0.99 2.26 9.28
C VAL A 45 0.25 2.60 8.47
N ALA A 46 0.26 3.78 7.86
CA ALA A 46 1.40 4.22 7.06
C ALA A 46 2.66 4.31 7.91
N LYS A 47 2.55 4.94 9.07
CA LYS A 47 3.69 5.09 9.97
C LYS A 47 4.29 3.73 10.33
N TYR A 48 3.46 2.69 10.24
CA TYR A 48 3.91 1.34 10.56
C TYR A 48 4.71 0.74 9.42
N ARG A 49 4.50 1.28 8.21
CA ARG A 49 5.21 0.80 7.03
C ARG A 49 6.71 0.75 7.28
N GLU A 50 7.19 1.65 8.13
CA GLU A 50 8.61 1.72 8.46
C GLU A 50 9.05 0.49 9.26
N SER A 51 8.19 0.06 10.17
CA SER A 51 8.48 -1.10 11.01
C SER A 51 8.67 -2.35 10.15
N LEU A 52 7.62 -2.70 9.40
CA LEU A 52 7.67 -3.88 8.54
C LEU A 52 8.88 -3.83 7.61
N SER A 53 9.16 -2.65 7.06
CA SER A 53 10.29 -2.48 6.16
C SER A 53 10.29 -3.55 5.09
N ILE A 54 9.18 -3.68 4.37
CA ILE A 54 9.05 -4.66 3.31
C ILE A 54 9.28 -4.04 1.95
N PRO A 55 9.59 -4.89 0.95
CA PRO A 55 9.83 -4.44 -0.42
C PRO A 55 8.57 -3.94 -1.10
N PRO A 56 8.52 -2.63 -1.37
CA PRO A 56 7.37 -1.98 -2.03
C PRO A 56 7.24 -2.39 -3.49
N SER A 57 6.13 -2.02 -4.10
CA SER A 57 5.87 -2.35 -5.50
C SER A 57 6.30 -1.20 -6.41
N ASN A 58 7.11 -0.30 -5.88
CA ASN A 58 7.60 0.85 -6.64
C ASN A 58 6.48 1.86 -6.86
N GLN A 59 5.50 1.49 -7.67
CA GLN A 59 4.38 2.36 -7.96
C GLN A 59 3.36 2.34 -6.83
N ARG A 60 3.63 1.53 -5.81
CA ARG A 60 2.73 1.41 -4.67
C ARG A 60 2.45 2.78 -4.05
N LYS A 61 3.36 3.73 -4.27
CA LYS A 61 3.21 5.08 -3.74
C LYS A 61 3.58 6.11 -4.80
N GLN A 62 2.87 6.09 -5.92
CA GLN A 62 3.12 7.03 -7.01
C GLN A 62 2.61 8.43 -6.65
N LEU A 63 3.21 9.44 -7.26
CA LEU A 63 2.81 10.82 -6.99
C LEU A 63 1.33 11.04 -7.31
N VAL A 64 0.72 11.98 -6.61
CA VAL A 64 -0.69 12.28 -6.81
C VAL A 64 -0.99 13.74 -6.49
N ALA A 65 -2.18 14.19 -6.88
CA ALA A 65 -2.59 15.57 -6.62
C ALA A 65 -4.08 15.65 -6.30
N ASN A 66 -4.55 14.72 -5.48
CA ASN A 66 -5.96 14.68 -5.10
C ASN A 66 -6.17 15.36 -3.74
N SER A 67 -5.14 15.31 -2.89
CA SER A 67 -5.22 15.92 -1.58
C SER A 67 -4.90 17.41 -1.63
N SER A 68 -4.08 17.79 -2.61
CA SER A 68 -3.69 19.18 -2.78
C SER A 68 -4.92 20.09 -2.86
N SER A 69 -5.90 19.68 -3.66
CA SER A 69 -7.13 20.44 -3.82
C SER A 69 -7.86 20.60 -2.49
N VAL A 70 -7.75 19.57 -1.65
CA VAL A 70 -8.40 19.59 -0.34
C VAL A 70 -7.63 20.46 0.64
N ASP A 71 -8.37 21.21 1.46
CA ASP A 71 -7.76 22.09 2.44
C ASP A 71 -6.85 23.12 1.77
N LYS A 72 -7.44 23.94 0.91
CA LYS A 72 -6.68 24.96 0.20
C LYS A 72 -7.37 26.32 0.31
N LEU A 73 -6.99 27.11 1.31
CA LEU A 73 -7.56 28.42 1.52
C LEU A 73 -6.48 29.50 1.53
N ALA A 74 -5.34 29.19 0.92
CA ALA A 74 -4.23 30.13 0.86
C ALA A 74 -4.61 31.37 0.06
N ALA A 75 -5.62 31.24 -0.78
CA ALA A 75 -6.09 32.35 -1.60
C ALA A 75 -6.74 33.44 -0.76
N ALA A 76 -7.54 33.00 0.22
CA ALA A 76 -8.23 33.93 1.11
C ALA A 76 -7.24 34.68 2.00
N LEU A 77 -6.11 34.05 2.29
CA LEU A 77 -5.09 34.66 3.13
C LEU A 77 -4.31 35.72 2.36
N GLU A 78 -4.22 35.54 1.05
CA GLU A 78 -3.51 36.49 0.20
C GLU A 78 -4.49 37.47 -0.43
N HIS A 79 -5.63 37.67 0.21
CA HIS A 79 -6.64 38.60 -0.29
C HIS A 79 -6.64 39.89 0.51
N HIS A 80 -6.83 41.01 -0.18
CA HIS A 80 -6.86 42.31 0.47
C HIS A 80 -7.53 43.36 -0.43
N HIS A 81 -8.63 43.92 0.06
CA HIS A 81 -9.38 44.92 -0.69
C HIS A 81 -9.50 46.21 0.11
N HIS A 82 -9.66 47.33 -0.59
CA HIS A 82 -9.80 48.63 0.06
C HIS A 82 -8.55 48.98 0.85
N HIS A 83 -8.59 50.10 1.56
CA HIS A 83 -7.46 50.55 2.36
C HIS A 83 -7.84 51.74 3.22
N HIS A 84 -6.88 52.25 3.98
CA HIS A 84 -7.11 53.40 4.86
C HIS A 84 -6.42 54.65 4.32
N GLU A 1 5.22 -5.49 24.98
CA GLU A 1 6.56 -5.74 24.45
C GLU A 1 6.52 -6.68 23.26
N ALA A 2 5.97 -7.87 23.47
CA ALA A 2 5.88 -8.87 22.41
C ALA A 2 4.71 -8.54 21.47
N SER A 3 3.94 -7.52 21.81
CA SER A 3 2.80 -7.11 21.01
C SER A 3 3.25 -6.41 19.73
N SER A 4 4.47 -5.88 19.77
CA SER A 4 5.02 -5.17 18.61
C SER A 4 5.01 -6.05 17.38
N THR A 5 5.25 -7.35 17.57
CA THR A 5 5.26 -8.30 16.47
C THR A 5 3.85 -8.68 16.05
N ALA A 6 2.92 -8.62 17.01
CA ALA A 6 1.53 -8.96 16.74
C ALA A 6 0.91 -7.98 15.76
N ILE A 7 1.45 -6.77 15.72
CA ILE A 7 0.95 -5.73 14.81
C ILE A 7 1.14 -6.14 13.35
N ARG A 8 2.04 -7.08 13.12
CA ARG A 8 2.32 -7.56 11.76
C ARG A 8 1.03 -8.02 11.09
N ALA A 9 0.08 -8.47 11.89
CA ALA A 9 -1.20 -8.95 11.36
C ALA A 9 -2.18 -7.79 11.17
N LEU A 10 -1.98 -6.72 11.93
CA LEU A 10 -2.85 -5.55 11.85
C LEU A 10 -2.75 -4.89 10.49
N VAL A 11 -1.51 -4.69 10.03
CA VAL A 11 -1.28 -4.06 8.74
C VAL A 11 -1.66 -5.00 7.60
N LYS A 12 -1.88 -6.27 7.92
CA LYS A 12 -2.25 -7.26 6.92
C LYS A 12 -3.75 -7.18 6.63
N LYS A 13 -4.53 -6.90 7.66
CA LYS A 13 -5.99 -6.80 7.52
C LYS A 13 -6.36 -5.72 6.50
N LEU A 14 -5.75 -4.55 6.64
CA LEU A 14 -6.01 -3.44 5.73
C LEU A 14 -5.53 -3.76 4.32
N ILE A 15 -4.44 -4.51 4.24
CA ILE A 15 -3.88 -4.89 2.94
C ILE A 15 -4.74 -5.96 2.26
N ALA A 16 -5.35 -6.82 3.08
CA ALA A 16 -6.20 -7.88 2.55
C ALA A 16 -7.21 -7.34 1.55
N ALA A 17 -8.09 -6.46 2.03
CA ALA A 17 -9.11 -5.87 1.17
C ALA A 17 -8.64 -4.55 0.59
N GLU A 18 -7.41 -4.52 0.09
CA GLU A 18 -6.83 -3.31 -0.49
C GLU A 18 -7.17 -3.21 -1.97
N ASN A 19 -7.58 -2.02 -2.41
CA ASN A 19 -7.92 -1.79 -3.80
C ASN A 19 -7.14 -0.62 -4.37
N PRO A 20 -5.81 -0.76 -4.41
CA PRO A 20 -4.92 0.28 -4.93
C PRO A 20 -5.05 0.45 -6.44
N ALA A 21 -5.91 -0.36 -7.05
CA ALA A 21 -6.12 -0.30 -8.49
C ALA A 21 -6.32 1.14 -8.96
N LYS A 22 -7.45 1.73 -8.59
CA LYS A 22 -7.76 3.10 -8.96
C LYS A 22 -7.00 4.09 -8.09
N PRO A 23 -7.27 4.05 -6.78
CA PRO A 23 -6.62 4.94 -5.80
C PRO A 23 -5.15 4.61 -5.62
N LEU A 24 -4.47 5.40 -4.80
CA LEU A 24 -3.05 5.19 -4.54
C LEU A 24 -2.70 5.60 -3.10
N SER A 25 -3.73 5.85 -2.30
CA SER A 25 -3.53 6.24 -0.91
C SER A 25 -4.24 5.28 0.03
N ASP A 26 -3.93 5.39 1.32
CA ASP A 26 -4.54 4.53 2.33
C ASP A 26 -5.92 5.04 2.72
N SER A 27 -6.79 5.19 1.72
CA SER A 27 -8.15 5.68 1.95
C SER A 27 -9.13 4.53 2.08
N LYS A 28 -9.08 3.61 1.12
CA LYS A 28 -9.96 2.45 1.12
C LYS A 28 -9.83 1.66 2.41
N LEU A 29 -8.60 1.25 2.73
CA LEU A 29 -8.34 0.49 3.95
C LEU A 29 -8.83 1.24 5.18
N THR A 30 -8.73 2.57 5.13
CA THR A 30 -9.17 3.41 6.24
C THR A 30 -10.67 3.69 6.16
N SER A 31 -11.29 3.27 5.05
CA SER A 31 -12.72 3.49 4.86
C SER A 31 -13.53 2.65 5.82
N LEU A 32 -13.28 1.34 5.83
CA LEU A 32 -13.99 0.42 6.71
C LEU A 32 -13.96 0.92 8.15
N LEU A 33 -12.87 1.60 8.51
CA LEU A 33 -12.72 2.12 9.87
C LEU A 33 -13.36 3.50 9.98
N SER A 34 -13.24 4.31 8.94
CA SER A 34 -13.80 5.65 8.93
C SER A 34 -15.32 5.59 8.80
N GLU A 35 -15.84 4.41 8.51
CA GLU A 35 -17.29 4.22 8.35
C GLU A 35 -18.03 4.69 9.61
N GLN A 36 -17.34 4.66 10.74
CA GLN A 36 -17.93 5.07 12.00
C GLN A 36 -17.30 6.37 12.51
N GLY A 37 -16.03 6.57 12.18
CA GLY A 37 -15.32 7.76 12.61
C GLY A 37 -13.85 7.51 12.89
N ILE A 38 -13.48 6.23 12.94
CA ILE A 38 -12.09 5.85 13.21
C ILE A 38 -11.16 6.44 12.17
N MET A 39 -9.91 6.68 12.57
CA MET A 39 -8.91 7.23 11.67
C MET A 39 -7.50 6.93 12.16
N VAL A 40 -7.08 5.68 12.02
CA VAL A 40 -5.75 5.27 12.44
C VAL A 40 -4.98 4.61 11.31
N ALA A 41 -5.66 3.73 10.58
CA ALA A 41 -5.04 3.02 9.46
C ALA A 41 -4.35 4.00 8.52
N ARG A 42 -4.71 5.26 8.62
CA ARG A 42 -4.12 6.30 7.77
C ARG A 42 -2.80 6.79 8.34
N ARG A 43 -2.84 7.21 9.61
CA ARG A 43 -1.63 7.70 10.28
C ARG A 43 -0.84 6.56 10.89
N THR A 44 -1.46 5.84 11.83
CA THR A 44 -0.82 4.72 12.50
C THR A 44 -0.02 3.88 11.51
N VAL A 45 -0.71 3.34 10.51
CA VAL A 45 -0.06 2.51 9.51
C VAL A 45 1.18 3.19 8.94
N ALA A 46 1.07 4.49 8.69
CA ALA A 46 2.19 5.27 8.16
C ALA A 46 3.45 5.05 8.99
N LYS A 47 3.27 4.91 10.30
CA LYS A 47 4.40 4.71 11.21
C LYS A 47 4.98 3.30 11.04
N TYR A 48 4.11 2.34 10.72
CA TYR A 48 4.54 0.96 10.53
C TYR A 48 5.12 0.76 9.13
N ARG A 49 4.71 1.59 8.19
CA ARG A 49 5.19 1.51 6.82
C ARG A 49 6.71 1.50 6.79
N GLU A 50 7.33 2.40 7.54
CA GLU A 50 8.78 2.50 7.59
C GLU A 50 9.40 1.13 7.90
N SER A 51 8.68 0.32 8.66
CA SER A 51 9.15 -1.01 9.03
C SER A 51 8.11 -2.07 8.72
N LEU A 52 7.60 -2.05 7.49
CA LEU A 52 6.58 -3.02 7.07
C LEU A 52 7.04 -4.45 7.35
N SER A 53 8.26 -4.77 6.91
CA SER A 53 8.81 -6.10 7.12
C SER A 53 7.82 -7.18 6.65
N ILE A 54 7.01 -6.83 5.65
CA ILE A 54 6.03 -7.76 5.11
C ILE A 54 6.72 -8.89 4.33
N PRO A 55 6.17 -10.11 4.47
CA PRO A 55 6.71 -11.30 3.79
C PRO A 55 6.47 -11.25 2.28
N PRO A 56 7.15 -12.15 1.56
CA PRO A 56 7.03 -12.24 0.10
C PRO A 56 5.67 -12.76 -0.35
N SER A 57 5.41 -12.68 -1.65
CA SER A 57 4.13 -13.15 -2.20
C SER A 57 4.31 -13.61 -3.64
N ASN A 58 5.08 -12.85 -4.41
CA ASN A 58 5.32 -13.19 -5.81
C ASN A 58 4.09 -12.90 -6.66
N GLN A 59 2.99 -13.58 -6.36
CA GLN A 59 1.75 -13.38 -7.10
C GLN A 59 1.03 -12.12 -6.64
N ARG A 60 1.61 -11.44 -5.66
CA ARG A 60 1.02 -10.22 -5.12
C ARG A 60 0.75 -9.21 -6.24
N LYS A 61 1.49 -9.33 -7.33
CA LYS A 61 1.33 -8.44 -8.47
C LYS A 61 1.33 -9.22 -9.79
N GLN A 62 0.39 -10.15 -9.92
CA GLN A 62 0.29 -10.96 -11.13
C GLN A 62 0.26 -10.08 -12.37
N LEU A 63 -0.68 -9.16 -12.41
CA LEU A 63 -0.83 -8.25 -13.55
C LEU A 63 -1.78 -7.10 -13.23
N VAL A 64 -1.22 -5.99 -12.76
CA VAL A 64 -2.03 -4.83 -12.42
C VAL A 64 -1.23 -3.53 -12.60
N ALA A 65 -1.74 -2.65 -13.44
CA ALA A 65 -1.08 -1.37 -13.70
C ALA A 65 -1.91 -0.49 -14.63
N ASN A 66 -1.91 -0.83 -15.91
CA ASN A 66 -2.67 -0.07 -16.91
C ASN A 66 -3.86 -0.89 -17.42
N SER A 67 -3.68 -2.20 -17.47
CA SER A 67 -4.75 -3.08 -17.95
C SER A 67 -6.03 -2.87 -17.17
N SER A 68 -5.88 -2.41 -15.92
CA SER A 68 -7.03 -2.17 -15.06
C SER A 68 -7.99 -1.17 -15.70
N SER A 69 -7.45 -0.30 -16.55
CA SER A 69 -8.24 0.71 -17.23
C SER A 69 -8.30 0.46 -18.73
N VAL A 70 -7.21 -0.09 -19.27
CA VAL A 70 -7.12 -0.39 -20.69
C VAL A 70 -7.00 0.88 -21.52
N ASP A 71 -8.08 1.66 -21.56
CA ASP A 71 -8.10 2.92 -22.31
C ASP A 71 -7.83 2.66 -23.79
N LYS A 72 -8.68 1.84 -24.40
CA LYS A 72 -8.54 1.51 -25.82
C LYS A 72 -9.89 1.16 -26.43
N LEU A 73 -9.93 1.05 -27.75
CA LEU A 73 -11.16 0.72 -28.46
C LEU A 73 -11.16 -0.75 -28.89
N ALA A 74 -10.36 -1.55 -28.22
CA ALA A 74 -10.27 -2.98 -28.53
C ALA A 74 -11.63 -3.66 -28.38
N ALA A 75 -12.51 -3.04 -27.60
CA ALA A 75 -13.84 -3.58 -27.38
C ALA A 75 -14.54 -3.89 -28.70
N ALA A 76 -14.44 -2.97 -29.64
CA ALA A 76 -15.06 -3.15 -30.96
C ALA A 76 -14.21 -4.04 -31.85
N LEU A 77 -12.89 -3.97 -31.66
CA LEU A 77 -11.96 -4.76 -32.46
C LEU A 77 -12.12 -6.25 -32.16
N GLU A 78 -12.59 -6.55 -30.95
CA GLU A 78 -12.80 -7.94 -30.55
C GLU A 78 -14.26 -8.35 -30.69
N HIS A 79 -14.97 -7.65 -31.58
CA HIS A 79 -16.38 -7.94 -31.82
C HIS A 79 -16.56 -9.36 -32.31
N HIS A 80 -17.82 -9.78 -32.47
CA HIS A 80 -18.14 -11.12 -32.93
C HIS A 80 -17.41 -11.43 -34.23
N HIS A 81 -17.00 -12.68 -34.39
CA HIS A 81 -16.29 -13.12 -35.59
C HIS A 81 -16.20 -14.64 -35.65
N HIS A 82 -15.67 -15.15 -36.75
CA HIS A 82 -15.51 -16.59 -36.94
C HIS A 82 -14.12 -17.04 -36.50
N HIS A 83 -13.09 -16.51 -37.16
CA HIS A 83 -11.72 -16.87 -36.84
C HIS A 83 -11.47 -18.35 -37.11
N HIS A 84 -10.18 -18.72 -37.20
CA HIS A 84 -9.81 -20.10 -37.46
C HIS A 84 -8.57 -20.48 -36.66
N GLU A 1 3.70 -5.41 25.00
CA GLU A 1 4.95 -5.25 24.27
C GLU A 1 5.13 -6.38 23.26
N ALA A 2 4.63 -7.56 23.60
CA ALA A 2 4.73 -8.71 22.72
C ALA A 2 3.73 -8.63 21.58
N SER A 3 2.87 -7.62 21.63
CA SER A 3 1.85 -7.44 20.61
C SER A 3 2.41 -6.67 19.41
N SER A 4 3.49 -5.94 19.64
CA SER A 4 4.13 -5.16 18.59
C SER A 4 4.42 -6.04 17.37
N THR A 5 4.90 -7.25 17.63
CA THR A 5 5.23 -8.18 16.55
C THR A 5 3.96 -8.74 15.90
N ALA A 6 2.87 -8.75 16.66
CA ALA A 6 1.59 -9.24 16.16
C ALA A 6 0.98 -8.28 15.15
N ILE A 7 1.39 -7.01 15.23
CA ILE A 7 0.87 -5.99 14.34
C ILE A 7 1.26 -6.28 12.89
N ARG A 8 2.31 -7.09 12.72
CA ARG A 8 2.79 -7.46 11.39
C ARG A 8 1.65 -7.99 10.53
N ALA A 9 0.70 -8.66 11.17
CA ALA A 9 -0.45 -9.22 10.46
C ALA A 9 -1.58 -8.20 10.34
N LEU A 10 -1.59 -7.23 11.26
CA LEU A 10 -2.62 -6.20 11.27
C LEU A 10 -2.56 -5.37 9.99
N VAL A 11 -1.35 -4.94 9.62
CA VAL A 11 -1.16 -4.14 8.41
C VAL A 11 -1.44 -4.96 7.16
N LYS A 12 -1.51 -6.28 7.32
CA LYS A 12 -1.77 -7.17 6.21
C LYS A 12 -3.26 -7.22 5.89
N LYS A 13 -4.08 -7.39 6.92
CA LYS A 13 -5.53 -7.43 6.75
C LYS A 13 -6.02 -6.25 5.95
N LEU A 14 -5.34 -5.11 6.10
CA LEU A 14 -5.72 -3.89 5.38
C LEU A 14 -5.87 -4.16 3.89
N ILE A 15 -5.09 -5.11 3.38
CA ILE A 15 -5.14 -5.47 1.97
C ILE A 15 -5.67 -6.89 1.79
N ALA A 16 -5.53 -7.71 2.82
CA ALA A 16 -6.00 -9.09 2.76
C ALA A 16 -7.50 -9.16 2.47
N ALA A 17 -8.23 -8.17 2.97
CA ALA A 17 -9.67 -8.12 2.76
C ALA A 17 -10.08 -6.82 2.07
N GLU A 18 -9.37 -6.49 0.99
CA GLU A 18 -9.66 -5.28 0.24
C GLU A 18 -9.26 -5.45 -1.23
N ASN A 19 -9.81 -4.59 -2.09
CA ASN A 19 -9.51 -4.65 -3.51
C ASN A 19 -8.80 -3.36 -3.97
N PRO A 20 -7.54 -3.21 -3.56
CA PRO A 20 -6.73 -2.05 -3.92
C PRO A 20 -6.36 -2.03 -5.40
N ALA A 21 -6.81 -3.04 -6.13
CA ALA A 21 -6.52 -3.14 -7.55
C ALA A 21 -6.93 -1.87 -8.28
N LYS A 22 -8.25 -1.64 -8.37
CA LYS A 22 -8.77 -0.45 -9.05
C LYS A 22 -8.46 0.81 -8.25
N PRO A 23 -8.97 0.88 -7.02
CA PRO A 23 -8.76 2.03 -6.13
C PRO A 23 -7.32 2.13 -5.64
N LEU A 24 -7.03 3.17 -4.87
CA LEU A 24 -5.68 3.37 -4.34
C LEU A 24 -5.58 2.86 -2.90
N SER A 25 -4.45 2.24 -2.59
CA SER A 25 -4.24 1.70 -1.25
C SER A 25 -4.14 2.82 -0.22
N ASP A 26 -4.18 2.45 1.06
CA ASP A 26 -4.10 3.42 2.14
C ASP A 26 -5.31 4.34 2.13
N SER A 27 -6.34 3.95 1.38
CA SER A 27 -7.56 4.75 1.28
C SER A 27 -8.79 3.92 1.63
N LYS A 28 -8.75 2.64 1.25
CA LYS A 28 -9.86 1.74 1.52
C LYS A 28 -9.79 1.20 2.95
N LEU A 29 -8.59 0.81 3.37
CA LEU A 29 -8.39 0.28 4.71
C LEU A 29 -8.84 1.28 5.76
N THR A 30 -8.62 2.56 5.50
CA THR A 30 -9.01 3.61 6.43
C THR A 30 -10.53 3.78 6.46
N SER A 31 -11.16 3.68 5.29
CA SER A 31 -12.61 3.81 5.18
C SER A 31 -13.32 2.90 6.18
N LEU A 32 -12.70 1.76 6.46
CA LEU A 32 -13.26 0.80 7.40
C LEU A 32 -13.44 1.42 8.78
N LEU A 33 -12.39 2.02 9.30
CA LEU A 33 -12.43 2.67 10.61
C LEU A 33 -13.05 4.05 10.52
N SER A 34 -13.06 4.61 9.31
CA SER A 34 -13.63 5.94 9.09
C SER A 34 -15.15 5.88 9.05
N GLU A 35 -15.68 4.66 8.91
CA GLU A 35 -17.13 4.47 8.86
C GLU A 35 -17.81 5.07 10.09
N GLN A 36 -17.06 5.18 11.17
CA GLN A 36 -17.59 5.74 12.41
C GLN A 36 -16.89 7.05 12.77
N GLY A 37 -15.61 7.14 12.41
CA GLY A 37 -14.85 8.35 12.70
C GLY A 37 -13.51 8.04 13.33
N ILE A 38 -13.15 6.77 13.37
CA ILE A 38 -11.88 6.35 13.95
C ILE A 38 -10.74 6.52 12.96
N MET A 39 -10.59 7.73 12.44
CA MET A 39 -9.53 8.03 11.48
C MET A 39 -8.16 7.89 12.11
N VAL A 40 -7.57 6.71 12.00
CA VAL A 40 -6.26 6.44 12.57
C VAL A 40 -5.29 5.91 11.51
N ALA A 41 -5.81 5.06 10.63
CA ALA A 41 -4.99 4.48 9.56
C ALA A 41 -4.20 5.56 8.84
N ARG A 42 -4.75 6.77 8.80
CA ARG A 42 -4.08 7.89 8.14
C ARG A 42 -2.62 7.99 8.57
N ARG A 43 -2.41 8.30 9.85
CA ARG A 43 -1.07 8.43 10.39
C ARG A 43 -0.53 7.07 10.84
N THR A 44 -1.41 6.21 11.29
CA THR A 44 -1.03 4.88 11.75
C THR A 44 -0.31 4.10 10.65
N VAL A 45 -0.91 4.06 9.48
CA VAL A 45 -0.33 3.36 8.35
C VAL A 45 1.09 3.83 8.07
N ALA A 46 1.31 5.14 8.22
CA ALA A 46 2.63 5.72 8.00
C ALA A 46 3.55 5.48 9.19
N LYS A 47 2.95 5.14 10.33
CA LYS A 47 3.73 4.88 11.54
C LYS A 47 4.29 3.46 11.53
N TYR A 48 3.51 2.52 11.01
CA TYR A 48 3.93 1.13 10.94
C TYR A 48 4.84 0.90 9.74
N ARG A 49 4.67 1.72 8.71
CA ARG A 49 5.47 1.60 7.50
C ARG A 49 6.96 1.70 7.82
N GLU A 50 7.28 2.34 8.94
CA GLU A 50 8.66 2.51 9.37
C GLU A 50 9.24 1.18 9.87
N SER A 51 8.41 0.41 10.57
CA SER A 51 8.85 -0.87 11.10
C SER A 51 9.04 -1.90 9.99
N LEU A 52 7.95 -2.25 9.33
CA LEU A 52 8.00 -3.22 8.24
C LEU A 52 8.95 -2.77 7.14
N SER A 53 8.84 -1.50 6.76
CA SER A 53 9.71 -0.95 5.72
C SER A 53 9.60 -1.76 4.43
N ILE A 54 8.38 -2.00 3.98
CA ILE A 54 8.14 -2.76 2.76
C ILE A 54 7.96 -1.83 1.56
N PRO A 55 8.13 -2.39 0.36
CA PRO A 55 7.99 -1.64 -0.90
C PRO A 55 6.54 -1.24 -1.18
N PRO A 56 6.36 -0.17 -1.95
CA PRO A 56 5.03 0.33 -2.31
C PRO A 56 4.30 -0.60 -3.27
N SER A 57 3.02 -0.34 -3.49
CA SER A 57 2.21 -1.15 -4.38
C SER A 57 1.35 -0.28 -5.29
N ASN A 58 0.74 0.75 -4.71
CA ASN A 58 -0.11 1.65 -5.47
C ASN A 58 -1.39 0.97 -5.92
N GLN A 59 -1.27 0.12 -6.94
CA GLN A 59 -2.41 -0.61 -7.48
C GLN A 59 -2.49 -2.01 -6.87
N ARG A 60 -1.34 -2.64 -6.68
CA ARG A 60 -1.28 -3.98 -6.11
C ARG A 60 0.17 -4.45 -5.99
N LYS A 61 1.00 -4.04 -6.94
CA LYS A 61 2.40 -4.42 -6.93
C LYS A 61 3.22 -3.51 -7.85
N GLN A 62 4.02 -2.64 -7.24
CA GLN A 62 4.86 -1.72 -8.00
C GLN A 62 5.72 -2.47 -9.03
N LEU A 63 6.19 -1.75 -10.03
CA LEU A 63 7.02 -2.34 -11.07
C LEU A 63 7.98 -1.31 -11.65
N VAL A 64 9.06 -1.80 -12.26
CA VAL A 64 10.06 -0.92 -12.86
C VAL A 64 9.50 -0.20 -14.09
N ALA A 65 10.36 0.55 -14.78
CA ALA A 65 9.95 1.27 -15.96
C ALA A 65 8.90 2.33 -15.62
N ASN A 66 9.33 3.59 -15.59
CA ASN A 66 8.44 4.70 -15.27
C ASN A 66 7.96 5.39 -16.54
N SER A 67 8.76 5.30 -17.61
CA SER A 67 8.42 5.92 -18.87
C SER A 67 7.04 5.47 -19.34
N SER A 68 6.64 4.27 -18.94
CA SER A 68 5.34 3.73 -19.32
C SER A 68 4.23 4.71 -18.99
N SER A 69 4.44 5.51 -17.95
CA SER A 69 3.45 6.50 -17.52
C SER A 69 3.82 7.89 -18.01
N VAL A 70 5.12 8.12 -18.20
CA VAL A 70 5.62 9.40 -18.67
C VAL A 70 5.50 10.46 -17.57
N ASP A 71 4.26 10.85 -17.26
CA ASP A 71 4.01 11.85 -16.24
C ASP A 71 4.80 13.12 -16.52
N LYS A 72 5.07 13.39 -17.80
CA LYS A 72 5.81 14.57 -18.20
C LYS A 72 4.87 15.75 -18.44
N LEU A 73 5.24 16.91 -17.92
CA LEU A 73 4.44 18.12 -18.07
C LEU A 73 5.24 19.23 -18.73
N ALA A 74 6.29 18.86 -19.44
CA ALA A 74 7.15 19.82 -20.11
C ALA A 74 6.35 20.64 -21.13
N ALA A 75 5.21 20.10 -21.55
CA ALA A 75 4.36 20.78 -22.52
C ALA A 75 3.99 22.18 -22.03
N ALA A 76 3.65 22.28 -20.74
CA ALA A 76 3.28 23.56 -20.16
C ALA A 76 4.50 24.47 -20.00
N LEU A 77 5.63 23.87 -19.65
CA LEU A 77 6.87 24.63 -19.47
C LEU A 77 7.37 25.19 -20.79
N GLU A 78 7.08 24.48 -21.88
CA GLU A 78 7.49 24.91 -23.20
C GLU A 78 6.36 25.63 -23.93
N HIS A 79 5.43 26.17 -23.16
CA HIS A 79 4.29 26.89 -23.73
C HIS A 79 4.59 28.38 -23.87
N HIS A 80 5.60 28.69 -24.68
CA HIS A 80 5.99 30.08 -24.90
C HIS A 80 6.68 30.24 -26.24
N HIS A 81 6.98 31.48 -26.62
CA HIS A 81 7.64 31.77 -27.89
C HIS A 81 8.54 33.00 -27.76
N HIS A 82 9.62 33.01 -28.53
CA HIS A 82 10.56 34.13 -28.51
C HIS A 82 11.39 34.16 -29.79
N HIS A 83 12.12 35.25 -29.99
CA HIS A 83 12.95 35.41 -31.18
C HIS A 83 13.75 36.71 -31.11
N HIS A 84 14.77 36.83 -31.96
CA HIS A 84 15.61 38.01 -31.99
C HIS A 84 15.81 38.49 -33.42
N GLU A 1 5.83 -5.97 24.60
CA GLU A 1 7.02 -6.51 23.95
C GLU A 1 6.63 -7.42 22.79
N ALA A 2 5.95 -8.52 23.11
CA ALA A 2 5.51 -9.46 22.08
C ALA A 2 4.29 -8.94 21.32
N SER A 3 3.77 -7.80 21.77
CA SER A 3 2.60 -7.20 21.14
C SER A 3 3.00 -6.45 19.88
N SER A 4 4.27 -6.06 19.80
CA SER A 4 4.79 -5.32 18.65
C SER A 4 4.68 -6.17 17.38
N THR A 5 4.82 -7.48 17.54
CA THR A 5 4.75 -8.40 16.41
C THR A 5 3.30 -8.67 16.01
N ALA A 6 2.39 -8.53 16.97
CA ALA A 6 0.97 -8.75 16.72
C ALA A 6 0.42 -7.71 15.75
N ILE A 7 1.00 -6.51 15.77
CA ILE A 7 0.56 -5.43 14.90
C ILE A 7 0.99 -5.67 13.46
N ARG A 8 2.06 -6.47 13.30
CA ARG A 8 2.57 -6.78 11.97
C ARG A 8 1.49 -7.39 11.09
N ALA A 9 0.49 -8.01 11.72
CA ALA A 9 -0.60 -8.63 11.00
C ALA A 9 -1.73 -7.63 10.73
N LEU A 10 -1.80 -6.60 11.56
CA LEU A 10 -2.82 -5.57 11.41
C LEU A 10 -2.68 -4.84 10.08
N VAL A 11 -1.45 -4.43 9.77
CA VAL A 11 -1.19 -3.73 8.52
C VAL A 11 -1.38 -4.64 7.32
N LYS A 12 -1.44 -5.94 7.58
CA LYS A 12 -1.64 -6.92 6.51
C LYS A 12 -3.11 -7.02 6.12
N LYS A 13 -3.99 -7.03 7.12
CA LYS A 13 -5.42 -7.11 6.88
C LYS A 13 -5.87 -6.05 5.89
N LEU A 14 -5.29 -4.85 5.99
CA LEU A 14 -5.63 -3.75 5.10
C LEU A 14 -5.54 -4.20 3.64
N ILE A 15 -4.65 -5.14 3.36
CA ILE A 15 -4.48 -5.64 2.01
C ILE A 15 -5.24 -6.95 1.80
N ALA A 16 -5.56 -7.62 2.91
CA ALA A 16 -6.29 -8.88 2.85
C ALA A 16 -7.56 -8.74 2.02
N ALA A 17 -8.12 -7.53 2.00
CA ALA A 17 -9.33 -7.27 1.24
C ALA A 17 -9.20 -5.99 0.42
N GLU A 18 -8.06 -5.84 -0.24
CA GLU A 18 -7.80 -4.65 -1.06
C GLU A 18 -6.82 -4.97 -2.18
N ASN A 19 -6.57 -3.98 -3.03
CA ASN A 19 -5.64 -4.15 -4.15
C ASN A 19 -4.64 -3.01 -4.20
N PRO A 20 -3.66 -3.04 -3.28
CA PRO A 20 -2.61 -2.02 -3.21
C PRO A 20 -1.64 -2.09 -4.38
N ALA A 21 -1.89 -3.03 -5.30
CA ALA A 21 -1.04 -3.20 -6.46
C ALA A 21 -0.90 -1.89 -7.24
N LYS A 22 -2.00 -1.45 -7.84
CA LYS A 22 -2.00 -0.22 -8.61
C LYS A 22 -1.89 1.00 -7.70
N PRO A 23 -2.86 1.16 -6.80
CA PRO A 23 -2.89 2.28 -5.85
C PRO A 23 -1.80 2.16 -4.79
N LEU A 24 -1.72 3.16 -3.92
CA LEU A 24 -0.72 3.16 -2.84
C LEU A 24 -1.09 4.17 -1.76
N SER A 25 -2.39 4.36 -1.56
CA SER A 25 -2.87 5.29 -0.56
C SER A 25 -3.73 4.57 0.49
N ASP A 26 -3.89 5.19 1.65
CA ASP A 26 -4.69 4.62 2.72
C ASP A 26 -6.08 5.25 2.77
N SER A 27 -6.94 4.84 1.85
CA SER A 27 -8.29 5.36 1.78
C SER A 27 -9.32 4.26 2.02
N LYS A 28 -9.22 3.19 1.24
CA LYS A 28 -10.13 2.07 1.37
C LYS A 28 -9.94 1.35 2.70
N LEU A 29 -8.68 1.05 3.02
CA LEU A 29 -8.35 0.36 4.26
C LEU A 29 -8.89 1.14 5.47
N THR A 30 -8.75 2.45 5.43
CA THR A 30 -9.22 3.31 6.52
C THR A 30 -10.66 3.76 6.26
N SER A 31 -11.25 3.28 5.19
CA SER A 31 -12.62 3.64 4.84
C SER A 31 -13.60 3.13 5.89
N LEU A 32 -13.52 1.83 6.17
CA LEU A 32 -14.41 1.21 7.15
C LEU A 32 -14.24 1.87 8.52
N LEU A 33 -13.00 2.17 8.87
CA LEU A 33 -12.69 2.80 10.16
C LEU A 33 -13.07 4.28 10.14
N SER A 34 -13.19 4.84 8.93
CA SER A 34 -13.56 6.25 8.78
C SER A 34 -15.07 6.42 8.77
N GLU A 35 -15.78 5.34 8.50
CA GLU A 35 -17.24 5.37 8.45
C GLU A 35 -17.81 5.78 9.80
N GLN A 36 -16.99 5.65 10.85
CA GLN A 36 -17.42 6.01 12.20
C GLN A 36 -16.69 7.26 12.69
N GLY A 37 -15.37 7.27 12.49
CA GLY A 37 -14.58 8.41 12.93
C GLY A 37 -13.19 8.01 13.40
N ILE A 38 -12.99 6.70 13.57
CA ILE A 38 -11.71 6.18 14.03
C ILE A 38 -10.55 6.77 13.20
N MET A 39 -10.42 6.30 11.97
CA MET A 39 -9.36 6.78 11.09
C MET A 39 -8.01 6.78 11.81
N VAL A 40 -7.50 5.59 12.10
CA VAL A 40 -6.21 5.46 12.78
C VAL A 40 -5.16 4.89 11.84
N ALA A 41 -5.53 3.86 11.09
CA ALA A 41 -4.62 3.23 10.15
C ALA A 41 -3.92 4.27 9.27
N ARG A 42 -4.60 5.38 9.04
CA ARG A 42 -4.06 6.45 8.21
C ARG A 42 -2.64 6.81 8.67
N ARG A 43 -2.53 7.35 9.87
CA ARG A 43 -1.23 7.74 10.42
C ARG A 43 -0.55 6.55 11.10
N THR A 44 -1.35 5.67 11.69
CA THR A 44 -0.82 4.50 12.38
C THR A 44 0.00 3.63 11.43
N VAL A 45 -0.66 3.10 10.39
CA VAL A 45 0.01 2.26 9.42
C VAL A 45 1.27 2.93 8.89
N ALA A 46 1.16 4.20 8.53
CA ALA A 46 2.30 4.95 8.01
C ALA A 46 3.50 4.83 8.93
N LYS A 47 3.25 4.79 10.23
CA LYS A 47 4.31 4.68 11.22
C LYS A 47 4.98 3.31 11.13
N TYR A 48 4.21 2.29 10.82
CA TYR A 48 4.72 0.93 10.70
C TYR A 48 5.39 0.72 9.34
N ARG A 49 4.89 1.42 8.33
CA ARG A 49 5.44 1.30 6.98
C ARG A 49 6.87 1.78 6.94
N GLU A 50 7.14 2.94 7.54
CA GLU A 50 8.48 3.50 7.57
C GLU A 50 9.45 2.58 8.31
N SER A 51 8.93 1.87 9.31
CA SER A 51 9.75 0.95 10.09
C SER A 51 9.33 -0.49 9.84
N LEU A 52 9.24 -0.86 8.57
CA LEU A 52 8.85 -2.22 8.19
C LEU A 52 9.81 -3.24 8.80
N SER A 53 11.10 -2.99 8.66
CA SER A 53 12.12 -3.89 9.19
C SER A 53 12.27 -5.12 8.32
N ILE A 54 11.15 -5.81 8.06
CA ILE A 54 11.17 -7.00 7.24
C ILE A 54 10.77 -6.67 5.80
N PRO A 55 11.13 -7.58 4.87
CA PRO A 55 10.83 -7.41 3.44
C PRO A 55 9.33 -7.54 3.15
N PRO A 56 8.88 -6.88 2.07
CA PRO A 56 7.48 -6.91 1.66
C PRO A 56 7.05 -8.28 1.12
N SER A 57 5.75 -8.43 0.91
CA SER A 57 5.22 -9.70 0.40
C SER A 57 3.80 -9.51 -0.13
N ASN A 58 3.02 -8.70 0.56
CA ASN A 58 1.64 -8.43 0.16
C ASN A 58 1.55 -7.15 -0.66
N GLN A 59 2.70 -6.59 -1.01
CA GLN A 59 2.76 -5.36 -1.80
C GLN A 59 2.04 -5.54 -3.13
N ARG A 60 2.32 -6.64 -3.81
CA ARG A 60 1.71 -6.93 -5.10
C ARG A 60 2.17 -5.93 -6.15
N LYS A 61 3.19 -5.14 -5.81
CA LYS A 61 3.73 -4.14 -6.73
C LYS A 61 5.22 -4.35 -6.94
N GLN A 62 5.57 -4.98 -8.07
CA GLN A 62 6.96 -5.24 -8.39
C GLN A 62 7.80 -3.97 -8.30
N LEU A 63 7.16 -2.83 -8.57
CA LEU A 63 7.84 -1.54 -8.52
C LEU A 63 9.02 -1.51 -9.48
N VAL A 64 8.79 -0.94 -10.67
CA VAL A 64 9.84 -0.85 -11.68
C VAL A 64 10.48 0.54 -11.67
N ALA A 65 11.79 0.58 -11.46
CA ALA A 65 12.51 1.85 -11.45
C ALA A 65 13.15 2.13 -12.80
N ASN A 66 13.60 1.09 -13.47
CA ASN A 66 14.23 1.24 -14.78
C ASN A 66 13.33 2.00 -15.74
N SER A 67 12.02 1.80 -15.60
CA SER A 67 11.05 2.47 -16.46
C SER A 67 10.66 3.84 -15.87
N SER A 68 10.63 3.92 -14.55
CA SER A 68 10.28 5.16 -13.87
C SER A 68 11.14 6.32 -14.39
N SER A 69 12.39 6.02 -14.72
CA SER A 69 13.31 7.04 -15.22
C SER A 69 14.20 6.47 -16.32
N VAL A 70 13.59 5.75 -17.26
CA VAL A 70 14.33 5.16 -18.36
C VAL A 70 14.94 6.23 -19.25
N ASP A 71 14.33 7.40 -19.26
CA ASP A 71 14.81 8.51 -20.08
C ASP A 71 14.89 8.12 -21.54
N LYS A 72 13.87 7.42 -22.02
CA LYS A 72 13.82 6.98 -23.41
C LYS A 72 14.04 8.16 -24.35
N LEU A 73 14.66 7.87 -25.50
CA LEU A 73 14.93 8.90 -26.50
C LEU A 73 14.31 8.54 -27.84
N ALA A 74 13.29 7.68 -27.80
CA ALA A 74 12.61 7.26 -29.02
C ALA A 74 11.93 8.44 -29.70
N ALA A 75 11.67 9.49 -28.94
CA ALA A 75 11.03 10.69 -29.48
C ALA A 75 11.92 11.39 -30.49
N ALA A 76 13.16 11.66 -30.09
CA ALA A 76 14.12 12.33 -30.96
C ALA A 76 14.76 11.34 -31.93
N LEU A 77 14.86 10.08 -31.50
CA LEU A 77 15.46 9.04 -32.33
C LEU A 77 14.75 8.95 -33.68
N GLU A 78 13.43 9.08 -33.66
CA GLU A 78 12.64 9.02 -34.89
C GLU A 78 13.09 10.08 -35.89
N HIS A 79 13.42 11.26 -35.37
CA HIS A 79 13.86 12.36 -36.22
C HIS A 79 12.85 12.65 -37.32
N HIS A 80 13.21 13.53 -38.24
CA HIS A 80 12.33 13.89 -39.35
C HIS A 80 13.07 13.84 -40.68
N HIS A 81 12.99 12.71 -41.37
CA HIS A 81 13.65 12.53 -42.65
C HIS A 81 13.22 13.61 -43.64
N HIS A 82 14.18 14.14 -44.39
CA HIS A 82 13.90 15.18 -45.37
C HIS A 82 14.84 15.06 -46.58
N HIS A 83 14.26 15.03 -47.77
CA HIS A 83 15.03 14.91 -49.00
C HIS A 83 14.70 16.04 -49.96
N HIS A 84 13.42 16.39 -50.03
CA HIS A 84 12.96 17.46 -50.91
C HIS A 84 11.46 17.70 -50.75
N GLU A 1 7.66 -4.81 23.44
CA GLU A 1 6.93 -5.89 24.09
C GLU A 1 6.59 -7.00 23.10
N ALA A 2 5.86 -8.00 23.57
CA ALA A 2 5.47 -9.13 22.74
C ALA A 2 4.30 -8.75 21.83
N SER A 3 3.77 -7.55 22.01
CA SER A 3 2.65 -7.07 21.22
C SER A 3 3.14 -6.46 19.90
N SER A 4 4.40 -6.06 19.88
CA SER A 4 4.98 -5.45 18.69
C SER A 4 4.98 -6.43 17.53
N THR A 5 5.20 -7.71 17.83
CA THR A 5 5.22 -8.76 16.82
C THR A 5 3.81 -9.07 16.33
N ALA A 6 2.82 -8.82 17.17
CA ALA A 6 1.42 -9.08 16.83
C ALA A 6 0.93 -8.08 15.79
N ILE A 7 1.57 -6.91 15.75
CA ILE A 7 1.19 -5.86 14.81
C ILE A 7 1.41 -6.31 13.37
N ARG A 8 2.25 -7.32 13.20
CA ARG A 8 2.55 -7.85 11.87
C ARG A 8 1.27 -8.23 11.13
N ALA A 9 0.24 -8.57 11.89
CA ALA A 9 -1.04 -8.94 11.31
C ALA A 9 -1.94 -7.73 11.11
N LEU A 10 -1.70 -6.69 11.90
CA LEU A 10 -2.48 -5.46 11.81
C LEU A 10 -2.36 -4.85 10.42
N VAL A 11 -1.14 -4.63 9.96
CA VAL A 11 -0.88 -4.05 8.66
C VAL A 11 -1.47 -4.93 7.55
N LYS A 12 -1.75 -6.18 7.87
CA LYS A 12 -2.31 -7.12 6.91
C LYS A 12 -3.81 -6.91 6.77
N LYS A 13 -4.47 -6.60 7.88
CA LYS A 13 -5.91 -6.38 7.88
C LYS A 13 -6.30 -5.31 6.87
N LEU A 14 -5.44 -4.29 6.73
CA LEU A 14 -5.69 -3.21 5.79
C LEU A 14 -5.61 -3.70 4.35
N ILE A 15 -4.96 -4.85 4.16
CA ILE A 15 -4.82 -5.43 2.82
C ILE A 15 -5.81 -6.57 2.62
N ALA A 16 -6.28 -7.15 3.71
CA ALA A 16 -7.23 -8.24 3.65
C ALA A 16 -8.41 -7.90 2.76
N ALA A 17 -9.01 -6.74 3.00
CA ALA A 17 -10.15 -6.29 2.20
C ALA A 17 -9.77 -5.12 1.31
N GLU A 18 -8.67 -5.27 0.58
CA GLU A 18 -8.19 -4.22 -0.32
C GLU A 18 -7.38 -4.82 -1.46
N ASN A 19 -7.35 -4.11 -2.59
CA ASN A 19 -6.62 -4.57 -3.76
C ASN A 19 -5.39 -3.70 -4.01
N PRO A 20 -4.30 -3.98 -3.28
CA PRO A 20 -3.05 -3.24 -3.41
C PRO A 20 -2.34 -3.50 -4.74
N ALA A 21 -2.95 -4.34 -5.57
CA ALA A 21 -2.39 -4.67 -6.87
C ALA A 21 -2.01 -3.41 -7.63
N LYS A 22 -3.01 -2.64 -8.04
CA LYS A 22 -2.78 -1.41 -8.79
C LYS A 22 -2.31 -0.29 -7.85
N PRO A 23 -3.16 0.06 -6.88
CA PRO A 23 -2.85 1.12 -5.91
C PRO A 23 -1.76 0.70 -4.94
N LEU A 24 -1.37 1.62 -4.05
CA LEU A 24 -0.34 1.35 -3.07
C LEU A 24 -0.24 2.48 -2.05
N SER A 25 -1.36 3.15 -1.81
CA SER A 25 -1.40 4.25 -0.85
C SER A 25 -2.41 3.97 0.26
N ASP A 26 -2.34 4.77 1.32
CA ASP A 26 -3.24 4.62 2.45
C ASP A 26 -4.61 5.22 2.15
N SER A 27 -5.35 5.54 3.21
CA SER A 27 -6.68 6.13 3.05
C SER A 27 -7.70 5.06 2.65
N LYS A 28 -7.45 4.42 1.51
CA LYS A 28 -8.35 3.37 1.01
C LYS A 28 -8.57 2.30 2.07
N LEU A 29 -7.56 2.08 2.90
CA LEU A 29 -7.64 1.08 3.96
C LEU A 29 -8.39 1.62 5.17
N THR A 30 -8.41 2.96 5.29
CA THR A 30 -9.09 3.59 6.41
C THR A 30 -10.57 3.79 6.13
N SER A 31 -10.92 3.83 4.84
CA SER A 31 -12.30 4.01 4.43
C SER A 31 -13.20 2.95 5.05
N LEU A 32 -12.84 1.68 4.84
CA LEU A 32 -13.60 0.57 5.38
C LEU A 32 -13.65 0.62 6.90
N LEU A 33 -12.60 1.15 7.50
CA LEU A 33 -12.52 1.27 8.96
C LEU A 33 -13.41 2.41 9.45
N SER A 34 -13.53 3.46 8.66
CA SER A 34 -14.34 4.62 9.01
C SER A 34 -15.82 4.31 8.84
N GLU A 35 -16.12 3.22 8.14
CA GLU A 35 -17.50 2.82 7.89
C GLU A 35 -18.26 2.65 9.20
N GLN A 36 -17.52 2.37 10.27
CA GLN A 36 -18.11 2.18 11.59
C GLN A 36 -17.76 3.34 12.53
N GLY A 37 -16.53 3.84 12.39
CA GLY A 37 -16.08 4.94 13.22
C GLY A 37 -14.59 4.90 13.48
N ILE A 38 -13.97 3.76 13.17
CA ILE A 38 -12.54 3.60 13.37
C ILE A 38 -11.75 4.67 12.63
N MET A 39 -10.57 5.01 13.14
CA MET A 39 -9.71 6.01 12.52
C MET A 39 -8.31 5.96 13.09
N VAL A 40 -7.55 4.94 12.70
CA VAL A 40 -6.19 4.77 13.18
C VAL A 40 -5.24 4.44 12.03
N ALA A 41 -5.69 3.57 11.13
CA ALA A 41 -4.88 3.17 9.98
C ALA A 41 -4.31 4.39 9.27
N ARG A 42 -5.02 5.52 9.37
CA ARG A 42 -4.57 6.75 8.73
C ARG A 42 -3.12 7.06 9.07
N ARG A 43 -2.87 7.33 10.34
CA ARG A 43 -1.51 7.65 10.80
C ARG A 43 -0.76 6.38 11.15
N THR A 44 -1.49 5.32 11.50
CA THR A 44 -0.89 4.05 11.87
C THR A 44 -0.19 3.42 10.67
N VAL A 45 -0.94 3.18 9.60
CA VAL A 45 -0.40 2.57 8.39
C VAL A 45 0.84 3.31 7.92
N ALA A 46 0.74 4.64 7.82
CA ALA A 46 1.84 5.47 7.39
C ALA A 46 3.00 5.39 8.37
N LYS A 47 2.70 5.02 9.61
CA LYS A 47 3.71 4.91 10.66
C LYS A 47 4.50 3.62 10.50
N TYR A 48 3.80 2.53 10.20
CA TYR A 48 4.44 1.23 10.03
C TYR A 48 5.03 1.08 8.64
N ARG A 49 4.49 1.86 7.69
CA ARG A 49 4.96 1.82 6.32
C ARG A 49 6.47 2.07 6.25
N GLU A 50 6.99 2.76 7.26
CA GLU A 50 8.41 3.08 7.32
C GLU A 50 9.25 1.82 7.52
N SER A 51 8.94 1.08 8.59
CA SER A 51 9.67 -0.15 8.91
C SER A 51 8.73 -1.35 8.84
N LEU A 52 8.15 -1.58 7.67
CA LEU A 52 7.24 -2.70 7.47
C LEU A 52 7.85 -3.99 8.00
N SER A 53 9.06 -4.31 7.54
CA SER A 53 9.74 -5.53 7.96
C SER A 53 8.94 -6.77 7.60
N ILE A 54 8.25 -6.70 6.47
CA ILE A 54 7.43 -7.82 6.01
C ILE A 54 7.75 -8.18 4.56
N PRO A 55 7.38 -9.40 4.16
CA PRO A 55 7.61 -9.88 2.79
C PRO A 55 6.75 -9.17 1.76
N PRO A 56 7.39 -8.38 0.90
CA PRO A 56 6.69 -7.62 -0.15
C PRO A 56 6.13 -8.53 -1.25
N SER A 57 5.32 -7.95 -2.12
CA SER A 57 4.71 -8.71 -3.21
C SER A 57 4.46 -7.81 -4.42
N ASN A 58 3.97 -6.61 -4.17
CA ASN A 58 3.67 -5.66 -5.23
C ASN A 58 2.44 -6.08 -6.02
N GLN A 59 2.57 -7.16 -6.78
CA GLN A 59 1.48 -7.68 -7.58
C GLN A 59 0.62 -8.66 -6.77
N ARG A 60 1.23 -9.27 -5.77
CA ARG A 60 0.53 -10.24 -4.93
C ARG A 60 0.08 -11.45 -5.74
N LYS A 61 0.97 -11.95 -6.60
CA LYS A 61 0.67 -13.10 -7.43
C LYS A 61 1.95 -13.72 -7.99
N GLN A 62 1.82 -14.93 -8.52
CA GLN A 62 2.98 -15.63 -9.09
C GLN A 62 3.20 -15.24 -10.54
N LEU A 63 4.44 -15.29 -10.99
CA LEU A 63 4.78 -14.93 -12.36
C LEU A 63 6.27 -15.12 -12.62
N VAL A 64 6.62 -15.36 -13.88
CA VAL A 64 8.02 -15.54 -14.26
C VAL A 64 8.44 -14.54 -15.31
N ALA A 65 7.84 -13.35 -15.27
CA ALA A 65 8.16 -12.30 -16.23
C ALA A 65 8.30 -10.95 -15.54
N ASN A 66 8.84 -10.97 -14.32
CA ASN A 66 9.02 -9.75 -13.55
C ASN A 66 10.49 -9.32 -13.55
N SER A 67 11.38 -10.30 -13.72
CA SER A 67 12.82 -10.02 -13.73
C SER A 67 13.15 -8.93 -14.74
N SER A 68 12.36 -8.85 -15.81
CA SER A 68 12.57 -7.85 -16.84
C SER A 68 12.61 -6.44 -16.24
N SER A 69 11.70 -6.18 -15.30
CA SER A 69 11.63 -4.88 -14.65
C SER A 69 12.90 -4.60 -13.85
N VAL A 70 13.51 -5.67 -13.35
CA VAL A 70 14.73 -5.54 -12.56
C VAL A 70 14.44 -4.93 -11.19
N ASP A 71 14.09 -3.66 -11.17
CA ASP A 71 13.79 -2.97 -9.92
C ASP A 71 14.92 -3.12 -8.93
N LYS A 72 16.15 -2.96 -9.40
CA LYS A 72 17.33 -3.09 -8.55
C LYS A 72 18.18 -1.82 -8.61
N LEU A 73 17.93 -0.90 -7.69
CA LEU A 73 18.67 0.36 -7.64
C LEU A 73 19.35 0.53 -6.28
N ALA A 74 19.58 -0.59 -5.59
CA ALA A 74 20.22 -0.56 -4.28
C ALA A 74 21.73 -0.34 -4.42
N ALA A 75 22.26 -0.63 -5.61
CA ALA A 75 23.68 -0.46 -5.87
C ALA A 75 24.08 1.01 -5.76
N ALA A 76 23.18 1.89 -6.15
CA ALA A 76 23.44 3.32 -6.09
C ALA A 76 23.40 3.84 -4.66
N LEU A 77 22.47 3.30 -3.87
CA LEU A 77 22.33 3.71 -2.48
C LEU A 77 23.54 3.25 -1.65
N GLU A 78 24.08 2.09 -1.99
CA GLU A 78 25.23 1.55 -1.28
C GLU A 78 26.51 1.80 -2.06
N HIS A 79 26.49 2.83 -2.90
CA HIS A 79 27.66 3.18 -3.71
C HIS A 79 28.63 4.02 -2.90
N HIS A 80 29.40 3.37 -2.03
CA HIS A 80 30.37 4.07 -1.20
C HIS A 80 31.53 4.60 -2.04
N HIS A 81 31.86 5.87 -1.85
CA HIS A 81 32.95 6.50 -2.58
C HIS A 81 34.28 6.32 -1.87
N HIS A 82 35.02 5.28 -2.25
CA HIS A 82 36.30 4.99 -1.64
C HIS A 82 37.37 4.73 -2.71
N HIS A 83 38.61 5.09 -2.39
CA HIS A 83 39.71 4.89 -3.32
C HIS A 83 41.01 4.57 -2.58
N HIS A 84 41.74 3.56 -3.06
CA HIS A 84 42.99 3.17 -2.44
C HIS A 84 44.18 3.80 -3.16
N GLU A 1 7.53 -7.03 24.96
CA GLU A 1 6.91 -6.50 23.75
C GLU A 1 6.51 -7.63 22.80
N ALA A 2 5.73 -8.57 23.31
CA ALA A 2 5.28 -9.70 22.50
C ALA A 2 4.13 -9.29 21.58
N SER A 3 3.67 -8.05 21.74
CA SER A 3 2.57 -7.55 20.92
C SER A 3 3.08 -7.05 19.57
N SER A 4 4.38 -6.73 19.51
CA SER A 4 4.99 -6.24 18.29
C SER A 4 4.79 -7.23 17.15
N THR A 5 4.77 -8.51 17.48
CA THR A 5 4.58 -9.57 16.49
C THR A 5 3.12 -9.72 16.12
N ALA A 6 2.24 -9.36 17.05
CA ALA A 6 0.80 -9.45 16.81
C ALA A 6 0.35 -8.42 15.78
N ILE A 7 1.07 -7.31 15.69
CA ILE A 7 0.74 -6.26 14.76
C ILE A 7 1.09 -6.66 13.32
N ARG A 8 1.99 -7.63 13.20
CA ARG A 8 2.42 -8.11 11.88
C ARG A 8 1.22 -8.45 11.01
N ALA A 9 0.18 -9.01 11.63
CA ALA A 9 -1.04 -9.39 10.92
C ALA A 9 -1.96 -8.20 10.75
N LEU A 10 -1.84 -7.22 11.64
CA LEU A 10 -2.66 -6.02 11.58
C LEU A 10 -2.40 -5.22 10.32
N VAL A 11 -1.12 -5.02 10.01
CA VAL A 11 -0.74 -4.28 8.82
C VAL A 11 -1.06 -5.06 7.54
N LYS A 12 -1.36 -6.34 7.71
CA LYS A 12 -1.70 -7.21 6.59
C LYS A 12 -3.15 -7.01 6.16
N LYS A 13 -4.05 -7.06 7.14
CA LYS A 13 -5.48 -6.89 6.87
C LYS A 13 -5.73 -5.63 6.06
N LEU A 14 -4.87 -4.63 6.23
CA LEU A 14 -5.00 -3.36 5.51
C LEU A 14 -5.12 -3.62 4.01
N ILE A 15 -4.53 -4.70 3.54
CA ILE A 15 -4.58 -5.06 2.12
C ILE A 15 -5.26 -6.40 1.91
N ALA A 16 -4.90 -7.38 2.74
CA ALA A 16 -5.48 -8.71 2.65
C ALA A 16 -7.01 -8.65 2.70
N ALA A 17 -7.53 -7.78 3.55
CA ALA A 17 -8.97 -7.62 3.71
C ALA A 17 -9.49 -6.50 2.81
N GLU A 18 -8.96 -6.41 1.60
CA GLU A 18 -9.37 -5.39 0.66
C GLU A 18 -9.19 -5.87 -0.79
N ASN A 19 -9.42 -4.97 -1.73
CA ASN A 19 -9.29 -5.30 -3.15
C ASN A 19 -8.13 -4.52 -3.78
N PRO A 20 -6.90 -4.91 -3.44
CA PRO A 20 -5.68 -4.28 -3.97
C PRO A 20 -5.48 -4.55 -5.45
N ALA A 21 -6.39 -5.31 -6.04
CA ALA A 21 -6.31 -5.65 -7.46
C ALA A 21 -6.17 -4.40 -8.31
N LYS A 22 -7.22 -3.59 -8.36
CA LYS A 22 -7.21 -2.36 -9.14
C LYS A 22 -6.32 -1.31 -8.49
N PRO A 23 -6.67 -0.91 -7.25
CA PRO A 23 -5.91 0.08 -6.49
C PRO A 23 -4.55 -0.43 -6.04
N LEU A 24 -3.78 0.42 -5.40
CA LEU A 24 -2.45 0.05 -4.91
C LEU A 24 -2.07 0.89 -3.70
N SER A 25 -3.06 1.44 -3.01
CA SER A 25 -2.82 2.26 -1.84
C SER A 25 -3.49 1.66 -0.61
N ASP A 26 -3.13 2.18 0.56
CA ASP A 26 -3.70 1.69 1.82
C ASP A 26 -4.74 2.66 2.36
N SER A 27 -5.06 3.67 1.55
CA SER A 27 -6.04 4.68 1.95
C SER A 27 -7.37 4.03 2.32
N LYS A 28 -7.59 2.82 1.81
CA LYS A 28 -8.82 2.09 2.08
C LYS A 28 -8.78 1.44 3.47
N LEU A 29 -7.58 1.14 3.94
CA LEU A 29 -7.39 0.52 5.24
C LEU A 29 -8.14 1.31 6.32
N THR A 30 -8.16 2.63 6.18
CA THR A 30 -8.83 3.51 7.13
C THR A 30 -10.22 3.90 6.63
N SER A 31 -10.47 3.65 5.35
CA SER A 31 -11.76 3.98 4.75
C SER A 31 -12.90 3.32 5.50
N LEU A 32 -12.82 2.00 5.64
CA LEU A 32 -13.85 1.23 6.34
C LEU A 32 -14.01 1.72 7.78
N LEU A 33 -12.91 2.20 8.36
CA LEU A 33 -12.93 2.71 9.73
C LEU A 33 -13.75 3.99 9.82
N SER A 34 -13.77 4.75 8.74
CA SER A 34 -14.51 6.01 8.71
C SER A 34 -16.00 5.76 8.48
N GLU A 35 -16.32 4.55 8.02
CA GLU A 35 -17.71 4.19 7.76
C GLU A 35 -18.55 4.32 9.02
N GLN A 36 -17.90 4.29 10.18
CA GLN A 36 -18.59 4.41 11.45
C GLN A 36 -18.26 5.73 12.12
N GLY A 37 -16.99 6.14 12.04
CA GLY A 37 -16.57 7.39 12.65
C GLY A 37 -15.09 7.41 12.95
N ILE A 38 -14.47 6.24 12.97
CA ILE A 38 -13.04 6.12 13.24
C ILE A 38 -12.22 6.86 12.19
N MET A 39 -11.02 7.29 12.57
CA MET A 39 -10.14 8.00 11.66
C MET A 39 -8.74 8.15 12.26
N VAL A 40 -7.99 7.06 12.29
CA VAL A 40 -6.65 7.07 12.84
C VAL A 40 -5.72 6.15 12.04
N ALA A 41 -6.21 4.96 11.71
CA ALA A 41 -5.43 4.00 10.95
C ALA A 41 -4.82 4.64 9.71
N ARG A 42 -5.48 5.68 9.20
CA ARG A 42 -5.00 6.38 8.02
C ARG A 42 -3.54 6.78 8.18
N ARG A 43 -3.28 7.68 9.12
CA ARG A 43 -1.91 8.15 9.37
C ARG A 43 -1.19 7.22 10.34
N THR A 44 -1.95 6.60 11.25
CA THR A 44 -1.38 5.70 12.23
C THR A 44 -0.64 4.55 11.56
N VAL A 45 -1.08 4.20 10.35
CA VAL A 45 -0.46 3.11 9.60
C VAL A 45 0.76 3.60 8.83
N ALA A 46 0.66 4.80 8.26
CA ALA A 46 1.76 5.38 7.50
C ALA A 46 3.05 5.36 8.31
N LYS A 47 2.92 5.45 9.63
CA LYS A 47 4.08 5.45 10.52
C LYS A 47 4.78 4.10 10.48
N TYR A 48 4.00 3.03 10.40
CA TYR A 48 4.56 1.68 10.35
C TYR A 48 5.02 1.32 8.94
N ARG A 49 4.25 1.76 7.95
CA ARG A 49 4.58 1.49 6.56
C ARG A 49 6.01 1.92 6.24
N GLU A 50 6.42 3.06 6.79
CA GLU A 50 7.76 3.57 6.56
C GLU A 50 8.81 2.50 6.85
N SER A 51 8.54 1.66 7.84
CA SER A 51 9.47 0.59 8.21
C SER A 51 8.86 -0.27 9.31
N LEU A 52 8.02 -1.22 8.92
CA LEU A 52 7.39 -2.12 9.88
C LEU A 52 8.18 -3.41 10.03
N SER A 53 8.79 -3.85 8.94
CA SER A 53 9.59 -5.08 8.95
C SER A 53 10.04 -5.44 7.54
N ILE A 54 9.21 -5.11 6.56
CA ILE A 54 9.52 -5.40 5.16
C ILE A 54 10.18 -4.21 4.47
N PRO A 55 10.85 -4.47 3.34
CA PRO A 55 11.53 -3.43 2.57
C PRO A 55 10.56 -2.49 1.88
N PRO A 56 11.02 -1.26 1.59
CA PRO A 56 10.20 -0.24 0.94
C PRO A 56 9.92 -0.58 -0.53
N SER A 57 9.03 0.18 -1.14
CA SER A 57 8.67 -0.04 -2.54
C SER A 57 8.20 1.26 -3.20
N ASN A 58 7.41 2.04 -2.46
CA ASN A 58 6.90 3.30 -2.96
C ASN A 58 5.83 3.07 -4.03
N GLN A 59 6.24 2.56 -5.18
CA GLN A 59 5.32 2.28 -6.28
C GLN A 59 4.74 0.88 -6.17
N ARG A 60 5.43 0.02 -5.42
CA ARG A 60 4.99 -1.36 -5.24
C ARG A 60 4.88 -2.08 -6.58
N LYS A 61 5.86 -1.85 -7.45
CA LYS A 61 5.88 -2.48 -8.76
C LYS A 61 7.31 -2.60 -9.29
N GLN A 62 7.49 -3.46 -10.29
CA GLN A 62 8.81 -3.65 -10.89
C GLN A 62 8.79 -3.31 -12.38
N LEU A 63 7.66 -3.56 -13.02
CA LEU A 63 7.51 -3.27 -14.44
C LEU A 63 7.23 -1.80 -14.68
N VAL A 64 8.14 -0.94 -14.21
CA VAL A 64 7.99 0.50 -14.38
C VAL A 64 9.34 1.19 -14.44
N ALA A 65 9.41 2.29 -15.18
CA ALA A 65 10.66 3.04 -15.31
C ALA A 65 10.39 4.42 -15.90
N ASN A 66 9.55 4.48 -16.92
CA ASN A 66 9.21 5.74 -17.57
C ASN A 66 8.04 6.42 -16.88
N SER A 67 6.97 5.66 -16.65
CA SER A 67 5.78 6.20 -15.99
C SER A 67 6.09 6.61 -14.56
N SER A 68 7.08 5.95 -13.96
CA SER A 68 7.47 6.24 -12.59
C SER A 68 7.86 7.70 -12.44
N SER A 69 8.47 8.26 -13.48
CA SER A 69 8.90 9.66 -13.46
C SER A 69 7.92 10.54 -14.25
N VAL A 70 7.51 10.05 -15.41
CA VAL A 70 6.57 10.79 -16.25
C VAL A 70 6.82 12.29 -16.17
N ASP A 71 7.79 12.77 -16.94
CA ASP A 71 8.13 14.18 -16.96
C ASP A 71 8.40 14.69 -15.54
N LYS A 72 9.43 14.15 -14.91
CA LYS A 72 9.80 14.55 -13.55
C LYS A 72 10.90 15.60 -13.57
N LEU A 73 10.64 16.73 -14.23
CA LEU A 73 11.61 17.81 -14.32
C LEU A 73 11.07 19.08 -13.68
N ALA A 74 9.79 19.05 -13.30
CA ALA A 74 9.16 20.20 -12.68
C ALA A 74 9.55 20.33 -11.21
N ALA A 75 10.01 19.23 -10.63
CA ALA A 75 10.43 19.22 -9.23
C ALA A 75 11.85 19.74 -9.08
N ALA A 76 12.67 19.51 -10.09
CA ALA A 76 14.05 19.96 -10.07
C ALA A 76 14.14 21.45 -9.83
N LEU A 77 13.24 22.20 -10.45
CA LEU A 77 13.22 23.65 -10.30
C LEU A 77 12.50 24.06 -9.01
N GLU A 78 11.59 23.21 -8.55
CA GLU A 78 10.83 23.47 -7.34
C GLU A 78 11.75 23.43 -6.11
N HIS A 79 12.69 22.49 -6.12
CA HIS A 79 13.62 22.35 -5.01
C HIS A 79 14.61 21.21 -5.27
N HIS A 80 15.47 20.94 -4.31
CA HIS A 80 16.47 19.88 -4.43
C HIS A 80 16.05 18.65 -3.65
N HIS A 81 16.48 17.48 -4.12
CA HIS A 81 16.16 16.22 -3.46
C HIS A 81 17.10 15.97 -2.28
N HIS A 82 16.51 15.75 -1.10
CA HIS A 82 17.29 15.50 0.10
C HIS A 82 17.25 14.02 0.48
N HIS A 83 18.41 13.46 0.80
CA HIS A 83 18.51 12.05 1.17
C HIS A 83 17.79 11.79 2.50
N HIS A 84 17.49 10.53 2.77
CA HIS A 84 16.80 10.15 3.99
C HIS A 84 17.80 9.61 5.02
N GLU A 1 9.35 -7.30 23.44
CA GLU A 1 9.93 -7.16 22.09
C GLU A 1 9.16 -8.03 21.10
N ALA A 2 8.67 -9.16 21.57
CA ALA A 2 7.91 -10.08 20.72
C ALA A 2 6.49 -9.59 20.49
N SER A 3 6.13 -8.51 21.17
CA SER A 3 4.80 -7.94 21.05
C SER A 3 4.71 -7.01 19.84
N SER A 4 5.86 -6.51 19.42
CA SER A 4 5.92 -5.59 18.28
C SER A 4 5.51 -6.30 17.00
N THR A 5 5.74 -7.61 16.95
CA THR A 5 5.39 -8.41 15.77
C THR A 5 3.90 -8.74 15.76
N ALA A 6 3.29 -8.69 16.94
CA ALA A 6 1.87 -8.99 17.07
C ALA A 6 1.03 -8.09 16.15
N ILE A 7 1.55 -6.90 15.88
CA ILE A 7 0.85 -5.96 15.02
C ILE A 7 1.09 -6.26 13.55
N ARG A 8 2.13 -7.04 13.27
CA ARG A 8 2.48 -7.40 11.90
C ARG A 8 1.25 -7.97 11.17
N ALA A 9 0.42 -8.70 11.91
CA ALA A 9 -0.78 -9.30 11.33
C ALA A 9 -1.90 -8.28 11.21
N LEU A 10 -1.88 -7.28 12.10
CA LEU A 10 -2.90 -6.23 12.09
C LEU A 10 -2.89 -5.47 10.77
N VAL A 11 -1.70 -5.08 10.33
CA VAL A 11 -1.56 -4.34 9.08
C VAL A 11 -1.96 -5.21 7.89
N LYS A 12 -2.04 -6.51 8.11
CA LYS A 12 -2.41 -7.45 7.06
C LYS A 12 -3.92 -7.47 6.86
N LYS A 13 -4.65 -7.15 7.92
CA LYS A 13 -6.11 -7.14 7.87
C LYS A 13 -6.61 -5.96 7.03
N LEU A 14 -5.97 -4.81 7.20
CA LEU A 14 -6.34 -3.61 6.46
C LEU A 14 -5.89 -3.70 5.01
N ILE A 15 -4.73 -4.33 4.79
CA ILE A 15 -4.18 -4.48 3.46
C ILE A 15 -4.87 -5.62 2.70
N ALA A 16 -5.30 -6.63 3.43
CA ALA A 16 -5.98 -7.78 2.84
C ALA A 16 -7.12 -7.33 1.93
N ALA A 17 -8.02 -6.54 2.48
CA ALA A 17 -9.17 -6.04 1.72
C ALA A 17 -8.88 -4.64 1.17
N GLU A 18 -7.75 -4.49 0.49
CA GLU A 18 -7.36 -3.21 -0.09
C GLU A 18 -7.57 -3.21 -1.60
N ASN A 19 -8.14 -2.13 -2.11
CA ASN A 19 -8.40 -2.00 -3.54
C ASN A 19 -8.74 -0.56 -3.91
N PRO A 20 -7.75 0.34 -3.78
CA PRO A 20 -7.91 1.76 -4.10
C PRO A 20 -8.08 2.00 -5.59
N ALA A 21 -7.19 1.42 -6.39
CA ALA A 21 -7.24 1.58 -7.83
C ALA A 21 -6.78 2.97 -8.26
N LYS A 22 -7.62 3.97 -7.99
CA LYS A 22 -7.31 5.35 -8.33
C LYS A 22 -6.37 5.96 -7.30
N PRO A 23 -6.83 6.04 -6.05
CA PRO A 23 -6.05 6.61 -4.95
C PRO A 23 -4.86 5.72 -4.57
N LEU A 24 -4.06 6.20 -3.62
CA LEU A 24 -2.90 5.45 -3.16
C LEU A 24 -3.25 4.56 -1.97
N SER A 25 -2.46 3.51 -1.77
CA SER A 25 -2.69 2.58 -0.67
C SER A 25 -2.82 3.33 0.65
N ASP A 26 -3.27 2.61 1.68
CA ASP A 26 -3.43 3.21 3.00
C ASP A 26 -4.54 4.26 2.99
N SER A 27 -5.32 4.28 1.91
CA SER A 27 -6.41 5.24 1.77
C SER A 27 -7.76 4.52 1.67
N LYS A 28 -7.72 3.29 1.17
CA LYS A 28 -8.94 2.49 1.02
C LYS A 28 -9.32 1.83 2.35
N LEU A 29 -8.34 1.19 2.98
CA LEU A 29 -8.57 0.51 4.25
C LEU A 29 -9.18 1.47 5.28
N THR A 30 -8.72 2.71 5.26
CA THR A 30 -9.21 3.73 6.18
C THR A 30 -10.65 4.12 5.85
N SER A 31 -11.05 3.89 4.60
CA SER A 31 -12.39 4.21 4.14
C SER A 31 -13.44 3.39 4.90
N LEU A 32 -13.27 2.08 4.87
CA LEU A 32 -14.20 1.17 5.55
C LEU A 32 -14.29 1.51 7.04
N LEU A 33 -13.19 2.01 7.59
CA LEU A 33 -13.15 2.38 9.01
C LEU A 33 -13.81 3.73 9.24
N SER A 34 -13.57 4.67 8.34
CA SER A 34 -14.14 6.00 8.45
C SER A 34 -15.64 5.98 8.13
N GLU A 35 -16.10 4.88 7.54
CA GLU A 35 -17.50 4.73 7.17
C GLU A 35 -18.40 4.92 8.39
N GLN A 36 -17.84 4.69 9.57
CA GLN A 36 -18.59 4.83 10.81
C GLN A 36 -18.08 6.02 11.63
N GLY A 37 -16.76 6.23 11.60
CA GLY A 37 -16.18 7.33 12.34
C GLY A 37 -14.72 7.08 12.68
N ILE A 38 -14.30 5.82 12.62
CA ILE A 38 -12.92 5.46 12.91
C ILE A 38 -11.95 6.24 12.05
N MET A 39 -10.75 6.49 12.59
CA MET A 39 -9.73 7.22 11.86
C MET A 39 -8.36 7.05 12.51
N VAL A 40 -7.78 5.87 12.31
CA VAL A 40 -6.47 5.56 12.88
C VAL A 40 -5.51 5.03 11.82
N ALA A 41 -6.02 4.15 10.97
CA ALA A 41 -5.21 3.57 9.90
C ALA A 41 -4.48 4.65 9.12
N ARG A 42 -5.05 5.85 9.08
CA ARG A 42 -4.45 6.96 8.36
C ARG A 42 -2.99 7.14 8.77
N ARG A 43 -2.77 7.50 10.03
CA ARG A 43 -1.41 7.70 10.54
C ARG A 43 -0.81 6.38 11.01
N THR A 44 -1.66 5.50 11.53
CA THR A 44 -1.21 4.22 12.04
C THR A 44 -0.50 3.42 10.94
N VAL A 45 -1.23 3.11 9.88
CA VAL A 45 -0.67 2.36 8.75
C VAL A 45 0.65 2.95 8.29
N ALA A 46 0.68 4.28 8.16
CA ALA A 46 1.88 4.98 7.73
C ALA A 46 3.02 4.77 8.73
N LYS A 47 2.77 5.11 9.98
CA LYS A 47 3.78 4.96 11.03
C LYS A 47 4.36 3.55 11.03
N TYR A 48 3.51 2.56 10.77
CA TYR A 48 3.94 1.16 10.73
C TYR A 48 4.70 0.86 9.45
N ARG A 49 4.20 1.39 8.34
CA ARG A 49 4.83 1.17 7.04
C ARG A 49 6.32 1.52 7.09
N GLU A 50 6.64 2.64 7.72
CA GLU A 50 8.02 3.09 7.84
C GLU A 50 8.90 1.99 8.43
N SER A 51 8.31 1.16 9.28
CA SER A 51 9.03 0.07 9.93
C SER A 51 9.32 -1.04 8.92
N LEU A 52 8.28 -1.78 8.55
CA LEU A 52 8.43 -2.88 7.59
C LEU A 52 9.19 -2.43 6.36
N SER A 53 8.75 -1.31 5.77
CA SER A 53 9.40 -0.77 4.58
C SER A 53 9.54 -1.85 3.51
N ILE A 54 8.44 -2.15 2.84
CA ILE A 54 8.43 -3.16 1.79
C ILE A 54 9.23 -2.70 0.57
N PRO A 55 9.92 -3.63 -0.09
CA PRO A 55 10.74 -3.35 -1.27
C PRO A 55 9.89 -2.99 -2.48
N PRO A 56 10.53 -2.46 -3.53
CA PRO A 56 9.86 -2.06 -4.76
C PRO A 56 9.38 -3.27 -5.56
N SER A 57 8.58 -3.00 -6.60
CA SER A 57 8.05 -4.07 -7.45
C SER A 57 7.12 -4.97 -6.65
N ASN A 58 6.70 -4.50 -5.47
CA ASN A 58 5.81 -5.28 -4.62
C ASN A 58 5.00 -4.35 -3.71
N GLN A 59 4.84 -3.11 -4.13
CA GLN A 59 4.10 -2.13 -3.36
C GLN A 59 2.69 -1.94 -3.93
N ARG A 60 2.59 -1.95 -5.25
CA ARG A 60 1.31 -1.78 -5.92
C ARG A 60 0.83 -0.33 -5.83
N LYS A 61 1.64 0.51 -5.20
CA LYS A 61 1.31 1.93 -5.04
C LYS A 61 2.13 2.79 -5.98
N GLN A 62 1.69 2.88 -7.23
CA GLN A 62 2.38 3.68 -8.23
C GLN A 62 2.56 5.11 -7.75
N LEU A 63 3.81 5.59 -7.78
CA LEU A 63 4.11 6.95 -7.35
C LEU A 63 5.58 7.28 -7.59
N VAL A 64 5.84 8.03 -8.66
CA VAL A 64 7.21 8.42 -9.01
C VAL A 64 7.25 9.83 -9.58
N ALA A 65 8.03 10.71 -8.95
CA ALA A 65 8.15 12.08 -9.40
C ALA A 65 9.14 12.86 -8.53
N ASN A 66 8.70 13.21 -7.33
CA ASN A 66 9.54 13.97 -6.40
C ASN A 66 9.94 13.10 -5.21
N SER A 67 9.00 12.31 -4.72
CA SER A 67 9.25 11.43 -3.59
C SER A 67 10.21 10.31 -3.96
N SER A 68 10.22 9.96 -5.24
CA SER A 68 11.10 8.90 -5.74
C SER A 68 12.54 9.14 -5.32
N SER A 69 12.90 10.41 -5.18
CA SER A 69 14.25 10.78 -4.78
C SER A 69 14.51 10.41 -3.33
N VAL A 70 13.50 10.56 -2.49
CA VAL A 70 13.61 10.24 -1.07
C VAL A 70 14.48 11.26 -0.35
N ASP A 71 15.77 11.24 -0.64
CA ASP A 71 16.71 12.18 -0.01
C ASP A 71 16.58 12.13 1.51
N LYS A 72 16.44 10.92 2.05
CA LYS A 72 16.32 10.74 3.49
C LYS A 72 16.63 9.30 3.88
N LEU A 73 15.79 8.37 3.45
CA LEU A 73 15.98 6.97 3.75
C LEU A 73 16.73 6.25 2.63
N ALA A 74 17.46 7.03 1.84
CA ALA A 74 18.24 6.48 0.73
C ALA A 74 19.29 5.49 1.22
N ALA A 75 19.64 5.62 2.50
CA ALA A 75 20.64 4.74 3.09
C ALA A 75 20.15 3.31 3.16
N ALA A 76 19.01 3.11 3.83
CA ALA A 76 18.43 1.78 3.96
C ALA A 76 18.02 1.21 2.61
N LEU A 77 17.75 2.11 1.66
CA LEU A 77 17.35 1.70 0.32
C LEU A 77 18.36 0.73 -0.29
N GLU A 78 19.62 0.85 0.15
CA GLU A 78 20.68 -0.02 -0.35
C GLU A 78 20.36 -1.48 -0.05
N HIS A 79 19.59 -1.71 1.00
CA HIS A 79 19.22 -3.07 1.38
C HIS A 79 18.55 -3.80 0.22
N HIS A 80 19.30 -4.69 -0.42
CA HIS A 80 18.78 -5.47 -1.55
C HIS A 80 18.13 -6.75 -1.07
N HIS A 81 16.85 -6.92 -1.38
CA HIS A 81 16.11 -8.11 -0.99
C HIS A 81 16.04 -9.11 -2.14
N HIS A 82 15.29 -10.19 -1.94
CA HIS A 82 15.14 -11.22 -2.95
C HIS A 82 13.68 -11.36 -3.39
N HIS A 83 13.48 -11.83 -4.61
CA HIS A 83 12.14 -12.01 -5.16
C HIS A 83 11.92 -13.45 -5.62
N HIS A 84 10.81 -13.68 -6.30
CA HIS A 84 10.49 -15.01 -6.79
C HIS A 84 11.06 -15.23 -8.18
#